data_5YUM
# 
_entry.id   5YUM 
# 
_audit_conform.dict_name       mmcif_pdbx.dic 
_audit_conform.dict_version    5.380 
_audit_conform.dict_location   http://mmcif.pdb.org/dictionaries/ascii/mmcif_pdbx.dic 
# 
loop_
_database_2.database_id 
_database_2.database_code 
_database_2.pdbx_database_accession 
_database_2.pdbx_DOI 
PDB   5YUM         pdb_00005yum 10.2210/pdb5yum/pdb 
WWPDB D_1300005715 ?            ?                   
# 
_pdbx_database_status.status_code                     REL 
_pdbx_database_status.status_code_sf                  REL 
_pdbx_database_status.status_code_mr                  ? 
_pdbx_database_status.entry_id                        5YUM 
_pdbx_database_status.recvd_initial_deposition_date   2017-11-22 
_pdbx_database_status.SG_entry                        N 
_pdbx_database_status.deposit_site                    PDBJ 
_pdbx_database_status.process_site                    PDBJ 
_pdbx_database_status.status_code_cs                  ? 
_pdbx_database_status.methods_development_category    ? 
_pdbx_database_status.pdb_format_compatible           Y 
_pdbx_database_status.status_code_nmr_data            ? 
# 
loop_
_audit_author.name 
_audit_author.pdbx_ordinal 
_audit_author.identifier_ORCID 
'Sarma, S.P.'    1 ? 
'Bansal, A.'     2 ? 
'Schindelin, H.' 3 ? 
'Demeler, B.'    4 ? 
# 
loop_
_citation.abstract 
_citation.abstract_id_CAS 
_citation.book_id_ISBN 
_citation.book_publisher 
_citation.book_publisher_city 
_citation.book_title 
_citation.coordinate_linkage 
_citation.country 
_citation.database_id_Medline 
_citation.details 
_citation.id 
_citation.journal_abbrev 
_citation.journal_id_ASTM 
_citation.journal_id_CSD 
_citation.journal_id_ISSN 
_citation.journal_full 
_citation.journal_issue 
_citation.journal_volume 
_citation.language 
_citation.page_first 
_citation.page_last 
_citation.title 
_citation.year 
_citation.database_id_CSD 
_citation.pdbx_database_id_DOI 
_citation.pdbx_database_id_PubMed 
_citation.unpublished_flag 
? ? ? ? ? ? ? US ? ? primary Biochemistry BICHAW 0033 1520-4995 ? ? 58 ? 1992 2008 
;Crystallographic Structures of IlvN&#183;Val/Ile Complexes: Conformational Selectivity for Feedback Inhibition of Aceto Hydroxy Acid Synthases.
;
2019 ? 10.1021/acs.biochem.9b00050 30887800 ? 
? ? ? ? ? ? ? US ? ? 1       Biochemistry BICHAW 0033 1520-4995 ? ? 52 ? 70   83   
'The coil-to-helix transition in IlvN regulates the allosteric control of Escherichia coli acetohydroxyacid synthase I.' 2013 ? 
10.1021/bi301415m           23205845 ? 
? ? ? ? ? ? ? US ? ? 2       Biochemistry BICHAW 0033 0006-2960 ? ? 47 ? 1518 1531 
'Escherichia coli ilvN interacts with the FAD binding domain of ilvB and activates the AHAS I enzyme.' 2008 ? 10.1021/bi701893b 
18193896 ? 
# 
loop_
_citation_author.citation_id 
_citation_author.name 
_citation_author.ordinal 
_citation_author.identifier_ORCID 
primary 'Bansal, A.'     1 ? 
primary 'Karanth, N.M.'  2 ? 
primary 'Demeler, B.'    3 ? 
primary 'Schindelin, H.' 4 ? 
primary 'Sarma, S.P.'    5 ? 
1       'Karanth, N.M.'  6 ? 
1       'Sarma, S.P.'    7 ? 
2       'Mitra, A.'      8 ? 
2       'Sarma, S.P.'    9 ? 
# 
_cell.angle_alpha                  90.00 
_cell.angle_alpha_esd              ? 
_cell.angle_beta                   90.00 
_cell.angle_beta_esd               ? 
_cell.angle_gamma                  120.00 
_cell.angle_gamma_esd              ? 
_cell.entry_id                     5YUM 
_cell.details                      ? 
_cell.formula_units_Z              ? 
_cell.length_a                     89.620 
_cell.length_a_esd                 ? 
_cell.length_b                     89.620 
_cell.length_b_esd                 ? 
_cell.length_c                     86.870 
_cell.length_c_esd                 ? 
_cell.volume                       ? 
_cell.volume_esd                   ? 
_cell.Z_PDB                        18 
_cell.reciprocal_angle_alpha       ? 
_cell.reciprocal_angle_beta        ? 
_cell.reciprocal_angle_gamma       ? 
_cell.reciprocal_angle_alpha_esd   ? 
_cell.reciprocal_angle_beta_esd    ? 
_cell.reciprocal_angle_gamma_esd   ? 
_cell.reciprocal_length_a          ? 
_cell.reciprocal_length_b          ? 
_cell.reciprocal_length_c          ? 
_cell.reciprocal_length_a_esd      ? 
_cell.reciprocal_length_b_esd      ? 
_cell.reciprocal_length_c_esd      ? 
_cell.pdbx_unique_axis             ? 
# 
_symmetry.entry_id                         5YUM 
_symmetry.cell_setting                     ? 
_symmetry.Int_Tables_number                155 
_symmetry.space_group_name_Hall            ? 
_symmetry.space_group_name_H-M             'H 3 2' 
_symmetry.pdbx_full_space_group_name_H-M   ? 
# 
loop_
_entity.id 
_entity.type 
_entity.src_method 
_entity.pdbx_description 
_entity.formula_weight 
_entity.pdbx_number_of_molecules 
_entity.pdbx_ec 
_entity.pdbx_mutation 
_entity.pdbx_fragment 
_entity.details 
1 polymer     man 'Acetolactate synthase isozyme 1 small subunit' 11262.869 1  2.2.1.6 ? ? ? 
2 non-polymer syn ISOLEUCINE                                      131.173   1  ?       ? ? ? 
3 non-polymer syn 'COBALT (II) ION'                               58.933    1  ?       ? ? ? 
4 water       nat water                                           18.015    26 ?       ? ? ? 
# 
_entity_name_com.entity_id   1 
_entity_name_com.name        'Acetohydroxy-acid synthase I small subunit,ALS-I' 
# 
_entity_poly.entity_id                      1 
_entity_poly.type                           'polypeptide(L)' 
_entity_poly.nstd_linkage                   no 
_entity_poly.nstd_monomer                   no 
_entity_poly.pdbx_seq_one_letter_code       
;GSMQNTTHDNVILELTVRNHPGVMTHVCGLFARRAFNVEGILCLPIQDSDKSHIWLLVNDDQRLEQMISQIDKLEDVVKV
QRNQSDPTMFNKIAVFFQ
;
_entity_poly.pdbx_seq_one_letter_code_can   
;GSMQNTTHDNVILELTVRNHPGVMTHVCGLFARRAFNVEGILCLPIQDSDKSHIWLLVNDDQRLEQMISQIDKLEDVVKV
QRNQSDPTMFNKIAVFFQ
;
_entity_poly.pdbx_strand_id                 A 
_entity_poly.pdbx_target_identifier         ? 
# 
loop_
_entity_poly_seq.entity_id 
_entity_poly_seq.num 
_entity_poly_seq.mon_id 
_entity_poly_seq.hetero 
1 1  GLY n 
1 2  SER n 
1 3  MET n 
1 4  GLN n 
1 5  ASN n 
1 6  THR n 
1 7  THR n 
1 8  HIS n 
1 9  ASP n 
1 10 ASN n 
1 11 VAL n 
1 12 ILE n 
1 13 LEU n 
1 14 GLU n 
1 15 LEU n 
1 16 THR n 
1 17 VAL n 
1 18 ARG n 
1 19 ASN n 
1 20 HIS n 
1 21 PRO n 
1 22 GLY n 
1 23 VAL n 
1 24 MET n 
1 25 THR n 
1 26 HIS n 
1 27 VAL n 
1 28 CYS n 
1 29 GLY n 
1 30 LEU n 
1 31 PHE n 
1 32 ALA n 
1 33 ARG n 
1 34 ARG n 
1 35 ALA n 
1 36 PHE n 
1 37 ASN n 
1 38 VAL n 
1 39 GLU n 
1 40 GLY n 
1 41 ILE n 
1 42 LEU n 
1 43 CYS n 
1 44 LEU n 
1 45 PRO n 
1 46 ILE n 
1 47 GLN n 
1 48 ASP n 
1 49 SER n 
1 50 ASP n 
1 51 LYS n 
1 52 SER n 
1 53 HIS n 
1 54 ILE n 
1 55 TRP n 
1 56 LEU n 
1 57 LEU n 
1 58 VAL n 
1 59 ASN n 
1 60 ASP n 
1 61 ASP n 
1 62 GLN n 
1 63 ARG n 
1 64 LEU n 
1 65 GLU n 
1 66 GLN n 
1 67 MET n 
1 68 ILE n 
1 69 SER n 
1 70 GLN n 
1 71 ILE n 
1 72 ASP n 
1 73 LYS n 
1 74 LEU n 
1 75 GLU n 
1 76 ASP n 
1 77 VAL n 
1 78 VAL n 
1 79 LYS n 
1 80 VAL n 
1 81 GLN n 
1 82 ARG n 
1 83 ASN n 
1 84 GLN n 
1 85 SER n 
1 86 ASP n 
1 87 PRO n 
1 88 THR n 
1 89 MET n 
1 90 PHE n 
1 91 ASN n 
1 92 LYS n 
1 93 ILE n 
1 94 ALA n 
1 95 VAL n 
1 96 PHE n 
1 97 PHE n 
1 98 GLN n 
# 
_entity_src_gen.entity_id                          1 
_entity_src_gen.pdbx_src_id                        1 
_entity_src_gen.pdbx_alt_source_flag               sample 
_entity_src_gen.pdbx_seq_type                      'Biological sequence' 
_entity_src_gen.pdbx_beg_seq_num                   1 
_entity_src_gen.pdbx_end_seq_num                   98 
_entity_src_gen.gene_src_common_name               ? 
_entity_src_gen.gene_src_genus                     ? 
_entity_src_gen.pdbx_gene_src_gene                 'ilvN, b3670, JW3645' 
_entity_src_gen.gene_src_species                   ? 
_entity_src_gen.gene_src_strain                    K12 
_entity_src_gen.gene_src_tissue                    ? 
_entity_src_gen.gene_src_tissue_fraction           ? 
_entity_src_gen.gene_src_details                   ? 
_entity_src_gen.pdbx_gene_src_fragment             ? 
_entity_src_gen.pdbx_gene_src_scientific_name      'Escherichia coli (strain K12)' 
_entity_src_gen.pdbx_gene_src_ncbi_taxonomy_id     83333 
_entity_src_gen.pdbx_gene_src_variant              ? 
_entity_src_gen.pdbx_gene_src_cell_line            ? 
_entity_src_gen.pdbx_gene_src_atcc                 ? 
_entity_src_gen.pdbx_gene_src_organ                ? 
_entity_src_gen.pdbx_gene_src_organelle            ? 
_entity_src_gen.pdbx_gene_src_cell                 ? 
_entity_src_gen.pdbx_gene_src_cellular_location    ? 
_entity_src_gen.host_org_common_name               ? 
_entity_src_gen.pdbx_host_org_scientific_name      'Escherichia coli' 
_entity_src_gen.pdbx_host_org_ncbi_taxonomy_id     562 
_entity_src_gen.host_org_genus                     ? 
_entity_src_gen.pdbx_host_org_gene                 ? 
_entity_src_gen.pdbx_host_org_organ                ? 
_entity_src_gen.host_org_species                   ? 
_entity_src_gen.pdbx_host_org_tissue               ? 
_entity_src_gen.pdbx_host_org_tissue_fraction      ? 
_entity_src_gen.pdbx_host_org_strain               ? 
_entity_src_gen.pdbx_host_org_variant              ? 
_entity_src_gen.pdbx_host_org_cell_line            ? 
_entity_src_gen.pdbx_host_org_atcc                 ? 
_entity_src_gen.pdbx_host_org_culture_collection   ? 
_entity_src_gen.pdbx_host_org_cell                 ? 
_entity_src_gen.pdbx_host_org_organelle            ? 
_entity_src_gen.pdbx_host_org_cellular_location    ? 
_entity_src_gen.pdbx_host_org_vector_type          ? 
_entity_src_gen.pdbx_host_org_vector               ? 
_entity_src_gen.host_org_details                   ? 
_entity_src_gen.expression_system_id               ? 
_entity_src_gen.plasmid_name                       ? 
_entity_src_gen.plasmid_details                    ? 
_entity_src_gen.pdbx_description                   ? 
# 
_struct_ref.id                         1 
_struct_ref.db_name                    UNP 
_struct_ref.db_code                    ILVN_ECOLI 
_struct_ref.pdbx_db_accession          P0ADF8 
_struct_ref.pdbx_db_isoform            ? 
_struct_ref.entity_id                  1 
_struct_ref.pdbx_seq_one_letter_code   
;MQNTTHDNVILELTVRNHPGVMTHVCGLFARRAFNVEGILCLPIQDSDKSHIWLLVNDDQRLEQMISQIDKLEDVVKVQR
NQSDPTMFNKIAVFFQ
;
_struct_ref.pdbx_align_begin           1 
# 
_struct_ref_seq.align_id                      1 
_struct_ref_seq.ref_id                        1 
_struct_ref_seq.pdbx_PDB_id_code              5YUM 
_struct_ref_seq.pdbx_strand_id                A 
_struct_ref_seq.seq_align_beg                 3 
_struct_ref_seq.pdbx_seq_align_beg_ins_code   ? 
_struct_ref_seq.seq_align_end                 98 
_struct_ref_seq.pdbx_seq_align_end_ins_code   ? 
_struct_ref_seq.pdbx_db_accession             P0ADF8 
_struct_ref_seq.db_align_beg                  1 
_struct_ref_seq.pdbx_db_align_beg_ins_code    ? 
_struct_ref_seq.db_align_end                  96 
_struct_ref_seq.pdbx_db_align_end_ins_code    ? 
_struct_ref_seq.pdbx_auth_seq_align_beg       3 
_struct_ref_seq.pdbx_auth_seq_align_end       98 
# 
loop_
_struct_ref_seq_dif.align_id 
_struct_ref_seq_dif.pdbx_pdb_id_code 
_struct_ref_seq_dif.mon_id 
_struct_ref_seq_dif.pdbx_pdb_strand_id 
_struct_ref_seq_dif.seq_num 
_struct_ref_seq_dif.pdbx_pdb_ins_code 
_struct_ref_seq_dif.pdbx_seq_db_name 
_struct_ref_seq_dif.pdbx_seq_db_accession_code 
_struct_ref_seq_dif.db_mon_id 
_struct_ref_seq_dif.pdbx_seq_db_seq_num 
_struct_ref_seq_dif.details 
_struct_ref_seq_dif.pdbx_auth_seq_num 
_struct_ref_seq_dif.pdbx_ordinal 
1 5YUM GLY A 1 ? UNP P0ADF8 ? ? 'expression tag' 1 1 
1 5YUM SER A 2 ? UNP P0ADF8 ? ? 'expression tag' 2 2 
# 
loop_
_chem_comp.id 
_chem_comp.type 
_chem_comp.mon_nstd_flag 
_chem_comp.name 
_chem_comp.pdbx_synonyms 
_chem_comp.formula 
_chem_comp.formula_weight 
ALA 'L-peptide linking' y ALANINE           ? 'C3 H7 N O2'     89.093  
ARG 'L-peptide linking' y ARGININE          ? 'C6 H15 N4 O2 1' 175.209 
ASN 'L-peptide linking' y ASPARAGINE        ? 'C4 H8 N2 O3'    132.118 
ASP 'L-peptide linking' y 'ASPARTIC ACID'   ? 'C4 H7 N O4'     133.103 
CO  non-polymer         . 'COBALT (II) ION' ? 'Co 2'           58.933  
CYS 'L-peptide linking' y CYSTEINE          ? 'C3 H7 N O2 S'   121.158 
GLN 'L-peptide linking' y GLUTAMINE         ? 'C5 H10 N2 O3'   146.144 
GLU 'L-peptide linking' y 'GLUTAMIC ACID'   ? 'C5 H9 N O4'     147.129 
GLY 'peptide linking'   y GLYCINE           ? 'C2 H5 N O2'     75.067  
HIS 'L-peptide linking' y HISTIDINE         ? 'C6 H10 N3 O2 1' 156.162 
HOH non-polymer         . WATER             ? 'H2 O'           18.015  
ILE 'L-peptide linking' y ISOLEUCINE        ? 'C6 H13 N O2'    131.173 
LEU 'L-peptide linking' y LEUCINE           ? 'C6 H13 N O2'    131.173 
LYS 'L-peptide linking' y LYSINE            ? 'C6 H15 N2 O2 1' 147.195 
MET 'L-peptide linking' y METHIONINE        ? 'C5 H11 N O2 S'  149.211 
PHE 'L-peptide linking' y PHENYLALANINE     ? 'C9 H11 N O2'    165.189 
PRO 'L-peptide linking' y PROLINE           ? 'C5 H9 N O2'     115.130 
SER 'L-peptide linking' y SERINE            ? 'C3 H7 N O3'     105.093 
THR 'L-peptide linking' y THREONINE         ? 'C4 H9 N O3'     119.119 
TRP 'L-peptide linking' y TRYPTOPHAN        ? 'C11 H12 N2 O2'  204.225 
VAL 'L-peptide linking' y VALINE            ? 'C5 H11 N O2'    117.146 
# 
_exptl.absorpt_coefficient_mu     ? 
_exptl.absorpt_correction_T_max   ? 
_exptl.absorpt_correction_T_min   ? 
_exptl.absorpt_correction_type    ? 
_exptl.absorpt_process_details    ? 
_exptl.entry_id                   5YUM 
_exptl.crystals_number            1 
_exptl.details                    ? 
_exptl.method                     'X-RAY DIFFRACTION' 
_exptl.method_details             ? 
# 
_exptl_crystal.colour                      ? 
_exptl_crystal.density_diffrn              ? 
_exptl_crystal.density_Matthews            2.98 
_exptl_crystal.density_method              ? 
_exptl_crystal.density_percent_sol         58.73 
_exptl_crystal.description                 ? 
_exptl_crystal.F_000                       ? 
_exptl_crystal.id                          1 
_exptl_crystal.preparation                 ? 
_exptl_crystal.size_max                    ? 
_exptl_crystal.size_mid                    ? 
_exptl_crystal.size_min                    ? 
_exptl_crystal.size_rad                    ? 
_exptl_crystal.colour_lustre               ? 
_exptl_crystal.colour_modifier             ? 
_exptl_crystal.colour_primary              ? 
_exptl_crystal.density_meas                ? 
_exptl_crystal.density_meas_esd            ? 
_exptl_crystal.density_meas_gt             ? 
_exptl_crystal.density_meas_lt             ? 
_exptl_crystal.density_meas_temp           ? 
_exptl_crystal.density_meas_temp_esd       ? 
_exptl_crystal.density_meas_temp_gt        ? 
_exptl_crystal.density_meas_temp_lt        ? 
_exptl_crystal.pdbx_crystal_image_url      ? 
_exptl_crystal.pdbx_crystal_image_format   ? 
_exptl_crystal.pdbx_mosaicity              ? 
_exptl_crystal.pdbx_mosaicity_esd          ? 
# 
_exptl_crystal_grow.apparatus       ? 
_exptl_crystal_grow.atmosphere      ? 
_exptl_crystal_grow.crystal_id      1 
_exptl_crystal_grow.details         ? 
_exptl_crystal_grow.method          MICROBATCH 
_exptl_crystal_grow.method_ref      ? 
_exptl_crystal_grow.pH              6.5 
_exptl_crystal_grow.pressure        ? 
_exptl_crystal_grow.pressure_esd    ? 
_exptl_crystal_grow.seeding         ? 
_exptl_crystal_grow.seeding_ref     ? 
_exptl_crystal_grow.temp            288 
_exptl_crystal_grow.temp_details    ? 
_exptl_crystal_grow.temp_esd        ? 
_exptl_crystal_grow.time            ? 
_exptl_crystal_grow.pdbx_details    '0.01M cobalt(II) chloride hexahydrate, 0.1M MES monohydrate pH 6.5, 1.8M ammonium sulphate' 
_exptl_crystal_grow.pdbx_pH_range   ? 
# 
_diffrn.ambient_environment    ? 
_diffrn.ambient_temp           100 
_diffrn.ambient_temp_details   ? 
_diffrn.ambient_temp_esd       ? 
_diffrn.crystal_id             1 
_diffrn.crystal_support        ? 
_diffrn.crystal_treatment      ? 
_diffrn.details                ? 
_diffrn.id                     1 
_diffrn.ambient_pressure       ? 
_diffrn.ambient_pressure_esd   ? 
_diffrn.ambient_pressure_gt    ? 
_diffrn.ambient_pressure_lt    ? 
_diffrn.ambient_temp_gt        ? 
_diffrn.ambient_temp_lt        ? 
# 
_diffrn_detector.details                      ? 
_diffrn_detector.detector                     'IMAGE PLATE' 
_diffrn_detector.diffrn_id                    1 
_diffrn_detector.type                         'RIGAKU RAXIS IV++' 
_diffrn_detector.area_resol_mean              ? 
_diffrn_detector.dtime                        ? 
_diffrn_detector.pdbx_frames_total            ? 
_diffrn_detector.pdbx_collection_time_total   ? 
_diffrn_detector.pdbx_collection_date         2017-01-12 
# 
_diffrn_radiation.collimation                      ? 
_diffrn_radiation.diffrn_id                        1 
_diffrn_radiation.filter_edge                      ? 
_diffrn_radiation.inhomogeneity                    ? 
_diffrn_radiation.monochromator                    ? 
_diffrn_radiation.polarisn_norm                    ? 
_diffrn_radiation.polarisn_ratio                   ? 
_diffrn_radiation.probe                            ? 
_diffrn_radiation.type                             ? 
_diffrn_radiation.xray_symbol                      ? 
_diffrn_radiation.wavelength_id                    1 
_diffrn_radiation.pdbx_monochromatic_or_laue_m_l   M 
_diffrn_radiation.pdbx_wavelength_list             ? 
_diffrn_radiation.pdbx_wavelength                  ? 
_diffrn_radiation.pdbx_diffrn_protocol             'SINGLE WAVELENGTH' 
_diffrn_radiation.pdbx_analyzer                    ? 
_diffrn_radiation.pdbx_scattering_type             x-ray 
# 
_diffrn_radiation_wavelength.id           1 
_diffrn_radiation_wavelength.wavelength   1.5418 
_diffrn_radiation_wavelength.wt           1.0 
# 
_diffrn_source.current                     ? 
_diffrn_source.details                     ? 
_diffrn_source.diffrn_id                   1 
_diffrn_source.power                       ? 
_diffrn_source.size                        ? 
_diffrn_source.source                      'ROTATING ANODE' 
_diffrn_source.target                      ? 
_diffrn_source.type                        'RIGAKU FR-E+ SUPERBRIGHT' 
_diffrn_source.voltage                     ? 
_diffrn_source.take-off_angle              ? 
_diffrn_source.pdbx_wavelength_list        1.5418 
_diffrn_source.pdbx_wavelength             ? 
_diffrn_source.pdbx_synchrotron_beamline   ? 
_diffrn_source.pdbx_synchrotron_site       ? 
# 
_reflns.B_iso_Wilson_estimate            41 
_reflns.entry_id                         5YUM 
_reflns.data_reduction_details           ? 
_reflns.data_reduction_method            ? 
_reflns.d_resolution_high                2.43 
_reflns.d_resolution_low                 57.88 
_reflns.details                          ? 
_reflns.limit_h_max                      ? 
_reflns.limit_h_min                      ? 
_reflns.limit_k_max                      ? 
_reflns.limit_k_min                      ? 
_reflns.limit_l_max                      ? 
_reflns.limit_l_min                      ? 
_reflns.number_all                       ? 
_reflns.number_obs                       5202 
_reflns.observed_criterion               ? 
_reflns.observed_criterion_F_max         ? 
_reflns.observed_criterion_F_min         ? 
_reflns.observed_criterion_I_max         ? 
_reflns.observed_criterion_I_min         ? 
_reflns.observed_criterion_sigma_F       ? 
_reflns.observed_criterion_sigma_I       ? 
_reflns.percent_possible_obs             100 
_reflns.R_free_details                   ? 
_reflns.Rmerge_F_all                     ? 
_reflns.Rmerge_F_obs                     ? 
_reflns.Friedel_coverage                 ? 
_reflns.number_gt                        ? 
_reflns.threshold_expression             ? 
_reflns.pdbx_redundancy                  10.5 
_reflns.pdbx_Rmerge_I_obs                0.068 
_reflns.pdbx_Rmerge_I_all                ? 
_reflns.pdbx_Rsym_value                  ? 
_reflns.pdbx_netI_over_av_sigmaI         ? 
_reflns.pdbx_netI_over_sigmaI            20.7 
_reflns.pdbx_res_netI_over_av_sigmaI_2   ? 
_reflns.pdbx_res_netI_over_sigmaI_2      ? 
_reflns.pdbx_chi_squared                 ? 
_reflns.pdbx_scaling_rejects             ? 
_reflns.pdbx_d_res_high_opt              ? 
_reflns.pdbx_d_res_low_opt               ? 
_reflns.pdbx_d_res_opt_method            ? 
_reflns.phase_calculation_details        ? 
_reflns.pdbx_Rrim_I_all                  0.075 
_reflns.pdbx_Rpim_I_all                  0.031 
_reflns.pdbx_d_opt                       ? 
_reflns.pdbx_number_measured_all         ? 
_reflns.pdbx_diffrn_id                   1 
_reflns.pdbx_ordinal                     1 
_reflns.pdbx_CC_half                     0.999 
_reflns.pdbx_R_split                     ? 
# 
_reflns_shell.d_res_high                  2.43 
_reflns_shell.d_res_low                   2.52 
_reflns_shell.meanI_over_sigI_all         ? 
_reflns_shell.meanI_over_sigI_obs         4.3 
_reflns_shell.number_measured_all         ? 
_reflns_shell.number_measured_obs         ? 
_reflns_shell.number_possible             ? 
_reflns_shell.number_unique_all           ? 
_reflns_shell.number_unique_obs           534 
_reflns_shell.percent_possible_all        100 
_reflns_shell.percent_possible_obs        ? 
_reflns_shell.Rmerge_F_all                ? 
_reflns_shell.Rmerge_F_obs                ? 
_reflns_shell.Rmerge_I_all                ? 
_reflns_shell.Rmerge_I_obs                0.414 
_reflns_shell.meanI_over_sigI_gt          ? 
_reflns_shell.meanI_over_uI_all           ? 
_reflns_shell.meanI_over_uI_gt            ? 
_reflns_shell.number_measured_gt          ? 
_reflns_shell.number_unique_gt            ? 
_reflns_shell.percent_possible_gt         ? 
_reflns_shell.Rmerge_F_gt                 ? 
_reflns_shell.Rmerge_I_gt                 ? 
_reflns_shell.pdbx_redundancy             10.4 
_reflns_shell.pdbx_Rsym_value             ? 
_reflns_shell.pdbx_chi_squared            ? 
_reflns_shell.pdbx_netI_over_sigmaI_all   ? 
_reflns_shell.pdbx_netI_over_sigmaI_obs   ? 
_reflns_shell.pdbx_Rrim_I_all             0.037 
_reflns_shell.pdbx_Rpim_I_all             0.195 
_reflns_shell.pdbx_rejects                ? 
_reflns_shell.pdbx_ordinal                1 
_reflns_shell.pdbx_diffrn_id              1 
_reflns_shell.pdbx_CC_half                0.949 
_reflns_shell.pdbx_R_split                ? 
# 
_refine.aniso_B[1][1]                            ? 
_refine.aniso_B[1][2]                            ? 
_refine.aniso_B[1][3]                            ? 
_refine.aniso_B[2][2]                            ? 
_refine.aniso_B[2][3]                            ? 
_refine.aniso_B[3][3]                            ? 
_refine.B_iso_max                                ? 
_refine.B_iso_mean                               ? 
_refine.B_iso_min                                ? 
_refine.correlation_coeff_Fo_to_Fc               ? 
_refine.correlation_coeff_Fo_to_Fc_free          ? 
_refine.details                                  ? 
_refine.diff_density_max                         ? 
_refine.diff_density_max_esd                     ? 
_refine.diff_density_min                         ? 
_refine.diff_density_min_esd                     ? 
_refine.diff_density_rms                         ? 
_refine.diff_density_rms_esd                     ? 
_refine.entry_id                                 5YUM 
_refine.pdbx_refine_id                           'X-RAY DIFFRACTION' 
_refine.ls_abs_structure_details                 ? 
_refine.ls_abs_structure_Flack                   ? 
_refine.ls_abs_structure_Flack_esd               ? 
_refine.ls_abs_structure_Rogers                  ? 
_refine.ls_abs_structure_Rogers_esd              ? 
_refine.ls_d_res_high                            2.432 
_refine.ls_d_res_low                             57.878 
_refine.ls_extinction_coef                       ? 
_refine.ls_extinction_coef_esd                   ? 
_refine.ls_extinction_expression                 ? 
_refine.ls_extinction_method                     ? 
_refine.ls_goodness_of_fit_all                   ? 
_refine.ls_goodness_of_fit_all_esd               ? 
_refine.ls_goodness_of_fit_obs                   ? 
_refine.ls_goodness_of_fit_obs_esd               ? 
_refine.ls_hydrogen_treatment                    ? 
_refine.ls_matrix_type                           ? 
_refine.ls_number_constraints                    ? 
_refine.ls_number_parameters                     ? 
_refine.ls_number_reflns_all                     ? 
_refine.ls_number_reflns_obs                     5187 
_refine.ls_number_reflns_R_free                  353 
_refine.ls_number_reflns_R_work                  ? 
_refine.ls_number_restraints                     ? 
_refine.ls_percent_reflns_obs                    99.71 
_refine.ls_percent_reflns_R_free                 6.81 
_refine.ls_R_factor_all                          ? 
_refine.ls_R_factor_obs                          0.1936 
_refine.ls_R_factor_R_free                       0.2261 
_refine.ls_R_factor_R_free_error                 ? 
_refine.ls_R_factor_R_free_error_details         ? 
_refine.ls_R_factor_R_work                       0.1910 
_refine.ls_R_Fsqd_factor_obs                     ? 
_refine.ls_R_I_factor_obs                        ? 
_refine.ls_redundancy_reflns_all                 ? 
_refine.ls_redundancy_reflns_obs                 ? 
_refine.ls_restrained_S_all                      ? 
_refine.ls_restrained_S_obs                      ? 
_refine.ls_shift_over_esd_max                    ? 
_refine.ls_shift_over_esd_mean                   ? 
_refine.ls_structure_factor_coef                 ? 
_refine.ls_weighting_details                     ? 
_refine.ls_weighting_scheme                      ? 
_refine.ls_wR_factor_all                         ? 
_refine.ls_wR_factor_obs                         ? 
_refine.ls_wR_factor_R_free                      ? 
_refine.ls_wR_factor_R_work                      ? 
_refine.occupancy_max                            ? 
_refine.occupancy_min                            ? 
_refine.solvent_model_details                    ? 
_refine.solvent_model_param_bsol                 ? 
_refine.solvent_model_param_ksol                 ? 
_refine.ls_R_factor_gt                           ? 
_refine.ls_goodness_of_fit_gt                    ? 
_refine.ls_goodness_of_fit_ref                   ? 
_refine.ls_shift_over_su_max                     ? 
_refine.ls_shift_over_su_max_lt                  ? 
_refine.ls_shift_over_su_mean                    ? 
_refine.ls_shift_over_su_mean_lt                 ? 
_refine.pdbx_ls_sigma_I                          ? 
_refine.pdbx_ls_sigma_F                          1.35 
_refine.pdbx_ls_sigma_Fsqd                       ? 
_refine.pdbx_data_cutoff_high_absF               ? 
_refine.pdbx_data_cutoff_high_rms_absF           ? 
_refine.pdbx_data_cutoff_low_absF                ? 
_refine.pdbx_isotropic_thermal_model             ? 
_refine.pdbx_ls_cross_valid_method               'FREE R-VALUE' 
_refine.pdbx_method_to_determine_struct          'MOLECULAR REPLACEMENT' 
_refine.pdbx_starting_model                      2LVW 
_refine.pdbx_stereochemistry_target_values       ? 
_refine.pdbx_R_Free_selection_details            ? 
_refine.pdbx_stereochem_target_val_spec_case     ? 
_refine.pdbx_overall_ESU_R                       ? 
_refine.pdbx_overall_ESU_R_Free                  ? 
_refine.pdbx_solvent_vdw_probe_radii             1.11 
_refine.pdbx_solvent_ion_probe_radii             ? 
_refine.pdbx_solvent_shrinkage_radii             0.90 
_refine.pdbx_real_space_R                        ? 
_refine.pdbx_density_correlation                 ? 
_refine.pdbx_pd_number_of_powder_patterns        ? 
_refine.pdbx_pd_number_of_points                 ? 
_refine.pdbx_pd_meas_number_of_points            ? 
_refine.pdbx_pd_proc_ls_prof_R_factor            ? 
_refine.pdbx_pd_proc_ls_prof_wR_factor           ? 
_refine.pdbx_pd_Marquardt_correlation_coeff      ? 
_refine.pdbx_pd_Fsqrd_R_factor                   ? 
_refine.pdbx_pd_ls_matrix_band_width             ? 
_refine.pdbx_overall_phase_error                 24.69 
_refine.pdbx_overall_SU_R_free_Cruickshank_DPI   ? 
_refine.pdbx_overall_SU_R_free_Blow_DPI          ? 
_refine.pdbx_overall_SU_R_Blow_DPI               ? 
_refine.pdbx_TLS_residual_ADP_flag               ? 
_refine.pdbx_diffrn_id                           1 
_refine.overall_SU_B                             ? 
_refine.overall_SU_ML                            0.33 
_refine.overall_SU_R_Cruickshank_DPI             ? 
_refine.overall_SU_R_free                        ? 
_refine.overall_FOM_free_R_set                   ? 
_refine.overall_FOM_work_R_set                   ? 
_refine.pdbx_average_fsc_overall                 ? 
_refine.pdbx_average_fsc_work                    ? 
_refine.pdbx_average_fsc_free                    ? 
# 
_refine_hist.pdbx_refine_id                   'X-RAY DIFFRACTION' 
_refine_hist.cycle_id                         LAST 
_refine_hist.pdbx_number_atoms_protein        727 
_refine_hist.pdbx_number_atoms_nucleic_acid   0 
_refine_hist.pdbx_number_atoms_ligand         10 
_refine_hist.number_atoms_solvent             26 
_refine_hist.number_atoms_total               763 
_refine_hist.d_res_high                       2.432 
_refine_hist.d_res_low                        57.878 
# 
loop_
_refine_ls_restr.pdbx_refine_id 
_refine_ls_restr.criterion 
_refine_ls_restr.dev_ideal 
_refine_ls_restr.dev_ideal_target 
_refine_ls_restr.number 
_refine_ls_restr.rejects 
_refine_ls_restr.type 
_refine_ls_restr.weight 
_refine_ls_restr.pdbx_restraint_function 
'X-RAY DIFFRACTION' ? 0.003 ? 752  ? f_bond_d           ? ? 
'X-RAY DIFFRACTION' ? 0.621 ? 1022 ? f_angle_d          ? ? 
'X-RAY DIFFRACTION' ? 7.981 ? 631  ? f_dihedral_angle_d ? ? 
'X-RAY DIFFRACTION' ? 0.046 ? 120  ? f_chiral_restr     ? ? 
'X-RAY DIFFRACTION' ? 0.004 ? 135  ? f_plane_restr      ? ? 
# 
loop_
_refine_ls_shell.pdbx_refine_id 
_refine_ls_shell.d_res_high 
_refine_ls_shell.d_res_low 
_refine_ls_shell.number_reflns_all 
_refine_ls_shell.number_reflns_obs 
_refine_ls_shell.number_reflns_R_free 
_refine_ls_shell.number_reflns_R_work 
_refine_ls_shell.percent_reflns_obs 
_refine_ls_shell.percent_reflns_R_free 
_refine_ls_shell.R_factor_all 
_refine_ls_shell.R_factor_obs 
_refine_ls_shell.R_factor_R_free 
_refine_ls_shell.R_factor_R_free_error 
_refine_ls_shell.R_factor_R_work 
_refine_ls_shell.redundancy_reflns_all 
_refine_ls_shell.redundancy_reflns_obs 
_refine_ls_shell.wR_factor_all 
_refine_ls_shell.wR_factor_obs 
_refine_ls_shell.wR_factor_R_free 
_refine_ls_shell.wR_factor_R_work 
_refine_ls_shell.pdbx_total_number_of_bins_used 
_refine_ls_shell.pdbx_phase_error 
_refine_ls_shell.pdbx_fsc_work 
_refine_ls_shell.pdbx_fsc_free 
'X-RAY DIFFRACTION' 2.4323 2.7843  . . 117 1580 100.00 . . . 0.2931 . 0.2145 . . . . . . . . . . 
'X-RAY DIFFRACTION' 2.7843 3.5078  . . 104 1614 100.00 . . . 0.2621 . 0.2069 . . . . . . . . . . 
'X-RAY DIFFRACTION' 3.5078 57.8943 . . 132 1640 99.00  . . . 0.1995 . 0.1767 . . . . . . . . . . 
# 
_struct.entry_id                     5YUM 
_struct.title                        
'Crystallographic structures of IlvN.Val/Ile complexes:Conformational selectivity for feedback inhibition of AHASs' 
_struct.pdbx_model_details           ? 
_struct.pdbx_formula_weight          ? 
_struct.pdbx_formula_weight_method   ? 
_struct.pdbx_model_type_details      ? 
_struct.pdbx_CASP_flag               N 
# 
_struct_keywords.entry_id        5YUM 
_struct_keywords.text            'Transferase subunit, Regulatory subunit, ACT protein, amino acid binding, TRANSFERASE' 
_struct_keywords.pdbx_keywords   TRANSFERASE 
# 
loop_
_struct_asym.id 
_struct_asym.pdbx_blank_PDB_chainid_flag 
_struct_asym.pdbx_modified 
_struct_asym.entity_id 
_struct_asym.details 
A N N 1 ? 
B N N 2 ? 
C N N 3 ? 
D N N 4 ? 
# 
loop_
_struct_conf.conf_type_id 
_struct_conf.id 
_struct_conf.pdbx_PDB_helix_id 
_struct_conf.beg_label_comp_id 
_struct_conf.beg_label_asym_id 
_struct_conf.beg_label_seq_id 
_struct_conf.pdbx_beg_PDB_ins_code 
_struct_conf.end_label_comp_id 
_struct_conf.end_label_asym_id 
_struct_conf.end_label_seq_id 
_struct_conf.pdbx_end_PDB_ins_code 
_struct_conf.beg_auth_comp_id 
_struct_conf.beg_auth_asym_id 
_struct_conf.beg_auth_seq_id 
_struct_conf.end_auth_comp_id 
_struct_conf.end_auth_asym_id 
_struct_conf.end_auth_seq_id 
_struct_conf.pdbx_PDB_helix_class 
_struct_conf.details 
_struct_conf.pdbx_PDB_helix_length 
HELX_P HELX_P1 AA1 GLY A 22 ? ARG A 33 ? GLY A 22 ARG A 33 1 ? 12 
HELX_P HELX_P2 AA2 ARG A 63 ? LYS A 73 ? ARG A 63 LYS A 73 1 ? 11 
HELX_P HELX_P3 AA3 THR A 88 ? VAL A 95 ? THR A 88 VAL A 95 1 ? 8  
# 
_struct_conf_type.id          HELX_P 
_struct_conf_type.criteria    ? 
_struct_conf_type.reference   ? 
# 
loop_
_struct_conn.id 
_struct_conn.conn_type_id 
_struct_conn.pdbx_leaving_atom_flag 
_struct_conn.pdbx_PDB_id 
_struct_conn.ptnr1_label_asym_id 
_struct_conn.ptnr1_label_comp_id 
_struct_conn.ptnr1_label_seq_id 
_struct_conn.ptnr1_label_atom_id 
_struct_conn.pdbx_ptnr1_label_alt_id 
_struct_conn.pdbx_ptnr1_PDB_ins_code 
_struct_conn.pdbx_ptnr1_standard_comp_id 
_struct_conn.ptnr1_symmetry 
_struct_conn.ptnr2_label_asym_id 
_struct_conn.ptnr2_label_comp_id 
_struct_conn.ptnr2_label_seq_id 
_struct_conn.ptnr2_label_atom_id 
_struct_conn.pdbx_ptnr2_label_alt_id 
_struct_conn.pdbx_ptnr2_PDB_ins_code 
_struct_conn.ptnr1_auth_asym_id 
_struct_conn.ptnr1_auth_comp_id 
_struct_conn.ptnr1_auth_seq_id 
_struct_conn.ptnr2_auth_asym_id 
_struct_conn.ptnr2_auth_comp_id 
_struct_conn.ptnr2_auth_seq_id 
_struct_conn.ptnr2_symmetry 
_struct_conn.pdbx_ptnr3_label_atom_id 
_struct_conn.pdbx_ptnr3_label_seq_id 
_struct_conn.pdbx_ptnr3_label_comp_id 
_struct_conn.pdbx_ptnr3_label_asym_id 
_struct_conn.pdbx_ptnr3_label_alt_id 
_struct_conn.pdbx_ptnr3_PDB_ins_code 
_struct_conn.details 
_struct_conn.pdbx_dist_value 
_struct_conn.pdbx_value_order 
_struct_conn.pdbx_role 
metalc1 metalc ? ? A HIS 20 ND1 ? ? ? 1_555 C CO . CO ? ? A HIS 20 A CO 102 1_555  ? ? ? ? ? ? ? 2.219 ? ? 
metalc2 metalc ? ? A HIS 20 ND1 ? ? ? 1_555 C CO . CO ? ? A HIS 20 A CO 102 10_455 ? ? ? ? ? ? ? 2.219 ? ? 
metalc3 metalc ? ? A ASP 76 OD1 ? ? ? 1_555 C CO . CO ? ? A ASP 76 A CO 102 1_555  ? ? ? ? ? ? ? 2.607 ? ? 
metalc4 metalc ? ? A ASP 76 OD1 ? ? ? 1_555 C CO . CO ? ? A ASP 76 A CO 102 10_455 ? ? ? ? ? ? ? 2.608 ? ? 
# 
_struct_conn_type.id          metalc 
_struct_conn_type.criteria    ? 
_struct_conn_type.reference   ? 
# 
_struct_sheet.id               AA1 
_struct_sheet.type             ? 
_struct_sheet.number_strands   4 
_struct_sheet.details          ? 
# 
loop_
_struct_sheet_order.sheet_id 
_struct_sheet_order.range_id_1 
_struct_sheet_order.range_id_2 
_struct_sheet_order.offset 
_struct_sheet_order.sense 
AA1 1 2 ? anti-parallel 
AA1 2 3 ? anti-parallel 
AA1 3 4 ? anti-parallel 
# 
loop_
_struct_sheet_range.sheet_id 
_struct_sheet_range.id 
_struct_sheet_range.beg_label_comp_id 
_struct_sheet_range.beg_label_asym_id 
_struct_sheet_range.beg_label_seq_id 
_struct_sheet_range.pdbx_beg_PDB_ins_code 
_struct_sheet_range.end_label_comp_id 
_struct_sheet_range.end_label_asym_id 
_struct_sheet_range.end_label_seq_id 
_struct_sheet_range.pdbx_end_PDB_ins_code 
_struct_sheet_range.beg_auth_comp_id 
_struct_sheet_range.beg_auth_asym_id 
_struct_sheet_range.beg_auth_seq_id 
_struct_sheet_range.end_auth_comp_id 
_struct_sheet_range.end_auth_asym_id 
_struct_sheet_range.end_auth_seq_id 
AA1 1 GLY A 40 ? PRO A 45 ? GLY A 40 PRO A 45 
AA1 2 LYS A 51 ? ASN A 59 ? LYS A 51 ASN A 59 
AA1 3 ASN A 10 ? ARG A 18 ? ASN A 10 ARG A 18 
AA1 4 VAL A 77 ? ARG A 82 ? VAL A 77 ARG A 82 
# 
loop_
_pdbx_struct_sheet_hbond.sheet_id 
_pdbx_struct_sheet_hbond.range_id_1 
_pdbx_struct_sheet_hbond.range_id_2 
_pdbx_struct_sheet_hbond.range_1_label_atom_id 
_pdbx_struct_sheet_hbond.range_1_label_comp_id 
_pdbx_struct_sheet_hbond.range_1_label_asym_id 
_pdbx_struct_sheet_hbond.range_1_label_seq_id 
_pdbx_struct_sheet_hbond.range_1_PDB_ins_code 
_pdbx_struct_sheet_hbond.range_1_auth_atom_id 
_pdbx_struct_sheet_hbond.range_1_auth_comp_id 
_pdbx_struct_sheet_hbond.range_1_auth_asym_id 
_pdbx_struct_sheet_hbond.range_1_auth_seq_id 
_pdbx_struct_sheet_hbond.range_2_label_atom_id 
_pdbx_struct_sheet_hbond.range_2_label_comp_id 
_pdbx_struct_sheet_hbond.range_2_label_asym_id 
_pdbx_struct_sheet_hbond.range_2_label_seq_id 
_pdbx_struct_sheet_hbond.range_2_PDB_ins_code 
_pdbx_struct_sheet_hbond.range_2_auth_atom_id 
_pdbx_struct_sheet_hbond.range_2_auth_comp_id 
_pdbx_struct_sheet_hbond.range_2_auth_asym_id 
_pdbx_struct_sheet_hbond.range_2_auth_seq_id 
AA1 1 2 N LEU A 44 ? N LEU A 44 O HIS A 53 ? O HIS A 53 
AA1 2 3 O ILE A 54 ? O ILE A 54 N LEU A 15 ? N LEU A 15 
AA1 3 4 N GLU A 14 ? N GLU A 14 O GLN A 81 ? O GLN A 81 
# 
loop_
_struct_site.id 
_struct_site.pdbx_evidence_code 
_struct_site.pdbx_auth_asym_id 
_struct_site.pdbx_auth_comp_id 
_struct_site.pdbx_auth_seq_id 
_struct_site.pdbx_auth_ins_code 
_struct_site.pdbx_num_residues 
_struct_site.details 
AC1 Software A ILE 101 ? 11 'binding site for residue ILE A 101' 
AC2 Software A CO  102 ? 4  'binding site for residue CO A 102'  
# 
loop_
_struct_site_gen.id 
_struct_site_gen.site_id 
_struct_site_gen.pdbx_num_res 
_struct_site_gen.label_comp_id 
_struct_site_gen.label_asym_id 
_struct_site_gen.label_seq_id 
_struct_site_gen.pdbx_auth_ins_code 
_struct_site_gen.auth_comp_id 
_struct_site_gen.auth_asym_id 
_struct_site_gen.auth_seq_id 
_struct_site_gen.label_atom_id 
_struct_site_gen.label_alt_id 
_struct_site_gen.symmetry 
_struct_site_gen.details 
1  AC1 11 ASN A 19 ? ASN A 19  . ? 1_555  ? 
2  AC1 11 HIS A 20 ? HIS A 20  . ? 1_555  ? 
3  AC1 11 GLY A 22 ? GLY A 22  . ? 1_555  ? 
4  AC1 11 VAL A 23 ? VAL A 23  . ? 1_555  ? 
5  AC1 11 MET A 24 ? MET A 24  . ? 1_555  ? 
6  AC1 11 ASN A 37 ? ASN A 37  . ? 6_555  ? 
7  AC1 11 VAL A 38 ? VAL A 38  . ? 6_555  ? 
8  AC1 11 ILE A 41 ? ILE A 41  . ? 6_555  ? 
9  AC1 11 CYS A 43 ? CYS A 43  . ? 1_555  ? 
10 AC1 11 HOH D .  ? HOH A 205 . ? 1_555  ? 
11 AC1 11 HOH D .  ? HOH A 211 . ? 1_555  ? 
12 AC2 4  HIS A 20 ? HIS A 20  . ? 10_455 ? 
13 AC2 4  HIS A 20 ? HIS A 20  . ? 1_555  ? 
14 AC2 4  ASP A 76 ? ASP A 76  . ? 10_455 ? 
15 AC2 4  ASP A 76 ? ASP A 76  . ? 1_555  ? 
# 
_atom_sites.entry_id                    5YUM 
_atom_sites.fract_transf_matrix[1][1]   -0.00380872 
_atom_sites.fract_transf_matrix[1][2]   -0.00296735 
_atom_sites.fract_transf_matrix[1][3]   0.01194524 
_atom_sites.fract_transf_matrix[2][1]   0.00746039 
_atom_sites.fract_transf_matrix[2][2]   0.00298999 
_atom_sites.fract_transf_matrix[2][3]   0.01006975 
_atom_sites.fract_transf_matrix[3][1]   -0.00525240 
_atom_sites.fract_transf_matrix[3][2]   0.01020660 
_atom_sites.fract_transf_matrix[3][3]   0.00086073 
_atom_sites.fract_transf_vector[1]      0.100480 
_atom_sites.fract_transf_vector[2]      0.289954 
_atom_sites.fract_transf_vector[3]      0.012757 
# 
loop_
_atom_type.symbol 
C  
CO 
N  
O  
S  
# 
loop_
_atom_site.group_PDB 
_atom_site.id 
_atom_site.type_symbol 
_atom_site.label_atom_id 
_atom_site.label_alt_id 
_atom_site.label_comp_id 
_atom_site.label_asym_id 
_atom_site.label_entity_id 
_atom_site.label_seq_id 
_atom_site.pdbx_PDB_ins_code 
_atom_site.Cartn_x 
_atom_site.Cartn_y 
_atom_site.Cartn_z 
_atom_site.occupancy 
_atom_site.B_iso_or_equiv 
_atom_site.pdbx_formal_charge 
_atom_site.auth_seq_id 
_atom_site.auth_comp_id 
_atom_site.auth_asym_id 
_atom_site.auth_atom_id 
_atom_site.pdbx_PDB_model_num 
ATOM   1   N  N   . HIS A 1 8  ? -4.784  -16.319 5.069   1.00 110.73 ? 8   HIS A N   1 
ATOM   2   C  CA  . HIS A 1 8  ? -3.732  -16.986 4.309   1.00 113.50 ? 8   HIS A CA  1 
ATOM   3   C  C   . HIS A 1 8  ? -2.385  -16.281 4.468   1.00 111.72 ? 8   HIS A C   1 
ATOM   4   O  O   . HIS A 1 8  ? -2.123  -15.638 5.486   1.00 113.42 ? 8   HIS A O   1 
ATOM   5   C  CB  . HIS A 1 8  ? -4.113  -17.074 2.827   1.00 109.93 ? 8   HIS A CB  1 
ATOM   6   C  CG  . HIS A 1 8  ? -4.796  -18.353 2.452   1.00 113.96 ? 8   HIS A CG  1 
ATOM   7   N  ND1 . HIS A 1 8  ? -4.130  -19.407 1.865   1.00 117.47 ? 8   HIS A ND1 1 
ATOM   8   C  CD2 . HIS A 1 8  ? -6.085  -18.749 2.583   1.00 119.28 ? 8   HIS A CD2 1 
ATOM   9   C  CE1 . HIS A 1 8  ? -4.978  -20.396 1.648   1.00 122.20 ? 8   HIS A CE1 1 
ATOM   10  N  NE2 . HIS A 1 8  ? -6.172  -20.022 2.074   1.00 123.27 ? 8   HIS A NE2 1 
ATOM   11  N  N   . ASP A 1 9  ? -1.539  -16.400 3.443   1.00 99.31  ? 9   ASP A N   1 
ATOM   12  C  CA  . ASP A 1 9  ? -0.151  -15.968 3.557   1.00 81.40  ? 9   ASP A CA  1 
ATOM   13  C  C   . ASP A 1 9  ? 0.009   -14.454 3.524   1.00 71.85  ? 9   ASP A C   1 
ATOM   14  O  O   . ASP A 1 9  ? 0.926   -13.923 4.160   1.00 63.96  ? 9   ASP A O   1 
ATOM   15  C  CB  . ASP A 1 9  ? 0.684   -16.594 2.439   1.00 71.41  ? 9   ASP A CB  1 
ATOM   16  C  CG  . ASP A 1 9  ? 0.811   -18.095 2.579   1.00 83.30  ? 9   ASP A CG  1 
ATOM   17  O  OD1 . ASP A 1 9  ? 0.370   -18.640 3.617   1.00 81.97  ? 9   ASP A OD1 1 
ATOM   18  O  OD2 . ASP A 1 9  ? 1.351   -18.737 1.653   1.00 77.56  ? 9   ASP A OD2 1 
ATOM   19  N  N   . ASN A 1 10 ? -0.852  -13.744 2.802   1.00 62.41  ? 10  ASN A N   1 
ATOM   20  C  CA  . ASN A 1 10 ? -0.614  -12.343 2.494   1.00 63.73  ? 10  ASN A CA  1 
ATOM   21  C  C   . ASN A 1 10 ? -1.632  -11.431 3.170   1.00 58.17  ? 10  ASN A C   1 
ATOM   22  O  O   . ASN A 1 10 ? -2.651  -11.868 3.713   1.00 56.09  ? 10  ASN A O   1 
ATOM   23  C  CB  . ASN A 1 10 ? -0.626  -12.118 0.980   1.00 67.07  ? 10  ASN A CB  1 
ATOM   24  C  CG  . ASN A 1 10 ? 0.671   -12.542 0.319   1.00 73.62  ? 10  ASN A CG  1 
ATOM   25  O  OD1 . ASN A 1 10 ? 1.703   -12.665 0.975   1.00 83.94  ? 10  ASN A OD1 1 
ATOM   26  N  ND2 . ASN A 1 10 ? 0.624   -12.757 -0.990  1.00 67.36  ? 10  ASN A ND2 1 
ATOM   27  N  N   . VAL A 1 11 ? -1.330  -10.136 3.115   1.00 52.31  ? 11  VAL A N   1 
ATOM   28  C  CA  . VAL A 1 11 ? -2.116  -9.084  3.752   1.00 46.67  ? 11  VAL A CA  1 
ATOM   29  C  C   . VAL A 1 11 ? -2.192  -7.898  2.797   1.00 42.63  ? 11  VAL A C   1 
ATOM   30  O  O   . VAL A 1 11 ? -1.222  -7.589  2.098   1.00 34.02  ? 11  VAL A O   1 
ATOM   31  C  CB  . VAL A 1 11 ? -1.498  -8.668  5.106   1.00 52.32  ? 11  VAL A CB  1 
ATOM   32  C  CG1 . VAL A 1 11 ? -1.948  -7.275  5.520   1.00 56.18  ? 11  VAL A CG1 1 
ATOM   33  C  CG2 . VAL A 1 11 ? -1.860  -9.675  6.173   1.00 67.05  ? 11  VAL A CG2 1 
ATOM   34  N  N   . ILE A 1 12 ? -3.348  -7.241  2.756   1.00 46.34  ? 12  ILE A N   1 
ATOM   35  C  CA  . ILE A 1 12 ? -3.539  -6.037  1.958   1.00 35.48  ? 12  ILE A CA  1 
ATOM   36  C  C   . ILE A 1 12 ? -3.481  -4.828  2.883   1.00 41.87  ? 12  ILE A C   1 
ATOM   37  O  O   . ILE A 1 12 ? -4.273  -4.716  3.826   1.00 43.22  ? 12  ILE A O   1 
ATOM   38  C  CB  . ILE A 1 12 ? -4.869  -6.072  1.190   1.00 38.09  ? 12  ILE A CB  1 
ATOM   39  C  CG1 . ILE A 1 12 ? -4.900  -7.255  0.224   1.00 36.77  ? 12  ILE A CG1 1 
ATOM   40  C  CG2 . ILE A 1 12 ? -5.078  -4.757  0.445   1.00 33.52  ? 12  ILE A CG2 1 
ATOM   41  C  CD1 . ILE A 1 12 ? -4.198  -6.995  -1.083  1.00 43.52  ? 12  ILE A CD1 1 
ATOM   42  N  N   . LEU A 1 13 ? -2.541  -3.926  2.617   1.00 37.13  ? 13  LEU A N   1 
ATOM   43  C  CA  . LEU A 1 13 ? -2.484  -2.631  3.280   1.00 35.95  ? 13  LEU A CA  1 
ATOM   44  C  C   . LEU A 1 13 ? -3.082  -1.586  2.349   1.00 36.49  ? 13  LEU A C   1 
ATOM   45  O  O   . LEU A 1 13 ? -2.669  -1.474  1.190   1.00 34.80  ? 13  LEU A O   1 
ATOM   46  C  CB  . LEU A 1 13 ? -1.046  -2.253  3.642   1.00 33.88  ? 13  LEU A CB  1 
ATOM   47  C  CG  . LEU A 1 13 ? -0.270  -3.182  4.579   1.00 43.16  ? 13  LEU A CG  1 
ATOM   48  C  CD1 . LEU A 1 13 ? 1.083   -2.573  4.937   1.00 42.95  ? 13  LEU A CD1 1 
ATOM   49  C  CD2 . LEU A 1 13 ? -1.075  -3.500  5.834   1.00 41.78  ? 13  LEU A CD2 1 
ATOM   50  N  N   . GLU A 1 14 ? -4.060  -0.835  2.848   1.00 34.09  ? 14  GLU A N   1 
ATOM   51  C  CA  . GLU A 1 14 ? -4.716  0.209   2.070   1.00 38.67  ? 14  GLU A CA  1 
ATOM   52  C  C   . GLU A 1 14 ? -4.351  1.566   2.652   1.00 39.08  ? 14  GLU A C   1 
ATOM   53  O  O   . GLU A 1 14 ? -4.650  1.848   3.817   1.00 41.79  ? 14  GLU A O   1 
ATOM   54  C  CB  . GLU A 1 14 ? -6.232  0.020   2.054   1.00 40.96  ? 14  GLU A CB  1 
ATOM   55  C  CG  . GLU A 1 14 ? -6.934  0.914   1.043   1.00 62.02  ? 14  GLU A CG  1 
ATOM   56  C  CD  . GLU A 1 14 ? -8.438  0.953   1.230   1.00 78.33  ? 14  GLU A CD  1 
ATOM   57  O  OE1 . GLU A 1 14 ? -8.985  2.060   1.418   1.00 84.50  ? 14  GLU A OE1 1 
ATOM   58  O  OE2 . GLU A 1 14 ? -9.072  -0.122  1.184   1.00 82.95  ? 14  GLU A OE2 1 
ATOM   59  N  N   . LEU A 1 15 ? -3.708  2.399   1.840   1.00 33.46  ? 15  LEU A N   1 
ATOM   60  C  CA  . LEU A 1 15 ? -3.285  3.732   2.241   1.00 28.32  ? 15  LEU A CA  1 
ATOM   61  C  C   . LEU A 1 15 ? -4.117  4.785   1.524   1.00 31.30  ? 15  LEU A C   1 
ATOM   62  O  O   . LEU A 1 15 ? -4.429  4.644   0.338   1.00 33.66  ? 15  LEU A O   1 
ATOM   63  C  CB  . LEU A 1 15 ? -1.805  3.977   1.922   1.00 33.86  ? 15  LEU A CB  1 
ATOM   64  C  CG  . LEU A 1 15 ? -0.662  3.336   2.715   1.00 37.93  ? 15  LEU A CG  1 
ATOM   65  C  CD1 . LEU A 1 15 ? -0.723  1.813   2.715   1.00 36.07  ? 15  LEU A CD1 1 
ATOM   66  C  CD2 . LEU A 1 15 ? 0.667   3.823   2.162   1.00 37.48  ? 15  LEU A CD2 1 
ATOM   67  N  N   . THR A 1 16 ? -4.470  5.838   2.249   1.00 42.04  ? 16  THR A N   1 
ATOM   68  C  CA  . THR A 1 16 ? -4.936  7.080   1.649   1.00 34.03  ? 16  THR A CA  1 
ATOM   69  C  C   . THR A 1 16 ? -3.813  8.099   1.791   1.00 36.38  ? 16  THR A C   1 
ATOM   70  O  O   . THR A 1 16 ? -3.365  8.383   2.909   1.00 36.37  ? 16  THR A O   1 
ATOM   71  C  CB  . THR A 1 16 ? -6.215  7.585   2.316   1.00 43.94  ? 16  THR A CB  1 
ATOM   72  O  OG1 . THR A 1 16 ? -7.178  6.527   2.368   1.00 48.64  ? 16  THR A OG1 1 
ATOM   73  C  CG2 . THR A 1 16 ? -6.795  8.758   1.527   1.00 36.65  ? 16  THR A CG2 1 
ATOM   74  N  N   . VAL A 1 17 ? -3.337  8.619   0.659   1.00 30.51  ? 17  VAL A N   1 
ATOM   75  C  CA  . VAL A 1 17 ? -2.208  9.533   0.646   1.00 30.70  ? 17  VAL A CA  1 
ATOM   76  C  C   . VAL A 1 17 ? -2.561  10.748  -0.199  1.00 34.33  ? 17  VAL A C   1 
ATOM   77  O  O   . VAL A 1 17 ? -3.491  10.729  -1.006  1.00 32.72  ? 17  VAL A O   1 
ATOM   78  C  CB  . VAL A 1 17 ? -0.912  8.878   0.110   1.00 34.08  ? 17  VAL A CB  1 
ATOM   79  C  CG1 . VAL A 1 17 ? -0.675  7.507   0.753   1.00 33.85  ? 17  VAL A CG1 1 
ATOM   80  C  CG2 . VAL A 1 17 ? -0.962  8.767   -1.407  1.00 28.04  ? 17  VAL A CG2 1 
ATOM   81  N  N   . ARG A 1 18 ? -1.802  11.820  0.016   1.00 43.70  ? 18  ARG A N   1 
ATOM   82  C  CA  . ARG A 1 18 ? -1.840  12.971  -0.872  1.00 35.24  ? 18  ARG A CA  1 
ATOM   83  C  C   . ARG A 1 18 ? -1.266  12.591  -2.230  1.00 34.51  ? 18  ARG A C   1 
ATOM   84  O  O   . ARG A 1 18 ? -0.263  11.876  -2.319  1.00 31.55  ? 18  ARG A O   1 
ATOM   85  C  CB  . ARG A 1 18 ? -1.039  14.123  -0.267  1.00 43.55  ? 18  ARG A CB  1 
ATOM   86  C  CG  . ARG A 1 18 ? -1.416  14.469  1.162   1.00 55.15  ? 18  ARG A CG  1 
ATOM   87  C  CD  . ARG A 1 18 ? -2.637  15.371  1.255   1.00 64.78  ? 18  ARG A CD  1 
ATOM   88  N  NE  . ARG A 1 18 ? -2.796  15.857  2.633   1.00 78.84  ? 18  ARG A NE  1 
ATOM   89  C  CZ  . ARG A 1 18 ? -3.908  16.388  3.137   1.00 84.73  ? 18  ARG A CZ  1 
ATOM   90  N  NH1 . ARG A 1 18 ? -4.978  16.546  2.369   1.00 76.72  ? 18  ARG A NH1 1 
ATOM   91  N  NH2 . ARG A 1 18 ? -3.941  16.783  4.404   1.00 93.64  ? 18  ARG A NH2 1 
ATOM   92  N  N   . ASN A 1 19 ? -1.910  13.059  -3.295  1.00 36.38  ? 19  ASN A N   1 
ATOM   93  C  CA  . ASN A 1 19 ? -1.468  12.737  -4.653  1.00 37.58  ? 19  ASN A CA  1 
ATOM   94  C  C   . ASN A 1 19 ? -0.360  13.713  -5.063  1.00 41.70  ? 19  ASN A C   1 
ATOM   95  O  O   . ASN A 1 19 ? -0.517  14.569  -5.937  1.00 48.83  ? 19  ASN A O   1 
ATOM   96  C  CB  . ASN A 1 19 ? -2.650  12.767  -5.616  1.00 43.52  ? 19  ASN A CB  1 
ATOM   97  C  CG  . ASN A 1 19 ? -2.296  12.253  -6.999  1.00 42.92  ? 19  ASN A CG  1 
ATOM   98  O  OD1 . ASN A 1 19 ? -1.241  11.656  -7.203  1.00 41.99  ? 19  ASN A OD1 1 
ATOM   99  N  ND2 . ASN A 1 19 ? -3.192  12.469  -7.955  1.00 34.80  ? 19  ASN A ND2 1 
ATOM   100 N  N   . HIS A 1 20 ? 0.783   13.570  -4.387  1.00 33.72  ? 20  HIS A N   1 
ATOM   101 C  CA  . HIS A 1 20 ? 1.958   14.404  -4.571  1.00 35.52  ? 20  HIS A CA  1 
ATOM   102 C  C   . HIS A 1 20 ? 3.117   13.583  -5.125  1.00 48.50  ? 20  HIS A C   1 
ATOM   103 O  O   . HIS A 1 20 ? 3.204   12.378  -4.872  1.00 31.09  ? 20  HIS A O   1 
ATOM   104 C  CB  . HIS A 1 20 ? 2.406   15.052  -3.253  1.00 37.31  ? 20  HIS A CB  1 
ATOM   105 C  CG  . HIS A 1 20 ? 1.453   16.068  -2.712  1.00 48.03  ? 20  HIS A CG  1 
ATOM   106 N  ND1 . HIS A 1 20 ? 1.714   16.794  -1.569  1.00 42.80  ? 20  HIS A ND1 1 
ATOM   107 C  CD2 . HIS A 1 20 ? 0.237   16.473  -3.147  1.00 41.53  ? 20  HIS A CD2 1 
ATOM   108 C  CE1 . HIS A 1 20 ? 0.702   17.608  -1.328  1.00 49.16  ? 20  HIS A CE1 1 
ATOM   109 N  NE2 . HIS A 1 20 ? -0.208  17.431  -2.270  1.00 50.23  ? 20  HIS A NE2 1 
ATOM   110 N  N   . PRO A 1 21 ? 4.027   14.206  -5.871  1.00 35.60  ? 21  PRO A N   1 
ATOM   111 C  CA  . PRO A 1 21 ? 5.227   13.488  -6.313  1.00 41.86  ? 21  PRO A CA  1 
ATOM   112 C  C   . PRO A 1 21 ? 6.018   12.951  -5.128  1.00 46.96  ? 21  PRO A C   1 
ATOM   113 O  O   . PRO A 1 21 ? 6.182   13.625  -4.108  1.00 40.40  ? 21  PRO A O   1 
ATOM   114 C  CB  . PRO A 1 21 ? 6.017   14.557  -7.076  1.00 38.10  ? 21  PRO A CB  1 
ATOM   115 C  CG  . PRO A 1 21 ? 4.976   15.505  -7.557  1.00 40.13  ? 21  PRO A CG  1 
ATOM   116 C  CD  . PRO A 1 21 ? 3.939   15.550  -6.466  1.00 39.18  ? 21  PRO A CD  1 
ATOM   117 N  N   . GLY A 1 22 ? 6.481   11.708  -5.261  1.00 32.44  ? 22  GLY A N   1 
ATOM   118 C  CA  . GLY A 1 22 ? 7.435   11.144  -4.332  1.00 31.41  ? 22  GLY A CA  1 
ATOM   119 C  C   . GLY A 1 22 ? 6.862   10.373  -3.162  1.00 37.22  ? 22  GLY A C   1 
ATOM   120 O  O   . GLY A 1 22 ? 7.639   9.804   -2.386  1.00 37.60  ? 22  GLY A O   1 
ATOM   121 N  N   . VAL A 1 23 ? 5.537   10.329  -2.996  1.00 31.55  ? 23  VAL A N   1 
ATOM   122 C  CA  . VAL A 1 23 ? 4.985   9.622   -1.844  1.00 40.38  ? 23  VAL A CA  1 
ATOM   123 C  C   . VAL A 1 23 ? 5.118   8.113   -2.027  1.00 34.20  ? 23  VAL A C   1 
ATOM   124 O  O   . VAL A 1 23 ? 5.368   7.381   -1.063  1.00 44.23  ? 23  VAL A O   1 
ATOM   125 C  CB  . VAL A 1 23 ? 3.527   10.051  -1.585  1.00 46.08  ? 23  VAL A CB  1 
ATOM   126 C  CG1 . VAL A 1 23 ? 2.737   10.033  -2.851  1.00 51.50  ? 23  VAL A CG1 1 
ATOM   127 C  CG2 . VAL A 1 23 ? 2.866   9.141   -0.559  1.00 36.80  ? 23  VAL A CG2 1 
ATOM   128 N  N   . MET A 1 24 ? 4.988   7.624   -3.262  1.00 34.14  ? 24  MET A N   1 
ATOM   129 C  CA  . MET A 1 24 ? 5.153   6.189   -3.488  1.00 28.03  ? 24  MET A CA  1 
ATOM   130 C  C   . MET A 1 24 ? 6.589   5.747   -3.236  1.00 34.81  ? 24  MET A C   1 
ATOM   131 O  O   . MET A 1 24 ? 6.826   4.629   -2.764  1.00 34.93  ? 24  MET A O   1 
ATOM   132 C  CB  . MET A 1 24 ? 4.737   5.809   -4.906  1.00 27.99  ? 24  MET A CB  1 
ATOM   133 C  CG  . MET A 1 24 ? 4.782   4.301   -5.176  1.00 29.69  ? 24  MET A CG  1 
ATOM   134 S  SD  . MET A 1 24 ? 3.363   3.377   -4.541  1.00 37.15  ? 24  MET A SD  1 
ATOM   135 C  CE  . MET A 1 24 ? 3.798   3.071   -2.837  1.00 49.88  ? 24  MET A CE  1 
ATOM   136 N  N   . THR A 1 25 ? 7.560   6.604   -3.554  1.00 29.69  ? 25  THR A N   1 
ATOM   137 C  CA  . THR A 1 25 ? 8.952   6.280   -3.268  1.00 39.79  ? 25  THR A CA  1 
ATOM   138 C  C   . THR A 1 25 ? 9.180   6.147   -1.768  1.00 40.35  ? 25  THR A C   1 
ATOM   139 O  O   . THR A 1 25 ? 9.828   5.199   -1.308  1.00 37.27  ? 25  THR A O   1 
ATOM   140 C  CB  . THR A 1 25 ? 9.873   7.349   -3.858  1.00 40.82  ? 25  THR A CB  1 
ATOM   141 O  OG1 . THR A 1 25 ? 9.654   7.439   -5.271  1.00 51.07  ? 25  THR A OG1 1 
ATOM   142 C  CG2 . THR A 1 25 ? 11.327  6.999   -3.604  1.00 46.09  ? 25  THR A CG2 1 
ATOM   143 N  N   . HIS A 1 26 ? 8.642   7.090   -0.989  1.00 35.35  ? 26  HIS A N   1 
ATOM   144 C  CA  . HIS A 1 26 ? 8.821   7.052   0.459   1.00 40.95  ? 26  HIS A CA  1 
ATOM   145 C  C   . HIS A 1 26 ? 8.142   5.833   1.070   1.00 37.84  ? 26  HIS A C   1 
ATOM   146 O  O   . HIS A 1 26 ? 8.714   5.169   1.945   1.00 39.89  ? 26  HIS A O   1 
ATOM   147 C  CB  . HIS A 1 26 ? 8.283   8.334   1.094   1.00 42.96  ? 26  HIS A CB  1 
ATOM   148 C  CG  . HIS A 1 26 ? 9.114   9.546   0.808   1.00 59.22  ? 26  HIS A CG  1 
ATOM   149 N  ND1 . HIS A 1 26 ? 8.721   10.819  1.162   1.00 62.94  ? 26  HIS A ND1 1 
ATOM   150 C  CD2 . HIS A 1 26 ? 10.316  9.679   0.199   1.00 60.81  ? 26  HIS A CD2 1 
ATOM   151 C  CE1 . HIS A 1 26 ? 9.647   11.684  0.785   1.00 60.98  ? 26  HIS A CE1 1 
ATOM   152 N  NE2 . HIS A 1 26 ? 10.624  11.017  0.197   1.00 63.65  ? 26  HIS A NE2 1 
ATOM   153 N  N   . VAL A 1 27 ? 6.924   5.521   0.619   1.00 26.19  ? 27  VAL A N   1 
ATOM   154 C  CA  . VAL A 1 27 ? 6.198   4.371   1.154   1.00 31.26  ? 27  VAL A CA  1 
ATOM   155 C  C   . VAL A 1 27 ? 6.969   3.084   0.876   1.00 35.83  ? 27  VAL A C   1 
ATOM   156 O  O   . VAL A 1 27 ? 7.195   2.268   1.776   1.00 40.46  ? 27  VAL A O   1 
ATOM   157 C  CB  . VAL A 1 27 ? 4.776   4.313   0.569   1.00 30.77  ? 27  VAL A CB  1 
ATOM   158 C  CG1 . VAL A 1 27 ? 4.135   2.958   0.844   1.00 23.51  ? 27  VAL A CG1 1 
ATOM   159 C  CG2 . VAL A 1 27 ? 3.919   5.442   1.136   1.00 31.85  ? 27  VAL A CG2 1 
ATOM   160 N  N   . CYS A 1 28 ? 7.395   2.895   -0.373  1.00 34.31  ? 28  CYS A N   1 
ATOM   161 C  CA  . CYS A 1 28 ? 8.093   1.669   -0.742  1.00 36.40  ? 28  CYS A CA  1 
ATOM   162 C  C   . CYS A 1 28 ? 9.496   1.621   -0.155  1.00 45.02  ? 28  CYS A C   1 
ATOM   163 O  O   . CYS A 1 28 ? 10.026  0.529   0.089   1.00 36.63  ? 28  CYS A O   1 
ATOM   164 C  CB  . CYS A 1 28 ? 8.153   1.535   -2.266  1.00 30.04  ? 28  CYS A CB  1 
ATOM   165 S  SG  . CYS A 1 28 ? 6.594   1.042   -3.034  1.00 43.99  ? 28  CYS A SG  1 
ATOM   166 N  N   . GLY A 1 29 ? 10.112  2.787   0.073   1.00 40.09  ? 29  GLY A N   1 
ATOM   167 C  CA  . GLY A 1 29 ? 11.447  2.807   0.640   1.00 30.78  ? 29  GLY A CA  1 
ATOM   168 C  C   . GLY A 1 29 ? 11.507  2.224   2.037   1.00 32.40  ? 29  GLY A C   1 
ATOM   169 O  O   . GLY A 1 29 ? 12.525  1.647   2.429   1.00 37.52  ? 29  GLY A O   1 
ATOM   170 N  N   . LEU A 1 30 ? 10.426  2.364   2.805   1.00 31.73  ? 30  LEU A N   1 
ATOM   171 C  CA  . LEU A 1 30 ? 10.371  1.753   4.129   1.00 41.34  ? 30  LEU A CA  1 
ATOM   172 C  C   . LEU A 1 30 ? 10.489  0.237   4.032   1.00 35.26  ? 30  LEU A C   1 
ATOM   173 O  O   . LEU A 1 30 ? 11.203  -0.389  4.823   1.00 41.57  ? 30  LEU A O   1 
ATOM   174 C  CB  . LEU A 1 30 ? 9.075   2.151   4.834   1.00 33.26  ? 30  LEU A CB  1 
ATOM   175 C  CG  . LEU A 1 30 ? 8.909   3.640   5.139   1.00 50.79  ? 30  LEU A CG  1 
ATOM   176 C  CD1 . LEU A 1 30 ? 7.486   3.937   5.583   1.00 45.27  ? 30  LEU A CD1 1 
ATOM   177 C  CD2 . LEU A 1 30 ? 9.912   4.087   6.194   1.00 48.78  ? 30  LEU A CD2 1 
ATOM   178 N  N   . PHE A 1 31 ? 9.786   -0.369  3.073   1.00 32.05  ? 31  PHE A N   1 
ATOM   179 C  CA  . PHE A 1 31 ? 9.913   -1.805  2.846   1.00 33.35  ? 31  PHE A CA  1 
ATOM   180 C  C   . PHE A 1 31 ? 11.288  -2.144  2.287   1.00 36.60  ? 31  PHE A C   1 
ATOM   181 O  O   . PHE A 1 31 ? 11.939  -3.093  2.738   1.00 36.34  ? 31  PHE A O   1 
ATOM   182 C  CB  . PHE A 1 31 ? 8.814   -2.286  1.895   1.00 29.79  ? 31  PHE A CB  1 
ATOM   183 C  CG  . PHE A 1 31 ? 7.435   -2.244  2.493   1.00 33.21  ? 31  PHE A CG  1 
ATOM   184 C  CD1 . PHE A 1 31 ? 6.649   -1.109  2.370   1.00 29.31  ? 31  PHE A CD1 1 
ATOM   185 C  CD2 . PHE A 1 31 ? 6.926   -3.335  3.182   1.00 41.24  ? 31  PHE A CD2 1 
ATOM   186 C  CE1 . PHE A 1 31 ? 5.382   -1.061  2.924   1.00 29.51  ? 31  PHE A CE1 1 
ATOM   187 C  CE2 . PHE A 1 31 ? 5.659   -3.292  3.739   1.00 44.58  ? 31  PHE A CE2 1 
ATOM   188 C  CZ  . PHE A 1 31 ? 4.886   -2.153  3.611   1.00 28.98  ? 31  PHE A CZ  1 
ATOM   189 N  N   . ALA A 1 32 ? 11.744  -1.360  1.306   1.00 36.01  ? 32  ALA A N   1 
ATOM   190 C  CA  . ALA A 1 32 ? 13.021  -1.633  0.655   1.00 39.76  ? 32  ALA A CA  1 
ATOM   191 C  C   . ALA A 1 32 ? 14.175  -1.605  1.649   1.00 38.23  ? 32  ALA A C   1 
ATOM   192 O  O   . ALA A 1 32 ? 15.085  -2.435  1.578   1.00 41.32  ? 32  ALA A O   1 
ATOM   193 C  CB  . ALA A 1 32 ? 13.257  -0.618  -0.463  1.00 33.66  ? 32  ALA A CB  1 
ATOM   194 N  N   . ARG A 1 33 ? 14.147  -0.664  2.593   1.00 38.86  ? 33  ARG A N   1 
ATOM   195 C  CA  . ARG A 1 33 ? 15.249  -0.514  3.534   1.00 44.55  ? 33  ARG A CA  1 
ATOM   196 C  C   . ARG A 1 33 ? 15.416  -1.736  4.430   1.00 51.25  ? 33  ARG A C   1 
ATOM   197 O  O   . ARG A 1 33 ? 16.464  -1.883  5.069   1.00 49.21  ? 33  ARG A O   1 
ATOM   198 C  CB  . ARG A 1 33 ? 15.038  0.757   4.366   1.00 43.19  ? 33  ARG A CB  1 
ATOM   199 C  CG  . ARG A 1 33 ? 14.394  0.532   5.719   1.00 59.71  ? 33  ARG A CG  1 
ATOM   200 C  CD  . ARG A 1 33 ? 14.035  1.857   6.391   1.00 65.27  ? 33  ARG A CD  1 
ATOM   201 N  NE  . ARG A 1 33 ? 15.174  2.755   6.563   1.00 66.93  ? 33  ARG A NE  1 
ATOM   202 C  CZ  . ARG A 1 33 ? 15.942  2.784   7.648   1.00 77.54  ? 33  ARG A CZ  1 
ATOM   203 N  NH1 . ARG A 1 33 ? 15.689  1.965   8.660   1.00 82.87  ? 33  ARG A NH1 1 
ATOM   204 N  NH2 . ARG A 1 33 ? 16.957  3.637   7.728   1.00 75.31  ? 33  ARG A NH2 1 
ATOM   205 N  N   . ARG A 1 34 ? 14.421  -2.624  4.470   1.00 56.01  ? 34  ARG A N   1 
ATOM   206 C  CA  . ARG A 1 34 ? 14.484  -3.853  5.253   1.00 57.90  ? 34  ARG A CA  1 
ATOM   207 C  C   . ARG A 1 34 ? 14.551  -5.104  4.385   1.00 46.54  ? 34  ARG A C   1 
ATOM   208 O  O   . ARG A 1 34 ? 14.410  -6.212  4.913   1.00 48.76  ? 34  ARG A O   1 
ATOM   209 C  CB  . ARG A 1 34 ? 13.275  -3.946  6.190   1.00 52.99  ? 34  ARG A CB  1 
ATOM   210 C  CG  . ARG A 1 34 ? 13.072  -2.737  7.089   1.00 49.27  ? 34  ARG A CG  1 
ATOM   211 C  CD  . ARG A 1 34 ? 13.641  -2.971  8.479   1.00 64.86  ? 34  ARG A CD  1 
ATOM   212 N  NE  . ARG A 1 34 ? 12.602  -3.331  9.443   1.00 83.84  ? 34  ARG A NE  1 
ATOM   213 C  CZ  . ARG A 1 34 ? 12.649  -4.399  10.233  1.00 94.30  ? 34  ARG A CZ  1 
ATOM   214 N  NH1 . ARG A 1 34 ? 13.689  -5.221  10.185  1.00 92.86  ? 34  ARG A NH1 1 
ATOM   215 N  NH2 . ARG A 1 34 ? 11.656  -4.643  11.078  1.00 99.23  ? 34  ARG A NH2 1 
ATOM   216 N  N   . ALA A 1 35 ? 14.759  -4.957  3.073   1.00 44.70  ? 35  ALA A N   1 
ATOM   217 C  CA  . ALA A 1 35 ? 14.690  -6.077  2.127   1.00 44.78  ? 35  ALA A CA  1 
ATOM   218 C  C   . ALA A 1 35 ? 13.342  -6.789  2.212   1.00 43.04  ? 35  ALA A C   1 
ATOM   219 O  O   . ALA A 1 35 ? 13.243  -8.003  2.012   1.00 44.69  ? 35  ALA A O   1 
ATOM   220 C  CB  . ALA A 1 35 ? 15.843  -7.065  2.336   1.00 49.42  ? 35  ALA A CB  1 
ATOM   221 N  N   . PHE A 1 36 ? 12.298  -6.026  2.522   1.00 40.22  ? 36  PHE A N   1 
ATOM   222 C  CA  . PHE A 1 36 ? 10.937  -6.534  2.605   1.00 38.74  ? 36  PHE A CA  1 
ATOM   223 C  C   . PHE A 1 36 ? 10.305  -6.398  1.224   1.00 42.53  ? 36  PHE A C   1 
ATOM   224 O  O   . PHE A 1 36 ? 10.181  -5.283  0.702   1.00 36.09  ? 36  PHE A O   1 
ATOM   225 C  CB  . PHE A 1 36 ? 10.158  -5.750  3.663   1.00 39.97  ? 36  PHE A CB  1 
ATOM   226 C  CG  . PHE A 1 36 ? 8.866   -6.395  4.113   1.00 57.97  ? 36  PHE A CG  1 
ATOM   227 C  CD1 . PHE A 1 36 ? 7.997   -6.999  3.216   1.00 63.90  ? 36  PHE A CD1 1 
ATOM   228 C  CD2 . PHE A 1 36 ? 8.524   -6.388  5.457   1.00 63.22  ? 36  PHE A CD2 1 
ATOM   229 C  CE1 . PHE A 1 36 ? 6.813   -7.578  3.650   1.00 48.76  ? 36  PHE A CE1 1 
ATOM   230 C  CE2 . PHE A 1 36 ? 7.347   -6.966  5.897   1.00 61.64  ? 36  PHE A CE2 1 
ATOM   231 C  CZ  . PHE A 1 36 ? 6.491   -7.562  4.994   1.00 52.01  ? 36  PHE A CZ  1 
ATOM   232 N  N   . ASN A 1 37 ? 9.916   -7.524  0.632   1.00 38.73  ? 37  ASN A N   1 
ATOM   233 C  CA  . ASN A 1 37 ? 9.373   -7.500  -0.718  1.00 41.40  ? 37  ASN A CA  1 
ATOM   234 C  C   . ASN A 1 37 ? 7.908   -7.082  -0.714  1.00 31.96  ? 37  ASN A C   1 
ATOM   235 O  O   . ASN A 1 37 ? 7.166   -7.341  0.235   1.00 36.79  ? 37  ASN A O   1 
ATOM   236 C  CB  . ASN A 1 37 ? 9.515   -8.869  -1.383  1.00 36.65  ? 37  ASN A CB  1 
ATOM   237 C  CG  . ASN A 1 37 ? 9.432   -8.790  -2.900  1.00 52.73  ? 37  ASN A CG  1 
ATOM   238 O  OD1 . ASN A 1 37 ? 10.165  -8.028  -3.534  1.00 36.55  ? 37  ASN A OD1 1 
ATOM   239 N  ND2 . ASN A 1 37 ? 8.522   -9.567  -3.487  1.00 35.90  ? 37  ASN A ND2 1 
ATOM   240 N  N   . VAL A 1 38 ? 7.503   -6.416  -1.790  1.00 35.60  ? 38  VAL A N   1 
ATOM   241 C  CA  . VAL A 1 38 ? 6.106   -6.082  -2.042  1.00 38.83  ? 38  VAL A CA  1 
ATOM   242 C  C   . VAL A 1 38 ? 5.648   -6.896  -3.244  1.00 38.52  ? 38  VAL A C   1 
ATOM   243 O  O   . VAL A 1 38 ? 6.289   -6.865  -4.301  1.00 37.96  ? 38  VAL A O   1 
ATOM   244 C  CB  . VAL A 1 38 ? 5.913   -4.574  -2.282  1.00 36.41  ? 38  VAL A CB  1 
ATOM   245 C  CG1 . VAL A 1 38 ? 4.442   -4.260  -2.510  1.00 35.48  ? 38  VAL A CG1 1 
ATOM   246 C  CG2 . VAL A 1 38 ? 6.458   -3.773  -1.102  1.00 25.73  ? 38  VAL A CG2 1 
ATOM   247 N  N   . GLU A 1 39 ? 4.550   -7.630  -3.078  1.00 39.62  ? 39  GLU A N   1 
ATOM   248 C  CA  . GLU A 1 39 ? 4.120   -8.594  -4.086  1.00 38.31  ? 39  GLU A CA  1 
ATOM   249 C  C   . GLU A 1 39 ? 3.205   -7.982  -5.139  1.00 39.12  ? 39  GLU A C   1 
ATOM   250 O  O   . GLU A 1 39 ? 3.339   -8.294  -6.326  1.00 41.52  ? 39  GLU A O   1 
ATOM   251 C  CB  . GLU A 1 39 ? 3.419   -9.775  -3.410  1.00 42.60  ? 39  GLU A CB  1 
ATOM   252 C  CG  . GLU A 1 39 ? 4.352   -10.659 -2.600  1.00 55.59  ? 39  GLU A CG  1 
ATOM   253 C  CD  . GLU A 1 39 ? 5.569   -11.108 -3.393  1.00 65.58  ? 39  GLU A CD  1 
ATOM   254 O  OE1 . GLU A 1 39 ? 5.417   -11.458 -4.586  1.00 52.54  ? 39  GLU A OE1 1 
ATOM   255 O  OE2 . GLU A 1 39 ? 6.680   -11.109 -2.820  1.00 67.00  ? 39  GLU A OE2 1 
ATOM   256 N  N   . GLY A 1 40 ? 2.281   -7.125  -4.735  1.00 40.38  ? 40  GLY A N   1 
ATOM   257 C  CA  . GLY A 1 40 ? 1.370   -6.498  -5.677  1.00 32.62  ? 40  GLY A CA  1 
ATOM   258 C  C   . GLY A 1 40 ? 1.058   -5.086  -5.249  1.00 31.47  ? 40  GLY A C   1 
ATOM   259 O  O   . GLY A 1 40 ? 1.016   -4.773  -4.054  1.00 33.84  ? 40  GLY A O   1 
ATOM   260 N  N   . ILE A 1 41 ? 0.842   -4.220  -6.234  1.00 31.20  ? 41  ILE A N   1 
ATOM   261 C  CA  . ILE A 1 41 ? 0.556   -2.813  -5.982  1.00 27.32  ? 41  ILE A CA  1 
ATOM   262 C  C   . ILE A 1 41 ? -0.550  -2.351  -6.918  1.00 40.04  ? 41  ILE A C   1 
ATOM   263 O  O   . ILE A 1 41 ? -0.497  -2.609  -8.126  1.00 33.89  ? 41  ILE A O   1 
ATOM   264 C  CB  . ILE A 1 41 ? 1.799   -1.914  -6.154  1.00 31.76  ? 41  ILE A CB  1 
ATOM   265 C  CG1 . ILE A 1 41 ? 2.936   -2.356  -5.228  1.00 30.25  ? 41  ILE A CG1 1 
ATOM   266 C  CG2 . ILE A 1 41 ? 1.450   -0.460  -5.894  1.00 21.20  ? 41  ILE A CG2 1 
ATOM   267 C  CD1 . ILE A 1 41 ? 4.134   -1.441  -5.279  1.00 30.44  ? 41  ILE A CD1 1 
ATOM   268 N  N   . LEU A 1 42 ? -1.549  -1.671  -6.358  1.00 30.03  ? 42  LEU A N   1 
ATOM   269 C  CA  . LEU A 1 42 ? -2.527  -0.918  -7.128  1.00 24.81  ? 42  LEU A CA  1 
ATOM   270 C  C   . LEU A 1 42 ? -2.593  0.489   -6.560  1.00 33.99  ? 42  LEU A C   1 
ATOM   271 O  O   . LEU A 1 42 ? -2.749  0.663   -5.347  1.00 38.92  ? 42  LEU A O   1 
ATOM   272 C  CB  . LEU A 1 42 ? -3.913  -1.565  -7.085  1.00 26.51  ? 42  LEU A CB  1 
ATOM   273 C  CG  . LEU A 1 42 ? -5.009  -0.720  -7.745  1.00 38.11  ? 42  LEU A CG  1 
ATOM   274 C  CD1 . LEU A 1 42 ? -4.682  -0.476  -9.218  1.00 26.23  ? 42  LEU A CD1 1 
ATOM   275 C  CD2 . LEU A 1 42 ? -6.393  -1.354  -7.579  1.00 33.42  ? 42  LEU A CD2 1 
ATOM   276 N  N   . CYS A 1 43 ? -2.470  1.491   -7.426  0.50 22.40  ? 43  CYS A N   1 
ATOM   277 C  CA  A CYS A 1 43 ? -2.553  2.889   -7.023  0.50 22.46  ? 43  CYS A CA  1 
ATOM   278 C  CA  B CYS A 1 43 ? -2.573  2.884   -7.015  0.50 22.47  ? 43  CYS A CA  1 
ATOM   279 C  C   . CYS A 1 43 ? -3.526  3.610   -7.948  0.50 24.08  ? 43  CYS A C   1 
ATOM   280 O  O   . CYS A 1 43 ? -3.342  3.596   -9.169  0.50 24.80  ? 43  CYS A O   1 
ATOM   281 C  CB  A CYS A 1 43 ? -1.171  3.552   -7.059  0.50 28.71  ? 43  CYS A CB  1 
ATOM   282 C  CB  B CYS A 1 43 ? -1.217  3.583   -7.005  0.50 29.06  ? 43  CYS A CB  1 
ATOM   283 S  SG  A CYS A 1 43 ? 0.047   2.807   -5.931  0.50 24.42  ? 43  CYS A SG  1 
ATOM   284 S  SG  B CYS A 1 43 ? -1.388  5.306   -6.506  0.50 41.36  ? 43  CYS A SG  1 
ATOM   285 N  N   . LEU A 1 44 ? -4.539  4.242   -7.368  1.00 25.18  ? 44  LEU A N   1 
ATOM   286 C  CA  . LEU A 1 44 ? -5.559  4.972   -8.102  1.00 27.35  ? 44  LEU A CA  1 
ATOM   287 C  C   . LEU A 1 44 ? -5.805  6.325   -7.455  1.00 33.18  ? 44  LEU A C   1 
ATOM   288 O  O   . LEU A 1 44 ? -5.897  6.423   -6.224  1.00 36.37  ? 44  LEU A O   1 
ATOM   289 C  CB  . LEU A 1 44 ? -6.880  4.192   -8.149  1.00 29.84  ? 44  LEU A CB  1 
ATOM   290 C  CG  . LEU A 1 44 ? -6.895  2.859   -8.891  1.00 38.47  ? 44  LEU A CG  1 
ATOM   291 C  CD1 . LEU A 1 44 ? -8.281  2.237   -8.833  1.00 36.94  ? 44  LEU A CD1 1 
ATOM   292 C  CD2 . LEU A 1 44 ? -6.469  3.078   -10.334 1.00 38.29  ? 44  LEU A CD2 1 
ATOM   293 N  N   . PRO A 1 45 ? -5.919  7.386   -8.247  1.00 31.47  ? 45  PRO A N   1 
ATOM   294 C  CA  . PRO A 1 45 ? -6.377  8.662   -7.697  1.00 39.73  ? 45  PRO A CA  1 
ATOM   295 C  C   . PRO A 1 45 ? -7.830  8.559   -7.269  1.00 38.19  ? 45  PRO A C   1 
ATOM   296 O  O   . PRO A 1 45 ? -8.603  7.756   -7.797  1.00 40.56  ? 45  PRO A O   1 
ATOM   297 C  CB  . PRO A 1 45 ? -6.205  9.633   -8.868  1.00 34.02  ? 45  PRO A CB  1 
ATOM   298 C  CG  . PRO A 1 45 ? -6.391  8.762   -10.069 1.00 41.65  ? 45  PRO A CG  1 
ATOM   299 C  CD  . PRO A 1 45 ? -5.712  7.461   -9.704  1.00 31.10  ? 45  PRO A CD  1 
ATOM   300 N  N   . ILE A 1 46 ? -8.196  9.371   -6.283  1.00 49.33  ? 46  ILE A N   1 
ATOM   301 C  CA  . ILE A 1 46 ? -9.571  9.445   -5.807  1.00 40.72  ? 46  ILE A CA  1 
ATOM   302 C  C   . ILE A 1 46 ? -10.262 10.585  -6.540  1.00 42.09  ? 46  ILE A C   1 
ATOM   303 O  O   . ILE A 1 46 ? -9.720  11.693  -6.633  1.00 55.12  ? 46  ILE A O   1 
ATOM   304 C  CB  . ILE A 1 46 ? -9.624  9.630   -4.281  1.00 48.51  ? 46  ILE A CB  1 
ATOM   305 C  CG1 . ILE A 1 46 ? -9.241  8.316   -3.590  1.00 42.78  ? 46  ILE A CG1 1 
ATOM   306 C  CG2 . ILE A 1 46 ? -11.012 10.080  -3.836  1.00 43.06  ? 46  ILE A CG2 1 
ATOM   307 C  CD1 . ILE A 1 46 ? -8.706  8.488   -2.188  1.00 43.33  ? 46  ILE A CD1 1 
ATOM   308 N  N   . GLN A 1 47 ? -11.445 10.300  -7.082  1.00 50.04  ? 47  GLN A N   1 
ATOM   309 C  CA  . GLN A 1 47 ? -12.141 11.247  -7.946  1.00 54.72  ? 47  GLN A CA  1 
ATOM   310 C  C   . GLN A 1 47 ? -12.420 12.559  -7.227  1.00 57.10  ? 47  GLN A C   1 
ATOM   311 O  O   . GLN A 1 47 ? -12.764 12.573  -6.042  1.00 59.38  ? 47  GLN A O   1 
ATOM   312 C  CB  . GLN A 1 47 ? -13.461 10.644  -8.432  1.00 60.47  ? 47  GLN A CB  1 
ATOM   313 C  CG  . GLN A 1 47 ? -13.556 10.464  -9.932  1.00 73.18  ? 47  GLN A CG  1 
ATOM   314 C  CD  . GLN A 1 47 ? -14.993 10.424  -10.415 1.00 82.11  ? 47  GLN A CD  1 
ATOM   315 O  OE1 . GLN A 1 47 ? -15.782 9.579   -9.989  1.00 86.71  ? 47  GLN A OE1 1 
ATOM   316 N  NE2 . GLN A 1 47 ? -15.342 11.342  -11.309 1.00 82.50  ? 47  GLN A NE2 1 
ATOM   317 N  N   . ASP A 1 48 ? -12.278 13.661  -7.967  1.00 63.85  ? 48  ASP A N   1 
ATOM   318 C  CA  . ASP A 1 48 ? -12.588 15.010  -7.490  1.00 74.88  ? 48  ASP A CA  1 
ATOM   319 C  C   . ASP A 1 48 ? -11.996 15.243  -6.102  1.00 64.20  ? 48  ASP A C   1 
ATOM   320 O  O   . ASP A 1 48 ? -12.694 15.515  -5.124  1.00 58.98  ? 48  ASP A O   1 
ATOM   321 C  CB  . ASP A 1 48 ? -14.099 15.248  -7.500  1.00 90.05  ? 48  ASP A CB  1 
ATOM   322 C  CG  . ASP A 1 48 ? -14.681 15.220  -8.899  1.00 103.30 ? 48  ASP A CG  1 
ATOM   323 O  OD1 . ASP A 1 48 ? -14.067 15.814  -9.811  1.00 107.22 ? 48  ASP A OD1 1 
ATOM   324 O  OD2 . ASP A 1 48 ? -15.746 14.597  -9.088  1.00 109.74 ? 48  ASP A OD2 1 
ATOM   325 N  N   . SER A 1 49 ? -10.674 15.119  -6.039  1.00 52.77  ? 49  SER A N   1 
ATOM   326 C  CA  . SER A 1 49 ? -9.964  15.036  -4.773  1.00 50.83  ? 49  SER A CA  1 
ATOM   327 C  C   . SER A 1 49 ? -8.485  15.278  -5.029  1.00 53.32  ? 49  SER A C   1 
ATOM   328 O  O   . SER A 1 49 ? -8.017  15.236  -6.171  1.00 54.85  ? 49  SER A O   1 
ATOM   329 C  CB  . SER A 1 49 ? -10.183 13.671  -4.105  1.00 48.10  ? 49  SER A CB  1 
ATOM   330 O  OG  . SER A 1 49 ? -9.096  13.306  -3.273  1.00 51.60  ? 49  SER A OG  1 
ATOM   331 N  N   . ASP A 1 50 ? -7.760  15.540  -3.947  1.00 47.71  ? 50  ASP A N   1 
ATOM   332 C  CA  . ASP A 1 50 ? -6.316  15.684  -3.999  1.00 48.22  ? 50  ASP A CA  1 
ATOM   333 C  C   . ASP A 1 50 ? -5.592  14.471  -3.425  1.00 45.86  ? 50  ASP A C   1 
ATOM   334 O  O   . ASP A 1 50 ? -4.384  14.543  -3.178  1.00 40.13  ? 50  ASP A O   1 
ATOM   335 C  CB  . ASP A 1 50 ? -5.892  16.964  -3.269  1.00 52.75  ? 50  ASP A CB  1 
ATOM   336 C  CG  . ASP A 1 50 ? -5.883  16.808  -1.760  1.00 56.70  ? 50  ASP A CG  1 
ATOM   337 O  OD1 . ASP A 1 50 ? -6.764  16.108  -1.220  1.00 51.58  ? 50  ASP A OD1 1 
ATOM   338 O  OD2 . ASP A 1 50 ? -4.999  17.404  -1.111  1.00 64.31  ? 50  ASP A OD2 1 
ATOM   339 N  N   . LYS A 1 51 ? -6.300  13.360  -3.218  1.00 41.60  ? 51  LYS A N   1 
ATOM   340 C  CA  . LYS A 1 51 ? -5.731  12.155  -2.636  1.00 36.83  ? 51  LYS A CA  1 
ATOM   341 C  C   . LYS A 1 51 ? -5.692  11.028  -3.655  1.00 34.24  ? 51  LYS A C   1 
ATOM   342 O  O   . LYS A 1 51 ? -6.246  11.114  -4.753  1.00 40.27  ? 51  LYS A O   1 
ATOM   343 C  CB  . LYS A 1 51 ? -6.536  11.662  -1.430  1.00 45.85  ? 51  LYS A CB  1 
ATOM   344 C  CG  . LYS A 1 51 ? -6.909  12.689  -0.413  1.00 46.92  ? 51  LYS A CG  1 
ATOM   345 C  CD  . LYS A 1 51 ? -5.883  12.776  0.679   1.00 64.09  ? 51  LYS A CD  1 
ATOM   346 C  CE  . LYS A 1 51 ? -6.498  13.514  1.836   1.00 72.70  ? 51  LYS A CE  1 
ATOM   347 N  NZ  . LYS A 1 51 ? -7.122  14.771  1.353   1.00 75.09  ? 51  LYS A NZ  1 
ATOM   348 N  N   . SER A 1 52 ? -5.051  9.939   -3.239  1.00 34.27  ? 52  SER A N   1 
ATOM   349 C  CA  . SER A 1 52 ? -5.035  8.693   -3.986  1.00 33.29  ? 52  SER A CA  1 
ATOM   350 C  C   . SER A 1 52 ? -5.105  7.534   -3.004  1.00 36.26  ? 52  SER A C   1 
ATOM   351 O  O   . SER A 1 52 ? -4.803  7.679   -1.815  1.00 29.32  ? 52  SER A O   1 
ATOM   352 C  CB  . SER A 1 52 ? -3.780  8.564   -4.859  1.00 27.76  ? 52  SER A CB  1 
ATOM   353 O  OG  . SER A 1 52 ? -3.601  9.709   -5.672  1.00 31.93  ? 52  SER A OG  1 
ATOM   354 N  N   . HIS A 1 53 ? -5.512  6.377   -3.515  1.00 27.68  ? 53  HIS A N   1 
ATOM   355 C  CA  . HIS A 1 53 ? -5.504  5.141   -2.748  1.00 31.16  ? 53  HIS A CA  1 
ATOM   356 C  C   . HIS A 1 53 ? -4.345  4.262   -3.194  1.00 36.02  ? 53  HIS A C   1 
ATOM   357 O  O   . HIS A 1 53 ? -4.089  4.116   -4.393  1.00 31.60  ? 53  HIS A O   1 
ATOM   358 C  CB  . HIS A 1 53 ? -6.822  4.383   -2.909  1.00 28.50  ? 53  HIS A CB  1 
ATOM   359 C  CG  . HIS A 1 53 ? -7.884  4.800   -1.942  1.00 40.28  ? 53  HIS A CG  1 
ATOM   360 N  ND1 . HIS A 1 53 ? -9.188  5.035   -2.324  1.00 45.18  ? 53  HIS A ND1 1 
ATOM   361 C  CD2 . HIS A 1 53 ? -7.836  5.026   -0.608  1.00 39.73  ? 53  HIS A CD2 1 
ATOM   362 C  CE1 . HIS A 1 53 ? -9.898  5.385   -1.266  1.00 46.17  ? 53  HIS A CE1 1 
ATOM   363 N  NE2 . HIS A 1 53 ? -9.101  5.391   -0.213  1.00 49.96  ? 53  HIS A NE2 1 
ATOM   364 N  N   . ILE A 1 54 ? -3.645  3.683   -2.223  1.00 34.53  ? 54  ILE A N   1 
ATOM   365 C  CA  . ILE A 1 54 ? -2.560  2.741   -2.477  1.00 22.60  ? 54  ILE A CA  1 
ATOM   366 C  C   . ILE A 1 54 ? -2.915  1.428   -1.795  1.00 29.85  ? 54  ILE A C   1 
ATOM   367 O  O   . ILE A 1 54 ? -3.099  1.384   -0.573  1.00 32.98  ? 54  ILE A O   1 
ATOM   368 C  CB  . ILE A 1 54 ? -1.206  3.265   -1.973  1.00 29.39  ? 54  ILE A CB  1 
ATOM   369 C  CG1 . ILE A 1 54 ? -0.878  4.614   -2.609  1.00 29.35  ? 54  ILE A CG1 1 
ATOM   370 C  CG2 . ILE A 1 54 ? -0.100  2.259   -2.280  1.00 30.66  ? 54  ILE A CG2 1 
ATOM   371 C  CD1 . ILE A 1 54 ? 0.452   5.202   -2.160  1.00 23.06  ? 54  ILE A CD1 1 
ATOM   372 N  N   . TRP A 1 55 ? -3.017  0.362   -2.582  1.00 28.22  ? 55  TRP A N   1 
ATOM   373 C  CA  . TRP A 1 55 ? -3.182  -0.986  -2.059  1.00 23.92  ? 55  TRP A CA  1 
ATOM   374 C  C   . TRP A 1 55 ? -1.867  -1.732  -2.219  1.00 29.81  ? 55  TRP A C   1 
ATOM   375 O  O   . TRP A 1 55 ? -1.308  -1.787  -3.320  1.00 26.28  ? 55  TRP A O   1 
ATOM   376 C  CB  . TRP A 1 55 ? -4.301  -1.736  -2.779  1.00 25.18  ? 55  TRP A CB  1 
ATOM   377 C  CG  . TRP A 1 55 ? -5.677  -1.154  -2.606  1.00 33.62  ? 55  TRP A CG  1 
ATOM   378 C  CD1 . TRP A 1 55 ? -6.597  -1.500  -1.661  1.00 35.58  ? 55  TRP A CD1 1 
ATOM   379 C  CD2 . TRP A 1 55 ? -6.302  -0.160  -3.430  1.00 26.95  ? 55  TRP A CD2 1 
ATOM   380 N  NE1 . TRP A 1 55 ? -7.750  -0.769  -1.832  1.00 39.70  ? 55  TRP A NE1 1 
ATOM   381 C  CE2 . TRP A 1 55 ? -7.595  0.058   -2.912  1.00 33.34  ? 55  TRP A CE2 1 
ATOM   382 C  CE3 . TRP A 1 55 ? -5.891  0.572   -4.549  1.00 29.22  ? 55  TRP A CE3 1 
ATOM   383 C  CZ2 . TRP A 1 55 ? -8.483  0.978   -3.472  1.00 30.58  ? 55  TRP A CZ2 1 
ATOM   384 C  CZ3 . TRP A 1 55 ? -6.773  1.485   -5.106  1.00 31.53  ? 55  TRP A CZ3 1 
ATOM   385 C  CH2 . TRP A 1 55 ? -8.058  1.675   -4.569  1.00 32.74  ? 55  TRP A CH2 1 
ATOM   386 N  N   . LEU A 1 56 ? -1.372  -2.296  -1.124  1.00 32.65  ? 56  LEU A N   1 
ATOM   387 C  CA  . LEU A 1 56 ? -0.123  -3.043  -1.126  1.00 35.90  ? 56  LEU A CA  1 
ATOM   388 C  C   . LEU A 1 56 ? -0.387  -4.470  -0.674  1.00 30.20  ? 56  LEU A C   1 
ATOM   389 O  O   . LEU A 1 56 ? -0.938  -4.693  0.409   1.00 33.24  ? 56  LEU A O   1 
ATOM   390 C  CB  . LEU A 1 56 ? 0.922   -2.386  -0.220  1.00 23.67  ? 56  LEU A CB  1 
ATOM   391 C  CG  . LEU A 1 56 ? 1.347   -0.957  -0.555  1.00 32.74  ? 56  LEU A CG  1 
ATOM   392 C  CD1 . LEU A 1 56 ? 2.327   -0.434  0.490   1.00 31.20  ? 56  LEU A CD1 1 
ATOM   393 C  CD2 . LEU A 1 56 ? 1.949   -0.878  -1.946  1.00 35.93  ? 56  LEU A CD2 1 
ATOM   394 N  N   . LEU A 1 57 ? 0.004   -5.429  -1.507  1.00 31.85  ? 57  LEU A N   1 
ATOM   395 C  CA  . LEU A 1 57 ? -0.067  -6.846  -1.175  1.00 36.70  ? 57  LEU A CA  1 
ATOM   396 C  C   . LEU A 1 57 ? 1.292   -7.280  -0.640  1.00 38.13  ? 57  LEU A C   1 
ATOM   397 O  O   . LEU A 1 57 ? 2.289   -7.252  -1.369  1.00 34.58  ? 57  LEU A O   1 
ATOM   398 C  CB  . LEU A 1 57 ? -0.463  -7.672  -2.400  1.00 29.24  ? 57  LEU A CB  1 
ATOM   399 C  CG  . LEU A 1 57 ? -0.544  -9.191  -2.230  1.00 40.42  ? 57  LEU A CG  1 
ATOM   400 C  CD1 . LEU A 1 57 ? -1.671  -9.568  -1.290  1.00 41.97  ? 57  LEU A CD1 1 
ATOM   401 C  CD2 . LEU A 1 57 ? -0.732  -9.869  -3.576  1.00 39.54  ? 57  LEU A CD2 1 
ATOM   402 N  N   . VAL A 1 58 ? 1.332   -7.664  0.636   1.00 38.77  ? 58  VAL A N   1 
ATOM   403 C  CA  . VAL A 1 58 ? 2.569   -8.040  1.310   1.00 32.69  ? 58  VAL A CA  1 
ATOM   404 C  C   . VAL A 1 58 ? 2.331   -9.313  2.111   1.00 42.34  ? 58  VAL A C   1 
ATOM   405 O  O   . VAL A 1 58 ? 1.195   -9.674  2.427   1.00 42.71  ? 58  VAL A O   1 
ATOM   406 C  CB  . VAL A 1 58 ? 3.098   -6.924  2.243   1.00 42.18  ? 58  VAL A CB  1 
ATOM   407 C  CG1 . VAL A 1 58 ? 3.401   -5.647  1.459   1.00 29.01  ? 58  VAL A CG1 1 
ATOM   408 C  CG2 . VAL A 1 58 ? 2.101   -6.652  3.359   1.00 36.36  ? 58  VAL A CG2 1 
ATOM   409 N  N   . ASN A 1 59 ? 3.425   -9.995  2.438   1.00 39.52  ? 59  ASN A N   1 
ATOM   410 C  CA  . ASN A 1 59 ? 3.332   -11.192 3.260   1.00 47.70  ? 59  ASN A CA  1 
ATOM   411 C  C   . ASN A 1 59 ? 2.971   -10.817 4.692   1.00 56.31  ? 59  ASN A C   1 
ATOM   412 O  O   . ASN A 1 59 ? 3.474   -9.831  5.238   1.00 58.24  ? 59  ASN A O   1 
ATOM   413 C  CB  . ASN A 1 59 ? 4.651   -11.964 3.227   1.00 59.33  ? 59  ASN A CB  1 
ATOM   414 C  CG  . ASN A 1 59 ? 4.716   -13.054 4.281   1.00 73.75  ? 59  ASN A CG  1 
ATOM   415 O  OD1 . ASN A 1 59 ? 5.353   -12.891 5.322   1.00 77.82  ? 59  ASN A OD1 1 
ATOM   416 N  ND2 . ASN A 1 59 ? 4.045   -14.171 4.018   1.00 76.12  ? 59  ASN A ND2 1 
ATOM   417 N  N   . ASP A 1 60 ? 2.076   -11.599 5.293   1.00 56.67  ? 60  ASP A N   1 
ATOM   418 C  CA  . ASP A 1 60 ? 1.723   -11.395 6.691   1.00 68.03  ? 60  ASP A CA  1 
ATOM   419 C  C   . ASP A 1 60 ? 2.954   -11.606 7.562   1.00 76.39  ? 60  ASP A C   1 
ATOM   420 O  O   . ASP A 1 60 ? 3.566   -12.676 7.534   1.00 80.34  ? 60  ASP A O   1 
ATOM   421 C  CB  . ASP A 1 60 ? 0.602   -12.346 7.100   1.00 75.87  ? 60  ASP A CB  1 
ATOM   422 C  CG  . ASP A 1 60 ? -0.210  -11.820 8.265   1.00 88.37  ? 60  ASP A CG  1 
ATOM   423 O  OD1 . ASP A 1 60 ? 0.182   -10.782 8.843   1.00 87.95  ? 60  ASP A OD1 1 
ATOM   424 O  OD2 . ASP A 1 60 ? -1.247  -12.433 8.596   1.00 93.39  ? 60  ASP A OD2 1 
ATOM   425 N  N   . ASP A 1 61 ? 3.321   -10.584 8.332   1.00 79.35  ? 61  ASP A N   1 
ATOM   426 C  CA  . ASP A 1 61 ? 4.638   -10.561 8.947   1.00 79.96  ? 61  ASP A CA  1 
ATOM   427 C  C   . ASP A 1 61 ? 4.571   -9.940  10.337  1.00 81.02  ? 61  ASP A C   1 
ATOM   428 O  O   . ASP A 1 61 ? 3.768   -9.037  10.587  1.00 73.01  ? 61  ASP A O   1 
ATOM   429 C  CB  . ASP A 1 61 ? 5.623   -9.780  8.069   1.00 76.79  ? 61  ASP A CB  1 
ATOM   430 C  CG  . ASP A 1 61 ? 7.067   -9.987  8.478   1.00 88.34  ? 61  ASP A CG  1 
ATOM   431 O  OD1 . ASP A 1 61 ? 7.380   -9.867  9.681   1.00 95.81  ? 61  ASP A OD1 1 
ATOM   432 O  OD2 . ASP A 1 61 ? 7.893   -10.276 7.588   1.00 91.09  ? 61  ASP A OD2 1 
ATOM   433 N  N   . GLN A 1 62 ? 5.437   -10.432 11.228  1.00 81.55  ? 62  GLN A N   1 
ATOM   434 C  CA  . GLN A 1 62 ? 5.597   -9.809  12.539  1.00 81.14  ? 62  GLN A CA  1 
ATOM   435 C  C   . GLN A 1 62 ? 6.073   -8.366  12.412  1.00 80.00  ? 62  GLN A C   1 
ATOM   436 O  O   . GLN A 1 62 ? 5.619   -7.488  13.157  1.00 85.08  ? 62  GLN A O   1 
ATOM   437 C  CB  . GLN A 1 62 ? 6.567   -10.635 13.393  1.00 86.06  ? 62  GLN A CB  1 
ATOM   438 C  CG  . GLN A 1 62 ? 8.018   -10.575 12.921  1.00 93.34  ? 62  GLN A CG  1 
ATOM   439 C  CD  . GLN A 1 62 ? 9.027   -10.768 14.037  1.00 109.01 ? 62  GLN A CD  1 
ATOM   440 O  OE1 . GLN A 1 62 ? 8.769   -11.470 15.016  1.00 115.91 ? 62  GLN A OE1 1 
ATOM   441 N  NE2 . GLN A 1 62 ? 10.185  -10.132 13.897  1.00 104.81 ? 62  GLN A NE2 1 
ATOM   442 N  N   . ARG A 1 63 ? 6.970   -8.094  11.458  1.00 74.68  ? 63  ARG A N   1 
ATOM   443 C  CA  . ARG A 1 63 ? 7.495   -6.749  11.267  1.00 79.53  ? 63  ARG A CA  1 
ATOM   444 C  C   . ARG A 1 63 ? 6.452   -5.788  10.713  1.00 79.14  ? 63  ARG A C   1 
ATOM   445 O  O   . ARG A 1 63 ? 6.661   -4.573  10.776  1.00 82.52  ? 63  ARG A O   1 
ATOM   446 C  CB  . ARG A 1 63 ? 8.703   -6.776  10.326  1.00 85.08  ? 63  ARG A CB  1 
ATOM   447 C  CG  . ARG A 1 63 ? 9.753   -7.836  10.642  1.00 98.11  ? 63  ARG A CG  1 
ATOM   448 C  CD  . ARG A 1 63 ? 10.191  -8.567  9.378   1.00 101.10 ? 63  ARG A CD  1 
ATOM   449 N  NE  . ARG A 1 63 ? 10.860  -7.676  8.432   1.00 102.82 ? 63  ARG A NE  1 
ATOM   450 C  CZ  . ARG A 1 63 ? 11.035  -7.948  7.143   1.00 104.17 ? 63  ARG A CZ  1 
ATOM   451 N  NH1 . ARG A 1 63 ? 11.654  -7.075  6.360   1.00 103.84 ? 63  ARG A NH1 1 
ATOM   452 N  NH2 . ARG A 1 63 ? 10.587  -9.087  6.632   1.00 103.97 ? 63  ARG A NH2 1 
ATOM   453 N  N   . LEU A 1 64 ? 5.340   -6.306  10.189  1.00 69.08  ? 64  LEU A N   1 
ATOM   454 C  CA  . LEU A 1 64 ? 4.368   -5.467  9.494   1.00 65.48  ? 64  LEU A CA  1 
ATOM   455 C  C   . LEU A 1 64 ? 3.740   -4.442  10.431  1.00 61.87  ? 64  LEU A C   1 
ATOM   456 O  O   . LEU A 1 64 ? 3.474   -3.305  10.023  1.00 58.56  ? 64  LEU A O   1 
ATOM   457 C  CB  . LEU A 1 64 ? 3.296   -6.351  8.856   1.00 63.46  ? 64  LEU A CB  1 
ATOM   458 C  CG  . LEU A 1 64 ? 2.523   -5.798  7.664   1.00 61.09  ? 64  LEU A CG  1 
ATOM   459 C  CD1 . LEU A 1 64 ? 3.500   -5.371  6.585   1.00 48.86  ? 64  LEU A CD1 1 
ATOM   460 C  CD2 . LEU A 1 64 ? 1.557   -6.845  7.126   1.00 66.56  ? 64  LEU A CD2 1 
ATOM   461 N  N   . GLU A 1 65 ? 3.500   -4.822  11.689  1.00 67.49  ? 65  GLU A N   1 
ATOM   462 C  CA  . GLU A 1 65 ? 2.870   -3.906  12.637  1.00 65.72  ? 65  GLU A CA  1 
ATOM   463 C  C   . GLU A 1 65 ? 3.751   -2.693  12.902  1.00 65.71  ? 65  GLU A C   1 
ATOM   464 O  O   . GLU A 1 65 ? 3.252   -1.567  13.020  1.00 69.82  ? 65  GLU A O   1 
ATOM   465 C  CB  . GLU A 1 65 ? 2.555   -4.643  13.937  1.00 72.71  ? 65  GLU A CB  1 
ATOM   466 C  CG  . GLU A 1 65 ? 1.845   -3.800  14.980  1.00 81.81  ? 65  GLU A CG  1 
ATOM   467 C  CD  . GLU A 1 65 ? 2.006   -4.359  16.381  1.00 101.09 ? 65  GLU A CD  1 
ATOM   468 O  OE1 . GLU A 1 65 ? 3.099   -4.200  16.966  1.00 107.83 ? 65  GLU A OE1 1 
ATOM   469 O  OE2 . GLU A 1 65 ? 1.040   -4.960  16.896  1.00 105.26 ? 65  GLU A OE2 1 
ATOM   470 N  N   . GLN A 1 66 ? 5.066   -2.900  13.001  1.00 68.23  ? 66  GLN A N   1 
ATOM   471 C  CA  . GLN A 1 66 ? 5.986   -1.779  13.161  1.00 73.49  ? 66  GLN A CA  1 
ATOM   472 C  C   . GLN A 1 66 ? 6.019   -0.910  11.909  1.00 68.01  ? 66  GLN A C   1 
ATOM   473 O  O   . GLN A 1 66 ? 6.082   0.321   11.999  1.00 69.13  ? 66  GLN A O   1 
ATOM   474 C  CB  . GLN A 1 66 ? 7.390   -2.293  13.489  1.00 79.25  ? 66  GLN A CB  1 
ATOM   475 C  CG  . GLN A 1 66 ? 8.462   -1.209  13.503  1.00 88.14  ? 66  GLN A CG  1 
ATOM   476 C  CD  . GLN A 1 66 ? 9.629   -1.518  12.581  1.00 100.81 ? 66  GLN A CD  1 
ATOM   477 O  OE1 . GLN A 1 66 ? 9.456   -1.677  11.370  1.00 106.12 ? 66  GLN A OE1 1 
ATOM   478 N  NE2 . GLN A 1 66 ? 10.827  -1.597  13.149  1.00 97.67  ? 66  GLN A NE2 1 
ATOM   479 N  N   . MET A 1 67 ? 5.973   -1.536  10.730  1.00 57.38  ? 67  MET A N   1 
ATOM   480 C  CA  . MET A 1 67 ? 6.088   -0.781  9.487   1.00 60.56  ? 67  MET A CA  1 
ATOM   481 C  C   . MET A 1 67 ? 4.822   0.009   9.179   1.00 59.66  ? 67  MET A C   1 
ATOM   482 O  O   . MET A 1 67 ? 4.905   1.093   8.590   1.00 55.49  ? 67  MET A O   1 
ATOM   483 C  CB  . MET A 1 67 ? 6.432   -1.721  8.334   1.00 67.86  ? 67  MET A CB  1 
ATOM   484 C  CG  . MET A 1 67 ? 7.655   -2.577  8.607   1.00 73.66  ? 67  MET A CG  1 
ATOM   485 S  SD  . MET A 1 67 ? 8.417   -3.153  7.090   1.00 74.50  ? 67  MET A SD  1 
ATOM   486 C  CE  . MET A 1 67 ? 8.487   -1.610  6.183   1.00 63.91  ? 67  MET A CE  1 
ATOM   487 N  N   . ILE A 1 68 ? 3.651   -0.510  9.555   1.00 62.74  ? 68  ILE A N   1 
ATOM   488 C  CA  . ILE A 1 68 ? 2.431   0.290   9.469   1.00 61.68  ? 68  ILE A CA  1 
ATOM   489 C  C   . ILE A 1 68 ? 2.594   1.572   10.274  1.00 58.86  ? 68  ILE A C   1 
ATOM   490 O  O   . ILE A 1 68 ? 2.158   2.652   9.856   1.00 61.19  ? 68  ILE A O   1 
ATOM   491 C  CB  . ILE A 1 68 ? 1.217   -0.533  9.944   1.00 60.27  ? 68  ILE A CB  1 
ATOM   492 C  CG1 . ILE A 1 68 ? 0.890   -1.641  8.943   1.00 48.68  ? 68  ILE A CG1 1 
ATOM   493 C  CG2 . ILE A 1 68 ? 0.007   0.363   10.157  1.00 56.77  ? 68  ILE A CG2 1 
ATOM   494 C  CD1 . ILE A 1 68 ? -0.020  -2.716  9.505   1.00 47.63  ? 68  ILE A CD1 1 
ATOM   495 N  N   . SER A 1 69 ? 3.249   1.475   11.434  1.00 53.25  ? 69  SER A N   1 
ATOM   496 C  CA  . SER A 1 69 ? 3.493   2.654   12.255  1.00 62.41  ? 69  SER A CA  1 
ATOM   497 C  C   . SER A 1 69 ? 4.401   3.649   11.541  1.00 55.35  ? 69  SER A C   1 
ATOM   498 O  O   . SER A 1 69 ? 4.146   4.858   11.565  1.00 54.65  ? 69  SER A O   1 
ATOM   499 C  CB  . SER A 1 69 ? 4.098   2.239   13.596  1.00 71.71  ? 69  SER A CB  1 
ATOM   500 O  OG  . SER A 1 69 ? 3.103   1.723   14.462  1.00 83.95  ? 69  SER A OG  1 
ATOM   501 N  N   . GLN A 1 70 ? 5.468   3.162   10.899  1.00 55.07  ? 70  GLN A N   1 
ATOM   502 C  CA  . GLN A 1 70 ? 6.336   4.055   10.135  1.00 57.53  ? 70  GLN A CA  1 
ATOM   503 C  C   . GLN A 1 70 ? 5.579   4.699   8.983   1.00 52.19  ? 70  GLN A C   1 
ATOM   504 O  O   . GLN A 1 70 ? 5.708   5.905   8.741   1.00 53.73  ? 70  GLN A O   1 
ATOM   505 C  CB  . GLN A 1 70 ? 7.548   3.297   9.592   1.00 68.05  ? 70  GLN A CB  1 
ATOM   506 C  CG  . GLN A 1 70 ? 8.395   2.582   10.622  1.00 79.46  ? 70  GLN A CG  1 
ATOM   507 C  CD  . GLN A 1 70 ? 9.528   1.811   9.972   1.00 91.01  ? 70  GLN A CD  1 
ATOM   508 O  OE1 . GLN A 1 70 ? 10.373  2.390   9.288   1.00 89.82  ? 70  GLN A OE1 1 
ATOM   509 N  NE2 . GLN A 1 70 ? 9.539   0.497   10.162  1.00 98.12  ? 70  GLN A NE2 1 
ATOM   510 N  N   . ILE A 1 71 ? 4.797   3.902   8.252   1.00 43.75  ? 71  ILE A N   1 
ATOM   511 C  CA  . ILE A 1 71 ? 4.004   4.429   7.147   1.00 43.88  ? 71  ILE A CA  1 
ATOM   512 C  C   . ILE A 1 71 ? 3.064   5.519   7.642   1.00 50.96  ? 71  ILE A C   1 
ATOM   513 O  O   . ILE A 1 71 ? 2.872   6.545   6.980   1.00 46.51  ? 71  ILE A O   1 
ATOM   514 C  CB  . ILE A 1 71 ? 3.231   3.285   6.464   1.00 39.87  ? 71  ILE A CB  1 
ATOM   515 C  CG1 . ILE A 1 71 ? 4.192   2.315   5.771   1.00 42.62  ? 71  ILE A CG1 1 
ATOM   516 C  CG2 . ILE A 1 71 ? 2.240   3.836   5.463   1.00 36.22  ? 71  ILE A CG2 1 
ATOM   517 C  CD1 . ILE A 1 71 ? 3.529   1.030   5.319   1.00 37.81  ? 71  ILE A CD1 1 
ATOM   518 N  N   . ASP A 1 72 ? 2.482   5.321   8.829   1.00 55.86  ? 72  ASP A N   1 
ATOM   519 C  CA  . ASP A 1 72 ? 1.509   6.275   9.350   1.00 65.53  ? 72  ASP A CA  1 
ATOM   520 C  C   . ASP A 1 72 ? 2.151   7.630   9.625   1.00 64.49  ? 72  ASP A C   1 
ATOM   521 O  O   . ASP A 1 72 ? 1.535   8.676   9.389   1.00 67.73  ? 72  ASP A O   1 
ATOM   522 C  CB  . ASP A 1 72 ? 0.862   5.716   10.618  1.00 74.44  ? 72  ASP A CB  1 
ATOM   523 C  CG  . ASP A 1 72 ? -0.502  6.319   10.897  1.00 88.87  ? 72  ASP A CG  1 
ATOM   524 O  OD1 . ASP A 1 72 ? -1.355  5.615   11.479  1.00 98.92  ? 72  ASP A OD1 1 
ATOM   525 O  OD2 . ASP A 1 72 ? -0.727  7.495   10.542  1.00 95.41  ? 72  ASP A OD2 1 
ATOM   526 N  N   . LYS A 1 73 ? 3.389   7.634   10.111  1.00 54.32  ? 73  LYS A N   1 
ATOM   527 C  CA  . LYS A 1 73 ? 4.103   8.871   10.404  1.00 53.99  ? 73  LYS A CA  1 
ATOM   528 C  C   . LYS A 1 73 ? 4.661   9.549   9.161   1.00 45.69  ? 73  LYS A C   1 
ATOM   529 O  O   . LYS A 1 73 ? 5.238   10.635  9.277   1.00 60.18  ? 73  LYS A O   1 
ATOM   530 C  CB  . LYS A 1 73 ? 5.241   8.595   11.393  1.00 55.70  ? 73  LYS A CB  1 
ATOM   531 N  N   . LEU A 1 74 ? 4.501   8.948   7.985   1.00 41.62  ? 74  LEU A N   1 
ATOM   532 C  CA  . LEU A 1 74 ? 5.107   9.485   6.777   1.00 50.12  ? 74  LEU A CA  1 
ATOM   533 C  C   . LEU A 1 74 ? 4.491   10.829  6.403   1.00 73.30  ? 74  LEU A C   1 
ATOM   534 O  O   . LEU A 1 74 ? 3.413   11.211  6.871   1.00 79.07  ? 74  LEU A O   1 
ATOM   535 C  CB  . LEU A 1 74 ? 4.937   8.513   5.610   1.00 44.42  ? 74  LEU A CB  1 
ATOM   536 C  CG  . LEU A 1 74 ? 6.136   7.650   5.224   1.00 50.51  ? 74  LEU A CG  1 
ATOM   537 C  CD1 . LEU A 1 74 ? 5.773   6.770   4.039   1.00 31.16  ? 74  LEU A CD1 1 
ATOM   538 C  CD2 . LEU A 1 74 ? 7.345   8.523   4.912   1.00 48.25  ? 74  LEU A CD2 1 
ATOM   539 N  N   . GLU A 1 75 ? 5.198   11.551  5.541   1.00 86.50  ? 75  GLU A N   1 
ATOM   540 C  CA  . GLU A 1 75 ? 4.658   12.766  4.955   1.00 90.02  ? 75  GLU A CA  1 
ATOM   541 C  C   . GLU A 1 75 ? 3.723   12.395  3.812   1.00 76.38  ? 75  GLU A C   1 
ATOM   542 O  O   . GLU A 1 75 ? 4.042   11.522  3.000   1.00 79.83  ? 75  GLU A O   1 
ATOM   543 C  CB  . GLU A 1 75 ? 5.787   13.670  4.458   1.00 95.00  ? 75  GLU A CB  1 
ATOM   544 N  N   . ASP A 1 76 ? 2.562   13.045  3.772   1.00 63.73  ? 76  ASP A N   1 
ATOM   545 C  CA  . ASP A 1 76 ? 1.501   12.924  2.773   1.00 62.05  ? 76  ASP A CA  1 
ATOM   546 C  C   . ASP A 1 76 ? 0.636   11.681  2.968   1.00 47.72  ? 76  ASP A C   1 
ATOM   547 O  O   . ASP A 1 76 ? -0.230  11.430  2.132   1.00 45.19  ? 76  ASP A O   1 
ATOM   548 C  CB  . ASP A 1 76 ? 2.024   12.922  1.327   1.00 60.33  ? 76  ASP A CB  1 
ATOM   549 C  CG  . ASP A 1 76 ? 2.862   14.141  1.009   1.00 63.85  ? 76  ASP A CG  1 
ATOM   550 O  OD1 . ASP A 1 76 ? 2.283   15.203  0.695   1.00 53.43  ? 76  ASP A OD1 1 
ATOM   551 O  OD2 . ASP A 1 76 ? 4.108   14.034  1.065   1.00 63.12  ? 76  ASP A OD2 1 
ATOM   552 N  N   . VAL A 1 77 ? 0.831   10.903  4.028   1.00 36.36  ? 77  VAL A N   1 
ATOM   553 C  CA  . VAL A 1 77 ? -0.001  9.736   4.312   1.00 34.99  ? 77  VAL A CA  1 
ATOM   554 C  C   . VAL A 1 77 ? -1.027  10.129  5.366   1.00 42.59  ? 77  VAL A C   1 
ATOM   555 O  O   . VAL A 1 77 ? -0.665  10.582  6.458   1.00 50.30  ? 77  VAL A O   1 
ATOM   556 C  CB  . VAL A 1 77 ? 0.846   8.540   4.776   1.00 43.28  ? 77  VAL A CB  1 
ATOM   557 C  CG1 . VAL A 1 77 ? -0.050  7.428   5.289   1.00 42.50  ? 77  VAL A CG1 1 
ATOM   558 C  CG2 . VAL A 1 77 ? 1.723   8.036   3.633   1.00 37.41  ? 77  VAL A CG2 1 
ATOM   559 N  N   . VAL A 1 78 ? -2.310  9.952   5.054   1.00 38.41  ? 78  VAL A N   1 
ATOM   560 C  CA  . VAL A 1 78 ? -3.361  10.424  5.950   1.00 47.00  ? 78  VAL A CA  1 
ATOM   561 C  C   . VAL A 1 78 ? -3.993  9.248   6.686   1.00 48.73  ? 78  VAL A C   1 
ATOM   562 O  O   . VAL A 1 78 ? -4.489  9.401   7.808   1.00 57.52  ? 78  VAL A O   1 
ATOM   563 C  CB  . VAL A 1 78 ? -4.418  11.251  5.187   1.00 57.68  ? 78  VAL A CB  1 
ATOM   564 C  CG1 . VAL A 1 78 ? -3.734  12.195  4.205   1.00 61.01  ? 78  VAL A CG1 1 
ATOM   565 C  CG2 . VAL A 1 78 ? -5.431  10.364  4.486   1.00 62.16  ? 78  VAL A CG2 1 
ATOM   566 N  N   . LYS A 1 79 ? -3.962  8.064   6.078   1.00 45.86  ? 79  LYS A N   1 
ATOM   567 C  CA  . LYS A 1 79 ? -4.551  6.889   6.701   1.00 49.11  ? 79  LYS A CA  1 
ATOM   568 C  C   . LYS A 1 79 ? -3.908  5.639   6.115   1.00 47.34  ? 79  LYS A C   1 
ATOM   569 O  O   . LYS A 1 79 ? -3.652  5.574   4.910   1.00 36.90  ? 79  LYS A O   1 
ATOM   570 C  CB  . LYS A 1 79 ? -6.071  6.848   6.499   1.00 46.83  ? 79  LYS A CB  1 
ATOM   571 N  N   . VAL A 1 80 ? -3.645  4.659   6.975   1.00 42.85  ? 80  VAL A N   1 
ATOM   572 C  CA  . VAL A 1 80 ? -3.119  3.365   6.556   1.00 46.84  ? 80  VAL A CA  1 
ATOM   573 C  C   . VAL A 1 80 ? -3.930  2.285   7.260   1.00 48.68  ? 80  VAL A C   1 
ATOM   574 O  O   . VAL A 1 80 ? -4.062  2.303   8.489   1.00 42.21  ? 80  VAL A O   1 
ATOM   575 C  CB  . VAL A 1 80 ? -1.614  3.215   6.856   1.00 42.85  ? 80  VAL A CB  1 
ATOM   576 C  CG1 . VAL A 1 80 ? -1.302  3.524   8.315   1.00 48.59  ? 80  VAL A CG1 1 
ATOM   577 C  CG2 . VAL A 1 80 ? -1.140  1.819   6.490   1.00 45.39  ? 80  VAL A CG2 1 
ATOM   578 N  N   . GLN A 1 81 ? -4.497  1.364   6.485   1.00 58.03  ? 81  GLN A N   1 
ATOM   579 C  CA  . GLN A 1 81 ? -5.376  0.332   7.014   1.00 62.37  ? 81  GLN A CA  1 
ATOM   580 C  C   . GLN A 1 81 ? -4.848  -1.050  6.670   1.00 57.73  ? 81  GLN A C   1 
ATOM   581 O  O   . GLN A 1 81 ? -4.324  -1.277  5.576   1.00 54.15  ? 81  GLN A O   1 
ATOM   582 C  CB  . GLN A 1 81 ? -6.799  0.475   6.475   1.00 64.31  ? 81  GLN A CB  1 
ATOM   583 C  CG  . GLN A 1 81 ? -7.515  1.735   6.910   1.00 73.11  ? 81  GLN A CG  1 
ATOM   584 C  CD  . GLN A 1 81 ? -8.966  1.738   6.483   1.00 80.45  ? 81  GLN A CD  1 
ATOM   585 O  OE1 . GLN A 1 81 ? -9.870  1.838   7.312   1.00 91.34  ? 81  GLN A OE1 1 
ATOM   586 N  NE2 . GLN A 1 81 ? -9.198  1.618   5.180   1.00 78.82  ? 81  GLN A NE2 1 
ATOM   587 N  N   . ARG A 1 82 ? -5.012  -1.973  7.611   1.00 63.11  ? 82  ARG A N   1 
ATOM   588 C  CA  . ARG A 1 82 ? -4.658  -3.370  7.428   1.00 57.63  ? 82  ARG A CA  1 
ATOM   589 C  C   . ARG A 1 82 ? -5.929  -4.196  7.289   1.00 54.80  ? 82  ARG A C   1 
ATOM   590 O  O   . ARG A 1 82 ? -6.804  -4.148  8.162   1.00 63.38  ? 82  ARG A O   1 
ATOM   591 C  CB  . ARG A 1 82 ? -3.825  -3.873  8.608   1.00 69.27  ? 82  ARG A CB  1 
ATOM   592 C  CG  . ARG A 1 82 ? -3.448  -5.346  8.548   1.00 73.34  ? 82  ARG A CG  1 
ATOM   593 C  CD  . ARG A 1 82 ? -2.786  -5.768  9.851   1.00 79.01  ? 82  ARG A CD  1 
ATOM   594 N  NE  . ARG A 1 82 ? -2.815  -7.213  10.060  1.00 91.83  ? 82  ARG A NE  1 
ATOM   595 C  CZ  . ARG A 1 82 ? -1.768  -8.013  9.882   1.00 100.40 ? 82  ARG A CZ  1 
ATOM   596 N  NH1 . ARG A 1 82 ? -0.606  -7.505  9.494   1.00 100.04 ? 82  ARG A NH1 1 
ATOM   597 N  NH2 . ARG A 1 82 ? -1.879  -9.317  10.097  1.00 105.05 ? 82  ARG A NH2 1 
ATOM   598 N  N   . ASN A 1 83 ? -6.039  -4.925  6.177   1.00 52.68  ? 83  ASN A N   1 
ATOM   599 C  CA  . ASN A 1 83 ? -7.039  -5.984  6.015   1.00 64.89  ? 83  ASN A CA  1 
ATOM   600 C  C   . ASN A 1 83 ? -8.472  -5.456  6.076   1.00 60.51  ? 83  ASN A C   1 
ATOM   601 O  O   . ASN A 1 83 ? -9.371  -6.118  6.601   1.00 62.16  ? 83  ASN A O   1 
ATOM   602 C  CB  . ASN A 1 83 ? -6.834  -7.090  7.055   1.00 81.88  ? 83  ASN A CB  1 
ATOM   603 C  CG  . ASN A 1 83 ? -5.906  -8.181  6.566   1.00 89.18  ? 83  ASN A CG  1 
ATOM   604 O  OD1 . ASN A 1 83 ? -5.173  -8.000  5.592   1.00 98.25  ? 83  ASN A OD1 1 
ATOM   605 N  ND2 . ASN A 1 83 ? -5.938  -9.328  7.234   1.00 82.90  ? 83  ASN A ND2 1 
ATOM   606 N  N   . GLN A 1 84 ? -8.698  -4.263  5.531   1.00 66.74  ? 84  GLN A N   1 
ATOM   607 C  CA  . GLN A 1 84 ? -10.051 -3.745  5.375   1.00 79.88  ? 84  GLN A CA  1 
ATOM   608 C  C   . GLN A 1 84 ? -10.432 -3.585  3.907   1.00 74.69  ? 84  GLN A C   1 
ATOM   609 O  O   . GLN A 1 84 ? -11.346 -2.820  3.583   1.00 82.90  ? 84  GLN A O   1 
ATOM   610 C  CB  . GLN A 1 84 ? -10.215 -2.424  6.130   1.00 87.58  ? 84  GLN A CB  1 
ATOM   611 C  CG  . GLN A 1 84 ? -10.383 -2.614  7.634   1.00 97.08  ? 84  GLN A CG  1 
ATOM   612 C  CD  . GLN A 1 84 ? -10.673 -1.320  8.370   1.00 107.42 ? 84  GLN A CD  1 
ATOM   613 O  OE1 . GLN A 1 84 ? -9.832  -0.810  9.110   1.00 108.12 ? 84  GLN A OE1 1 
ATOM   614 N  NE2 . GLN A 1 84 ? -11.877 -0.790  8.183   1.00 112.55 ? 84  GLN A NE2 1 
ATOM   615 N  N   . SER A 1 85 ? -9.753  -4.307  3.017   1.00 61.41  ? 85  SER A N   1 
ATOM   616 C  CA  . SER A 1 85 ? -10.024 -4.240  1.587   1.00 62.01  ? 85  SER A CA  1 
ATOM   617 C  C   . SER A 1 85 ? -10.445 -5.602  1.048   1.00 66.89  ? 85  SER A C   1 
ATOM   618 O  O   . SER A 1 85 ? -10.976 -6.437  1.789   1.00 65.67  ? 85  SER A O   1 
ATOM   619 C  CB  . SER A 1 85 ? -8.791  -3.733  0.834   1.00 58.29  ? 85  SER A CB  1 
ATOM   620 O  OG  . SER A 1 85 ? -8.110  -2.738  1.581   1.00 57.16  ? 85  SER A OG  1 
ATOM   621 N  N   . ASP A 1 86 ? -10.204 -5.835  -0.242  1.00 72.97  ? 86  ASP A N   1 
ATOM   622 C  CA  . ASP A 1 86 ? -10.597 -7.078  -0.894  1.00 72.29  ? 86  ASP A CA  1 
ATOM   623 C  C   . ASP A 1 86 ? -9.431  -8.054  -0.847  1.00 62.86  ? 86  ASP A C   1 
ATOM   624 O  O   . ASP A 1 86 ? -8.423  -7.831  -1.541  1.00 68.30  ? 86  ASP A O   1 
ATOM   625 C  CB  . ASP A 1 86 ? -11.017 -6.804  -2.332  1.00 70.97  ? 86  ASP A CB  1 
ATOM   626 C  CG  . ASP A 1 86 ? -11.516 -8.040  -3.050  1.00 73.57  ? 86  ASP A CG  1 
ATOM   627 O  OD1 . ASP A 1 86 ? -11.639 -9.112  -2.418  1.00 79.50  ? 86  ASP A OD1 1 
ATOM   628 O  OD2 . ASP A 1 86 ? -11.796 -7.928  -4.262  1.00 72.23  ? 86  ASP A OD2 1 
ATOM   629 N  N   . PRO A 1 87 ? -9.508  -9.137  -0.070  1.00 60.12  ? 87  PRO A N   1 
ATOM   630 C  CA  . PRO A 1 87 ? -8.335  -10.012 0.099   1.00 59.32  ? 87  PRO A CA  1 
ATOM   631 C  C   . PRO A 1 87 ? -7.825  -10.631 -1.193  1.00 62.08  ? 87  PRO A C   1 
ATOM   632 O  O   . PRO A 1 87 ? -6.622  -10.895 -1.307  1.00 49.70  ? 87  PRO A O   1 
ATOM   633 C  CB  . PRO A 1 87 ? -8.828  -11.092 1.076   1.00 59.48  ? 87  PRO A CB  1 
ATOM   634 C  CG  . PRO A 1 87 ? -10.315 -10.926 1.164   1.00 70.59  ? 87  PRO A CG  1 
ATOM   635 C  CD  . PRO A 1 87 ? -10.621 -9.509  0.820   1.00 69.41  ? 87  PRO A CD  1 
ATOM   636 N  N   . THR A 1 88 ? -8.698  -10.876 -2.172  1.00 69.52  ? 88  THR A N   1 
ATOM   637 C  CA  . THR A 1 88 ? -8.302  -11.488 -3.434  1.00 57.73  ? 88  THR A CA  1 
ATOM   638 C  C   . THR A 1 88 ? -8.250  -10.483 -4.580  1.00 53.87  ? 88  THR A C   1 
ATOM   639 O  O   . THR A 1 88 ? -8.286  -10.882 -5.747  1.00 52.58  ? 88  THR A O   1 
ATOM   640 C  CB  . THR A 1 88 ? -9.256  -12.628 -3.790  1.00 57.81  ? 88  THR A CB  1 
ATOM   641 O  OG1 . THR A 1 88 ? -10.601 -12.234 -3.493  1.00 54.24  ? 88  THR A OG1 1 
ATOM   642 C  CG2 . THR A 1 88 ? -8.916  -13.883 -2.999  1.00 54.21  ? 88  THR A CG2 1 
ATOM   643 N  N   . MET A 1 89 ? -8.151  -9.187  -4.270  1.00 46.32  ? 89  MET A N   1 
ATOM   644 C  CA  . MET A 1 89 ? -8.302  -8.164  -5.300  1.00 46.37  ? 89  MET A CA  1 
ATOM   645 C  C   . MET A 1 89 ? -7.255  -8.294  -6.400  1.00 45.60  ? 89  MET A C   1 
ATOM   646 O  O   . MET A 1 89 ? -7.551  -8.012  -7.567  1.00 50.58  ? 89  MET A O   1 
ATOM   647 C  CB  . MET A 1 89 ? -8.253  -6.770  -4.666  1.00 36.32  ? 89  MET A CB  1 
ATOM   648 C  CG  . MET A 1 89 ? -6.902  -6.372  -4.103  1.00 34.12  ? 89  MET A CG  1 
ATOM   649 S  SD  . MET A 1 89 ? -6.937  -4.711  -3.404  1.00 34.45  ? 89  MET A SD  1 
ATOM   650 C  CE  . MET A 1 89 ? -6.531  -3.724  -4.839  1.00 35.74  ? 89  MET A CE  1 
ATOM   651 N  N   . PHE A 1 90 ? -6.042  -8.732  -6.065  1.00 38.61  ? 90  PHE A N   1 
ATOM   652 C  CA  . PHE A 1 90 ? -5.009  -8.843  -7.087  1.00 35.09  ? 90  PHE A CA  1 
ATOM   653 C  C   . PHE A 1 90 ? -5.164  -10.109 -7.917  1.00 47.77  ? 90  PHE A C   1 
ATOM   654 O  O   . PHE A 1 90 ? -4.763  -10.128 -9.085  1.00 46.67  ? 90  PHE A O   1 
ATOM   655 C  CB  . PHE A 1 90 ? -3.623  -8.778  -6.448  1.00 33.15  ? 90  PHE A CB  1 
ATOM   656 C  CG  . PHE A 1 90 ? -3.250  -7.400  -5.970  1.00 31.32  ? 90  PHE A CG  1 
ATOM   657 C  CD1 . PHE A 1 90 ? -2.862  -6.423  -6.874  1.00 32.04  ? 90  PHE A CD1 1 
ATOM   658 C  CD2 . PHE A 1 90 ? -3.307  -7.074  -4.624  1.00 32.12  ? 90  PHE A CD2 1 
ATOM   659 C  CE1 . PHE A 1 90 ? -2.526  -5.150  -6.445  1.00 26.28  ? 90  PHE A CE1 1 
ATOM   660 C  CE2 . PHE A 1 90 ? -2.967  -5.802  -4.187  1.00 35.83  ? 90  PHE A CE2 1 
ATOM   661 C  CZ  . PHE A 1 90 ? -2.577  -4.839  -5.100  1.00 25.73  ? 90  PHE A CZ  1 
ATOM   662 N  N   . ASN A 1 91 ? -5.741  -11.167 -7.342  1.00 41.26  ? 91  ASN A N   1 
ATOM   663 C  CA  . ASN A 1 91 ? -6.095  -12.331 -8.145  1.00 46.77  ? 91  ASN A CA  1 
ATOM   664 C  C   . ASN A 1 91 ? -7.126  -11.960 -9.202  1.00 46.48  ? 91  ASN A C   1 
ATOM   665 O  O   . ASN A 1 91 ? -7.068  -12.444 -10.340 1.00 51.30  ? 91  ASN A O   1 
ATOM   666 C  CB  . ASN A 1 91 ? -6.633  -13.451 -7.252  1.00 52.11  ? 91  ASN A CB  1 
ATOM   667 C  CG  . ASN A 1 91 ? -5.645  -13.871 -6.182  1.00 56.54  ? 91  ASN A CG  1 
ATOM   668 O  OD1 . ASN A 1 91 ? -5.542  -13.231 -5.135  1.00 70.01  ? 91  ASN A OD1 1 
ATOM   669 N  ND2 . ASN A 1 91 ? -4.921  -14.955 -6.433  1.00 56.66  ? 91  ASN A ND2 1 
ATOM   670 N  N   . LYS A 1 92 ? -8.075  -11.095 -8.843  1.00 45.73  ? 92  LYS A N   1 
ATOM   671 C  CA  . LYS A 1 92 ? -9.143  -10.731 -9.766  1.00 55.52  ? 92  LYS A CA  1 
ATOM   672 C  C   . LYS A 1 92 ? -8.622  -9.840  -10.886 1.00 51.60  ? 92  LYS A C   1 
ATOM   673 O  O   . LYS A 1 92 ? -8.967  -10.032 -12.057 1.00 49.23  ? 92  LYS A O   1 
ATOM   674 C  CB  . LYS A 1 92 ? -10.276 -10.049 -8.999  1.00 54.74  ? 92  LYS A CB  1 
ATOM   675 C  CG  . LYS A 1 92 ? -10.926 -10.953 -7.963  1.00 56.81  ? 92  LYS A CG  1 
ATOM   676 C  CD  . LYS A 1 92 ? -12.166 -10.322 -7.357  1.00 65.30  ? 92  LYS A CD  1 
ATOM   677 C  CE  . LYS A 1 92 ? -12.204 -10.568 -5.858  1.00 68.63  ? 92  LYS A CE  1 
ATOM   678 N  NZ  . LYS A 1 92 ? -13.523 -10.222 -5.262  1.00 78.19  ? 92  LYS A NZ  1 
ATOM   679 N  N   . ILE A 1 93 ? -7.787  -8.857  -10.543 1.00 45.50  ? 93  ILE A N   1 
ATOM   680 C  CA  . ILE A 1 93 ? -7.137  -8.049  -11.570 1.00 46.13  ? 93  ILE A CA  1 
ATOM   681 C  C   . ILE A 1 93 ? -6.294  -8.933  -12.480 1.00 48.33  ? 93  ILE A C   1 
ATOM   682 O  O   . ILE A 1 93 ? -6.233  -8.724  -13.698 1.00 47.33  ? 93  ILE A O   1 
ATOM   683 C  CB  . ILE A 1 93 ? -6.291  -6.938  -10.919 1.00 39.11  ? 93  ILE A CB  1 
ATOM   684 C  CG1 . ILE A 1 93 ? -7.160  -6.045  -10.030 1.00 38.07  ? 93  ILE A CG1 1 
ATOM   685 C  CG2 . ILE A 1 93 ? -5.580  -6.115  -11.979 1.00 35.56  ? 93  ILE A CG2 1 
ATOM   686 C  CD1 . ILE A 1 93 ? -6.371  -5.003  -9.255  1.00 33.84  ? 93  ILE A CD1 1 
ATOM   687 N  N   . ALA A 1 94 ? -5.657  -9.958  -11.907 1.00 44.58  ? 94  ALA A N   1 
ATOM   688 C  CA  . ALA A 1 94 ? -4.751  -10.806 -12.671 1.00 47.74  ? 94  ALA A CA  1 
ATOM   689 C  C   . ALA A 1 94 ? -5.459  -11.580 -13.777 1.00 53.44  ? 94  ALA A C   1 
ATOM   690 O  O   . ALA A 1 94 ? -4.795  -12.043 -14.711 1.00 54.76  ? 94  ALA A O   1 
ATOM   691 C  CB  . ALA A 1 94 ? -4.028  -11.775 -11.734 1.00 44.53  ? 94  ALA A CB  1 
ATOM   692 N  N   . VAL A 1 95 ? -6.784  -11.732 -13.705 1.00 53.88  ? 95  VAL A N   1 
ATOM   693 C  CA  . VAL A 1 95 ? -7.484  -12.431 -14.775 1.00 56.41  ? 95  VAL A CA  1 
ATOM   694 C  C   . VAL A 1 95 ? -7.479  -11.616 -16.061 1.00 56.46  ? 95  VAL A C   1 
ATOM   695 O  O   . VAL A 1 95 ? -7.640  -12.179 -17.149 1.00 60.66  ? 95  VAL A O   1 
ATOM   696 C  CB  . VAL A 1 95 ? -8.933  -12.777 -14.369 1.00 72.24  ? 95  VAL A CB  1 
ATOM   697 C  CG1 . VAL A 1 95 ? -8.979  -13.338 -12.956 1.00 57.89  ? 95  VAL A CG1 1 
ATOM   698 C  CG2 . VAL A 1 95 ? -9.851  -11.571 -14.525 1.00 79.43  ? 95  VAL A CG2 1 
ATOM   699 N  N   . PHE A 1 96 ? -7.279  -10.299 -15.969 1.00 59.58  ? 96  PHE A N   1 
ATOM   700 C  CA  . PHE A 1 96 ? -7.298  -9.424  -17.133 1.00 63.24  ? 96  PHE A CA  1 
ATOM   701 C  C   . PHE A 1 96 ? -5.933  -8.870  -17.506 1.00 57.18  ? 96  PHE A C   1 
ATOM   702 O  O   . PHE A 1 96 ? -5.748  -8.456  -18.654 1.00 70.39  ? 96  PHE A O   1 
ATOM   703 C  CB  . PHE A 1 96 ? -8.256  -8.247  -16.899 1.00 58.94  ? 96  PHE A CB  1 
ATOM   704 C  CG  . PHE A 1 96 ? -9.686  -8.659  -16.712 1.00 66.56  ? 96  PHE A CG  1 
ATOM   705 C  CD1 . PHE A 1 96 ? -10.314 -9.469  -17.644 1.00 75.02  ? 96  PHE A CD1 1 
ATOM   706 C  CD2 . PHE A 1 96 ? -10.402 -8.240  -15.605 1.00 69.22  ? 96  PHE A CD2 1 
ATOM   707 C  CE1 . PHE A 1 96 ? -11.632 -9.849  -17.476 1.00 77.22  ? 96  PHE A CE1 1 
ATOM   708 C  CE2 . PHE A 1 96 ? -11.719 -8.616  -15.429 1.00 76.62  ? 96  PHE A CE2 1 
ATOM   709 C  CZ  . PHE A 1 96 ? -12.335 -9.422  -16.367 1.00 78.40  ? 96  PHE A CZ  1 
ATOM   710 N  N   . PHE A 1 97 ? -4.985  -8.840  -16.574 1.00 51.75  ? 97  PHE A N   1 
ATOM   711 C  CA  . PHE A 1 97 ? -3.655  -8.299  -16.814 1.00 59.72  ? 97  PHE A CA  1 
ATOM   712 C  C   . PHE A 1 97 ? -2.632  -9.298  -16.299 1.00 69.93  ? 97  PHE A C   1 
ATOM   713 O  O   . PHE A 1 97 ? -2.758  -9.794  -15.174 1.00 73.48  ? 97  PHE A O   1 
ATOM   714 C  CB  . PHE A 1 97 ? -3.477  -6.936  -16.128 1.00 42.04  ? 97  PHE A CB  1 
ATOM   715 C  CG  . PHE A 1 97 ? -4.580  -5.958  -16.427 1.00 54.52  ? 97  PHE A CG  1 
ATOM   716 C  CD1 . PHE A 1 97 ? -4.532  -5.159  -17.558 1.00 59.62  ? 97  PHE A CD1 1 
ATOM   717 C  CD2 . PHE A 1 97 ? -5.672  -5.847  -15.581 1.00 56.36  ? 97  PHE A CD2 1 
ATOM   718 C  CE1 . PHE A 1 97 ? -5.555  -4.264  -17.840 1.00 65.86  ? 97  PHE A CE1 1 
ATOM   719 C  CE2 . PHE A 1 97 ? -6.696  -4.956  -15.855 1.00 65.60  ? 97  PHE A CE2 1 
ATOM   720 C  CZ  . PHE A 1 97 ? -6.638  -4.163  -16.986 1.00 64.75  ? 97  PHE A CZ  1 
ATOM   721 N  N   . GLN A 1 98 ? -1.635  -9.603  -17.122 1.00 73.23  ? 98  GLN A N   1 
ATOM   722 C  CA  . GLN A 1 98 ? -0.622  -10.583 -16.748 1.00 75.73  ? 98  GLN A CA  1 
ATOM   723 C  C   . GLN A 1 98 ? 0.788   -10.010 -16.851 1.00 85.17  ? 98  GLN A C   1 
ATOM   724 O  O   . GLN A 1 98 ? 1.452   -9.775  -15.838 1.00 83.82  ? 98  GLN A O   1 
ATOM   725 C  CB  . GLN A 1 98 ? -0.743  -11.832 -17.619 1.00 73.82  ? 98  GLN A CB  1 
ATOM   726 C  CG  . GLN A 1 98 ? -1.976  -12.671 -17.326 1.00 79.63  ? 98  GLN A CG  1 
ATOM   727 C  CD  . GLN A 1 98 ? -3.108  -12.400 -18.297 1.00 87.80  ? 98  GLN A CD  1 
ATOM   728 O  OE1 . GLN A 1 98 ? -2.876  -12.034 -19.450 1.00 91.58  ? 98  GLN A OE1 1 
ATOM   729 N  NE2 . GLN A 1 98 ? -4.341  -12.579 -17.837 1.00 86.33  ? 98  GLN A NE2 1 
ATOM   730 O  OXT . GLN A 1 98 ? 1.296   -9.771  -17.944 1.00 86.64  ? 98  GLN A OXT 1 
HETATM 731 N  N   . ILE B 2 .  ? 1.395   10.384  -7.516  0.50 28.16  ? 101 ILE A N   1 
HETATM 732 C  CA  . ILE B 2 .  ? 2.101   9.903   -6.342  0.50 26.78  ? 101 ILE A CA  1 
HETATM 733 C  C   . ILE B 2 .  ? 3.583   9.707   -6.654  0.50 26.84  ? 101 ILE A C   1 
HETATM 734 O  O   . ILE B 2 .  ? 4.339   9.172   -5.842  0.50 26.03  ? 101 ILE A O   1 
HETATM 735 C  CB  . ILE B 2 .  ? 1.482   8.599   -5.810  0.50 24.74  ? 101 ILE A CB  1 
HETATM 736 C  CG1 . ILE B 2 .  ? 1.413   7.557   -6.916  0.50 23.84  ? 101 ILE A CG1 1 
HETATM 737 C  CG2 . ILE B 2 .  ? 0.103   8.855   -5.215  0.50 26.82  ? 101 ILE A CG2 1 
HETATM 738 C  CD1 . ILE B 2 .  ? 1.432   6.169   -6.393  0.50 34.20  ? 101 ILE A CD1 1 
HETATM 739 O  OXT . ILE B 2 .  ? 4.065   10.076  -7.726  0.50 28.19  ? 101 ILE A OXT 1 
HETATM 740 CO CO  . CO  C 3 .  ? 3.676   17.017  -0.556  0.50 59.08  ? 102 CO  A CO  1 
HETATM 741 O  O   . HOH D 4 .  ? -0.806  16.113  3.869   1.00 64.40  ? 201 HOH A O   1 
HETATM 742 O  O   . HOH D 4 .  ? 10.854  6.037   2.757   1.00 45.72  ? 202 HOH A O   1 
HETATM 743 O  O   . HOH D 4 .  ? 18.782  -0.908  4.669   1.00 58.13  ? 203 HOH A O   1 
HETATM 744 O  O   . HOH D 4 .  ? 18.570  3.450   5.712   1.00 71.59  ? 204 HOH A O   1 
HETATM 745 O  O   . HOH D 4 .  ? 6.567   10.743  -8.120  1.00 31.21  ? 205 HOH A O   1 
HETATM 746 O  O   . HOH D 4 .  ? 6.253   11.776  0.981   1.00 49.54  ? 206 HOH A O   1 
HETATM 747 O  O   . HOH D 4 .  ? 5.769   -9.588  0.894   1.00 36.85  ? 207 HOH A O   1 
HETATM 748 O  O   . HOH D 4 .  ? 0.398   -11.328 -13.815 1.00 56.66  ? 208 HOH A O   1 
HETATM 749 O  O   . HOH D 4 .  ? -6.055  13.203  -6.597  1.00 39.26  ? 209 HOH A O   1 
HETATM 750 O  O   . HOH D 4 .  ? -2.142  8.912   -7.919  1.00 35.65  ? 210 HOH A O   1 
HETATM 751 O  O   . HOH D 4 .  ? 7.067   8.436   -6.098  1.00 34.63  ? 211 HOH A O   1 
HETATM 752 O  O   . HOH D 4 .  ? 11.486  0.326   7.619   1.00 44.58  ? 212 HOH A O   1 
HETATM 753 O  O   . HOH D 4 .  ? 10.109  -11.885 -4.215  1.00 50.06  ? 213 HOH A O   1 
HETATM 754 O  O   . HOH D 4 .  ? -6.995  3.991   3.841   1.00 44.31  ? 214 HOH A O   1 
HETATM 755 O  O   . HOH D 4 .  ? 9.999   -10.106 2.098   1.00 48.11  ? 215 HOH A O   1 
HETATM 756 O  O   . HOH D 4 .  ? 6.550   13.228  -1.169  1.00 52.76  ? 216 HOH A O   1 
HETATM 757 O  O   . HOH D 4 .  ? -10.044 7.399   2.392   1.00 48.05  ? 217 HOH A O   1 
HETATM 758 O  O   . HOH D 4 .  ? -8.432  15.177  4.102   1.00 63.57  ? 218 HOH A O   1 
HETATM 759 O  O   . HOH D 4 .  ? -2.867  18.993  -3.125  1.00 51.35  ? 219 HOH A O   1 
HETATM 760 O  O   . HOH D 4 .  ? -6.836  -0.981  10.395  1.00 61.67  ? 220 HOH A O   1 
HETATM 761 O  O   . HOH D 4 .  ? -7.635  17.303  4.154   1.00 80.54  ? 221 HOH A O   1 
HETATM 762 O  O   . HOH D 4 .  ? -10.726 14.311  -10.825 1.00 60.76  ? 222 HOH A O   1 
HETATM 763 O  O   . HOH D 4 .  ? 12.748  4.713   8.169   1.00 59.96  ? 223 HOH A O   1 
HETATM 764 O  O   . HOH D 4 .  ? -10.588 -6.087  -12.226 1.00 65.43  ? 224 HOH A O   1 
HETATM 765 O  O   . HOH D 4 .  ? -1.202  -12.312 -6.277  1.00 56.89  ? 225 HOH A O   1 
HETATM 766 O  O   . HOH D 4 .  ? -10.771 -4.490  -16.069 1.00 72.91  ? 226 HOH A O   1 
# 
loop_
_atom_site_anisotrop.id 
_atom_site_anisotrop.type_symbol 
_atom_site_anisotrop.pdbx_label_atom_id 
_atom_site_anisotrop.pdbx_label_alt_id 
_atom_site_anisotrop.pdbx_label_comp_id 
_atom_site_anisotrop.pdbx_label_asym_id 
_atom_site_anisotrop.pdbx_label_seq_id 
_atom_site_anisotrop.pdbx_PDB_ins_code 
_atom_site_anisotrop.U[1][1] 
_atom_site_anisotrop.U[2][2] 
_atom_site_anisotrop.U[3][3] 
_atom_site_anisotrop.U[1][2] 
_atom_site_anisotrop.U[1][3] 
_atom_site_anisotrop.U[2][3] 
_atom_site_anisotrop.pdbx_auth_seq_id 
_atom_site_anisotrop.pdbx_auth_comp_id 
_atom_site_anisotrop.pdbx_auth_asym_id 
_atom_site_anisotrop.pdbx_auth_atom_id 
1   N  N   . HIS A 8  ? 1.6298 1.1404 1.4370 -0.1964 -0.0149 0.3512  8   HIS A N   
2   C  CA  . HIS A 8  ? 1.6855 1.1356 1.4912 -0.1737 -0.0521 0.3311  8   HIS A CA  
3   C  C   . HIS A 8  ? 1.6725 1.1307 1.4414 -0.1339 -0.0711 0.3174  8   HIS A C   
4   O  O   . HIS A 8  ? 1.6971 1.1874 1.4248 -0.1216 -0.0599 0.3340  8   HIS A O   
5   C  CB  . HIS A 8  ? 1.6233 1.0718 1.4816 -0.1894 -0.0663 0.2943  8   HIS A CB  
6   C  CG  . HIS A 8  ? 1.6820 1.0797 1.5684 -0.2146 -0.0702 0.2987  8   HIS A CG  
7   N  ND1 . HIS A 8  ? 1.7512 1.0756 1.6365 -0.2009 -0.0970 0.2834  8   HIS A ND1 
8   C  CD2 . HIS A 8  ? 1.7348 1.1444 1.6530 -0.2524 -0.0503 0.3149  8   HIS A CD2 
9   C  CE1 . HIS A 8  ? 1.8139 1.1030 1.7260 -0.2311 -0.0946 0.2901  8   HIS A CE1 
10  N  NE2 . HIS A 8  ? 1.8032 1.1438 1.7367 -0.2638 -0.0671 0.3099  8   HIS A NE2 
11  N  N   . ASP A 9  ? 1.5197 0.9506 1.3031 -0.1133 -0.0995 0.2838  9   ASP A N   
12  C  CA  . ASP A 9  ? 1.3021 0.7325 1.0582 -0.0716 -0.1211 0.2693  9   ASP A CA  
13  C  C   . ASP A 9  ? 1.1599 0.6598 0.9102 -0.0662 -0.1121 0.2518  9   ASP A C   
14  O  O   . ASP A 9  ? 1.0602 0.5870 0.7830 -0.0365 -0.1187 0.2473  9   ASP A O   
15  C  CB  . ASP A 9  ? 1.1832 0.5675 0.9626 -0.0482 -0.1484 0.2341  9   ASP A CB  
16  C  CG  . ASP A 9  ? 1.3563 0.6703 1.1384 -0.0432 -0.1595 0.2474  9   ASP A CG  
17  O  OD1 . ASP A 9  ? 1.3517 0.6495 1.1131 -0.0552 -0.1485 0.2883  9   ASP A OD1 
18  O  OD2 . ASP A 9  ? 1.2901 0.5640 1.0931 -0.0263 -0.1772 0.2162  9   ASP A OD2 
19  N  N   . ASN A 10 ? 1.0116 0.5605 0.7993 -0.0901 -0.0936 0.2327  10  ASN A N   
20  C  CA  . ASN A 10 ? 0.9977 0.6236 0.8001 -0.0780 -0.0824 0.2006  10  ASN A CA  
21  C  C   . ASN A 10 ? 0.9078 0.5915 0.7108 -0.0990 -0.0509 0.2155  10  ASN A C   
22  O  O   . ASN A 10 ? 0.8851 0.5601 0.6861 -0.1274 -0.0339 0.2485  10  ASN A O   
23  C  CB  . ASN A 10 ? 1.0220 0.6601 0.8663 -0.0801 -0.0894 0.1622  10  ASN A CB  
24  C  CG  . ASN A 10 ? 1.1151 0.7241 0.9578 -0.0477 -0.1125 0.1335  10  ASN A CG  
25  O  OD1 . ASN A 10 ? 1.2560 0.8563 1.0771 -0.0184 -0.1235 0.1364  10  ASN A OD1 
26  N  ND2 . ASN A 10 ? 1.0315 0.6301 0.8978 -0.0516 -0.1199 0.1042  10  ASN A ND2 
27  N  N   . VAL A 11 ? 0.8114 0.5550 0.6210 -0.0846 -0.0418 0.1893  11  VAL A N   
28  C  CA  . VAL A 11 ? 0.7205 0.5212 0.5316 -0.0946 -0.0121 0.1935  11  VAL A CA  
29  C  C   . VAL A 11 ? 0.6385 0.4884 0.4928 -0.0905 -0.0079 0.1594  11  VAL A C   
30  O  O   . VAL A 11 ? 0.5273 0.3774 0.3878 -0.0717 -0.0250 0.1325  11  VAL A O   
31  C  CB  . VAL A 11 ? 0.8073 0.6191 0.5614 -0.0758 -0.0070 0.2006  11  VAL A CB  
32  C  CG1 . VAL A 11 ? 0.8341 0.7076 0.5931 -0.0749 0.0197  0.1838  11  VAL A CG1 
33  C  CG2 . VAL A 11 ? 1.0224 0.7956 0.7294 -0.0878 -0.0009 0.2451  11  VAL A CG2 
34  N  N   . ILE A 12 ? 0.6605 0.5529 0.5475 -0.1078 0.0156  0.1627  12  ILE A N   
35  C  CA  . ILE A 12 ? 0.4948 0.4315 0.4217 -0.1030 0.0198  0.1370  12  ILE A CA  
36  C  C   . ILE A 12 ? 0.5677 0.5427 0.4803 -0.0889 0.0411  0.1272  12  ILE A C   
37  O  O   . ILE A 12 ? 0.5808 0.5762 0.4851 -0.0964 0.0671  0.1427  12  ILE A O   
38  C  CB  . ILE A 12 ? 0.5017 0.4615 0.4839 -0.1275 0.0259  0.1447  12  ILE A CB  
39  C  CG1 . ILE A 12 ? 0.4960 0.4128 0.4882 -0.1433 0.0009  0.1474  12  ILE A CG1 
40  C  CG2 . ILE A 12 ? 0.4169 0.4201 0.4368 -0.1188 0.0284  0.1236  12  ILE A CG2 
41  C  CD1 . ILE A 12 ? 0.5818 0.4920 0.5797 -0.1314 -0.0216 0.1190  12  ILE A CD1 
42  N  N   . LEU A 13 ? 0.5053 0.4901 0.4153 -0.0694 0.0318  0.1000  13  LEU A N   
43  C  CA  . LEU A 13 ? 0.4815 0.4979 0.3867 -0.0572 0.0482  0.0823  13  LEU A CA  
44  C  C   . LEU A 13 ? 0.4604 0.5055 0.4205 -0.0587 0.0549  0.0694  13  LEU A C   
45  O  O   . LEU A 13 ? 0.4338 0.4725 0.4159 -0.0585 0.0374  0.0606  13  LEU A O   
46  C  CB  . LEU A 13 ? 0.4690 0.4766 0.3416 -0.0381 0.0313  0.0611  13  LEU A CB  
47  C  CG  . LEU A 13 ? 0.6140 0.5949 0.4311 -0.0301 0.0168  0.0733  13  LEU A CG  
48  C  CD1 . LEU A 13 ? 0.6150 0.6029 0.4139 -0.0115 -0.0018 0.0476  13  LEU A CD1 
49  C  CD2 . LEU A 13 ? 0.6101 0.5921 0.3851 -0.0372 0.0385  0.0964  13  LEU A CD2 
50  N  N   . GLU A 14 ? 0.4126 0.4892 0.3936 -0.0587 0.0805  0.0691  14  GLU A N   
51  C  CA  . GLU A 14 ? 0.4432 0.5461 0.4801 -0.0559 0.0858  0.0602  14  GLU A CA  
52  C  C   . GLU A 14 ? 0.4472 0.5586 0.4788 -0.0375 0.0976  0.0342  14  GLU A C   
53  O  O   . GLU A 14 ? 0.4852 0.6086 0.4940 -0.0307 0.1207  0.0276  14  GLU A O   
54  C  CB  . GLU A 14 ? 0.4454 0.5817 0.5293 -0.0681 0.1044  0.0789  14  GLU A CB  
55  C  CG  . GLU A 14 ? 0.6819 0.8442 0.8302 -0.0642 0.0999  0.0753  14  GLU A CG  
56  C  CD  . GLU A 14 ? 0.8533 1.0627 1.0599 -0.0706 0.1213  0.0895  14  GLU A CD  
57  O  OE1 . GLU A 14 ? 0.9091 1.1474 1.1540 -0.0533 0.1383  0.0786  14  GLU A OE1 
58  O  OE2 . GLU A 14 ? 0.9047 1.1226 1.1244 -0.0929 0.1209  0.1109  14  GLU A OE2 
59  N  N   . LEU A 15 ? 0.3731 0.4755 0.4227 -0.0309 0.0828  0.0189  15  LEU A N   
60  C  CA  . LEU A 15 ? 0.3078 0.4088 0.3592 -0.0168 0.0895  -0.0073 15  LEU A CA  
61  C  C   . LEU A 15 ? 0.3221 0.4352 0.4320 -0.0108 0.0959  -0.0074 15  LEU A C   
62  O  O   . LEU A 15 ? 0.3405 0.4562 0.4824 -0.0178 0.0820  0.0093  15  LEU A O   
63  C  CB  . LEU A 15 ? 0.3916 0.4710 0.4240 -0.0161 0.0679  -0.0229 15  LEU A CB  
64  C  CG  . LEU A 15 ? 0.4639 0.5324 0.4450 -0.0146 0.0554  -0.0316 15  LEU A CG  
65  C  CD1 . LEU A 15 ? 0.4508 0.5122 0.4075 -0.0211 0.0476  -0.0079 15  LEU A CD1 
66  C  CD2 . LEU A 15 ? 0.4579 0.5187 0.4475 -0.0148 0.0365  -0.0482 15  LEU A CD2 
67  N  N   . THR A 16 ? 0.4527 0.5708 0.5738 0.0040  0.1153  -0.0273 16  THR A N   
68  C  CA  . THR A 16 ? 0.3340 0.4503 0.5085 0.0158  0.1172  -0.0328 16  THR A CA  
69  C  C   . THR A 16 ? 0.3801 0.4628 0.5394 0.0202  0.1091  -0.0595 16  THR A C   
70  O  O   . THR A 16 ? 0.3945 0.4691 0.5181 0.0261  0.1184  -0.0869 16  THR A O   
71  C  CB  . THR A 16 ? 0.4384 0.5826 0.6486 0.0323  0.1464  -0.0389 16  THR A CB  
72  O  OG1 . THR A 16 ? 0.4809 0.6624 0.7049 0.0224  0.1565  -0.0145 16  THR A OG1 
73  C  CG2 . THR A 16 ? 0.3253 0.4661 0.6011 0.0475  0.1428  -0.0379 16  THR A CG2 
74  N  N   . VAL A 17 ? 0.3042 0.3678 0.4874 0.0148  0.0910  -0.0508 17  VAL A N   
75  C  CA  . VAL A 17 ? 0.3190 0.3513 0.4962 0.0120  0.0822  -0.0713 17  VAL A CA  
76  C  C   . VAL A 17 ? 0.3559 0.3660 0.5823 0.0180  0.0796  -0.0635 17  VAL A C   
77  O  O   . VAL A 17 ? 0.3205 0.3421 0.5804 0.0229  0.0770  -0.0375 17  VAL A O   
78  C  CB  . VAL A 17 ? 0.3719 0.4007 0.5224 -0.0056 0.0632  -0.0660 17  VAL A CB  
79  C  CG1 . VAL A 17 ? 0.3774 0.4244 0.4843 -0.0087 0.0609  -0.0644 17  VAL A CG1 
80  C  CG2 . VAL A 17 ? 0.2886 0.3163 0.4604 -0.0149 0.0515  -0.0370 17  VAL A CG2 
81  N  N   . ARG A 18 ? 0.4843 0.4605 0.7155 0.0168  0.0776  -0.0857 18  ARG A N   
82  C  CA  . ARG A 18 ? 0.3747 0.3171 0.6470 0.0175  0.0713  -0.0735 18  ARG A CA  
83  C  C   . ARG A 18 ? 0.3663 0.3106 0.6345 -0.0020 0.0553  -0.0404 18  ARG A C   
84  O  O   . ARG A 18 ? 0.3348 0.2916 0.5725 -0.0186 0.0493  -0.0431 18  ARG A O   
85  C  CB  . ARG A 18 ? 0.4926 0.3932 0.7691 0.0147  0.0721  -0.1070 18  ARG A CB  
86  C  CG  . ARG A 18 ? 0.6447 0.5413 0.9094 0.0329  0.0880  -0.1491 18  ARG A CG  
87  C  CD  . ARG A 18 ? 0.7573 0.6370 1.0669 0.0607  0.1027  -0.1536 18  ARG A CD  
88  N  NE  . ARG A 18 ? 0.9450 0.8138 1.2369 0.0772  0.1204  -0.2029 18  ARG A NE  
89  C  CZ  . ARG A 18 ? 1.0101 0.8793 1.3299 0.1073  0.1424  -0.2195 18  ARG A CZ  
90  N  NH1 . ARG A 18 ? 0.8859 0.7670 1.2623 0.1249  0.1458  -0.1887 18  ARG A NH1 
91  N  NH2 . ARG A 18 ? 1.1358 0.9951 1.4271 0.1210  0.1603  -0.2690 18  ARG A NH2 
92  N  N   . ASN A 19 ? 0.3836 0.3173 0.6812 0.0020  0.0484  -0.0094 19  ASN A N   
93  C  CA  . ASN A 19 ? 0.4027 0.3383 0.6869 -0.0157 0.0351  0.0232  19  ASN A CA  
94  C  C   . ASN A 19 ? 0.4658 0.3640 0.7546 -0.0326 0.0340  0.0246  19  ASN A C   
95  O  O   . ASN A 19 ? 0.5599 0.4280 0.8673 -0.0348 0.0284  0.0519  19  ASN A O   
96  C  CB  . ASN A 19 ? 0.4681 0.4116 0.7739 -0.0051 0.0238  0.0582  19  ASN A CB  
97  C  CG  . ASN A 19 ? 0.4678 0.4185 0.7444 -0.0227 0.0094  0.0893  19  ASN A CG  
98  O  OD1 . ASN A 19 ? 0.4653 0.4232 0.7068 -0.0406 0.0120  0.0827  19  ASN A OD1 
99  N  ND2 . ASN A 19 ? 0.3600 0.3118 0.6504 -0.0158 -0.0063 0.1221  19  ASN A ND2 
100 N  N   . HIS A 20 ? 0.3688 0.2701 0.6423 -0.0461 0.0383  -0.0038 20  HIS A N   
101 C  CA  . HIS A 20 ? 0.3964 0.2716 0.6818 -0.0675 0.0389  -0.0092 20  HIS A CA  
102 C  C   . HIS A 20 ? 0.5574 0.4654 0.8199 -0.0887 0.0383  -0.0040 20  HIS A C   
103 O  O   . HIS A 20 ? 0.3337 0.2784 0.5694 -0.0836 0.0366  -0.0125 20  HIS A O   
104 C  CB  . HIS A 20 ? 0.4217 0.2772 0.7185 -0.0665 0.0414  -0.0532 20  HIS A CB  
105 C  CG  . HIS A 20 ? 0.5621 0.3772 0.8857 -0.0455 0.0457  -0.0658 20  HIS A CG  
106 N  ND1 . HIS A 20 ? 0.5026 0.2904 0.8334 -0.0422 0.0481  -0.1094 20  HIS A ND1 
107 C  CD2 . HIS A 20 ? 0.4773 0.2764 0.8243 -0.0242 0.0471  -0.0431 20  HIS A CD2 
108 C  CE1 . HIS A 20 ? 0.5857 0.3393 0.9428 -0.0182 0.0545  -0.1152 20  HIS A CE1 
109 N  NE2 . HIS A 20 ? 0.5915 0.3536 0.9632 -0.0059 0.0536  -0.0739 20  HIS A NE2 
110 N  N   . PRO A 21 ? 0.3939 0.2892 0.6693 -0.1122 0.0418  0.0101  21  PRO A N   
111 C  CA  . PRO A 21 ? 0.4646 0.3985 0.7275 -0.1308 0.0461  0.0092  21  PRO A CA  
112 C  C   . PRO A 21 ? 0.5190 0.4816 0.7836 -0.1296 0.0415  -0.0312 21  PRO A C   
113 O  O   . PRO A 21 ? 0.4362 0.3801 0.7189 -0.1300 0.0367  -0.0596 21  PRO A O   
114 C  CB  . PRO A 21 ? 0.4159 0.3273 0.7045 -0.1586 0.0547  0.0287  21  PRO A CB  
115 C  CG  . PRO A 21 ? 0.4564 0.3163 0.7523 -0.1510 0.0517  0.0581  21  PRO A CG  
116 C  CD  . PRO A 21 ? 0.4468 0.2922 0.7497 -0.1225 0.0435  0.0332  21  PRO A CD  
117 N  N   . GLY A 22 ? 0.3284 0.3336 0.5708 -0.1261 0.0405  -0.0346 22  GLY A N   
118 C  CA  . GLY A 22 ? 0.3035 0.3405 0.5496 -0.1255 0.0328  -0.0660 22  GLY A CA  
119 C  C   . GLY A 22 ? 0.3851 0.4266 0.6025 -0.1030 0.0222  -0.0852 22  GLY A C   
120 O  O   . GLY A 22 ? 0.3827 0.4502 0.5959 -0.0998 0.0115  -0.1072 22  GLY A O   
121 N  N   . VAL A 23 ? 0.3263 0.3467 0.5257 -0.0876 0.0247  -0.0756 23  VAL A N   
122 C  CA  . VAL A 23 ? 0.4458 0.4722 0.6163 -0.0696 0.0199  -0.0909 23  VAL A CA  
123 C  C   . VAL A 23 ? 0.3679 0.4204 0.5111 -0.0625 0.0148  -0.0816 23  VAL A C   
124 O  O   . VAL A 23 ? 0.4989 0.5630 0.6188 -0.0533 0.0063  -0.0953 23  VAL A O   
125 C  CB  . VAL A 23 ? 0.5255 0.5297 0.6955 -0.0559 0.0284  -0.0842 23  VAL A CB  
126 C  CG1 . VAL A 23 ? 0.5924 0.5914 0.7729 -0.0564 0.0321  -0.0507 23  VAL A CG1 
127 C  CG2 . VAL A 23 ? 0.4146 0.4320 0.5516 -0.0404 0.0298  -0.0916 23  VAL A CG2 
128 N  N   . MET A 24 ? 0.3659 0.4236 0.5078 -0.0664 0.0183  -0.0587 24  MET A N   
129 C  CA  . MET A 24 ? 0.2910 0.3652 0.4086 -0.0593 0.0128  -0.0543 24  MET A CA  
130 C  C   . MET A 24 ? 0.3664 0.4656 0.4907 -0.0592 0.0059  -0.0720 24  MET A C   
131 O  O   . MET A 24 ? 0.3715 0.4788 0.4769 -0.0466 -0.0038 -0.0769 24  MET A O   
132 C  CB  . MET A 24 ? 0.2938 0.3662 0.4036 -0.0641 0.0168  -0.0321 24  MET A CB  
133 C  CG  . MET A 24 ? 0.3218 0.4010 0.4055 -0.0562 0.0104  -0.0317 24  MET A CG  
134 S  SD  . MET A 24 ? 0.4281 0.4922 0.4911 -0.0478 0.0036  -0.0220 24  MET A SD  
135 C  CE  . MET A 24 ? 0.5922 0.6582 0.6447 -0.0369 -0.0010 -0.0382 24  MET A CE  
136 N  N   . THR A 25 ? 0.2862 0.3987 0.4430 -0.0731 0.0100  -0.0797 25  THR A N   
137 C  CA  . THR A 25 ? 0.3956 0.5428 0.5736 -0.0732 0.0024  -0.0981 25  THR A CA  
138 C  C   . THR A 25 ? 0.4046 0.5550 0.5734 -0.0630 -0.0167 -0.1194 25  THR A C   
139 O  O   . THR A 25 ? 0.3604 0.5325 0.5233 -0.0493 -0.0312 -0.1274 25  THR A O   
140 C  CB  . THR A 25 ? 0.3883 0.5518 0.6110 -0.0961 0.0127  -0.1007 25  THR A CB  
141 O  OG1 . THR A 25 ? 0.5206 0.6806 0.7393 -0.1055 0.0316  -0.0770 25  THR A OG1 
142 C  CG2 . THR A 25 ? 0.4269 0.6390 0.6853 -0.0967 0.0051  -0.1203 25  THR A CG2 
143 N  N   . HIS A 26 ? 0.3506 0.4778 0.5148 -0.0675 -0.0181 -0.1289 26  HIS A N   
144 C  CA  . HIS A 26 ? 0.4280 0.5570 0.5711 -0.0588 -0.0358 -0.1514 26  HIS A CA  
145 C  C   . HIS A 26 ? 0.4074 0.5297 0.5007 -0.0387 -0.0410 -0.1406 26  HIS A C   
146 O  O   . HIS A 26 ? 0.4357 0.5719 0.5083 -0.0276 -0.0603 -0.1496 26  HIS A O   
147 C  CB  . HIS A 26 ? 0.4628 0.5633 0.6062 -0.0662 -0.0318 -0.1679 26  HIS A CB  
148 C  CG  . HIS A 26 ? 0.6524 0.7532 0.8446 -0.0887 -0.0330 -0.1831 26  HIS A CG  
149 N  ND1 . HIS A 26 ? 0.7077 0.7732 0.9105 -0.0975 -0.0289 -0.1990 26  HIS A ND1 
150 C  CD2 . HIS A 26 ? 0.6470 0.7786 0.8849 -0.1056 -0.0364 -0.1848 26  HIS A CD2 
151 C  CE1 . HIS A 26 ? 0.6658 0.7342 0.9171 -0.1218 -0.0318 -0.2079 26  HIS A CE1 
152 N  NE2 . HIS A 26 ? 0.6768 0.7898 0.9518 -0.1283 -0.0349 -0.1984 26  HIS A NE2 
153 N  N   . VAL A 27 ? 0.2727 0.3737 0.3485 -0.0351 -0.0256 -0.1191 27  VAL A N   
154 C  CA  . VAL A 27 ? 0.3540 0.4459 0.3879 -0.0217 -0.0275 -0.1051 27  VAL A CA  
155 C  C   . VAL A 27 ? 0.4097 0.5130 0.4388 -0.0124 -0.0413 -0.0982 27  VAL A C   
156 O  O   . VAL A 27 ? 0.4789 0.5810 0.4775 0.0001  -0.0562 -0.0971 27  VAL A O   
157 C  CB  . VAL A 27 ? 0.3544 0.4288 0.3858 -0.0239 -0.0097 -0.0837 27  VAL A CB  
158 C  CG1 . VAL A 27 ? 0.2760 0.3424 0.2750 -0.0165 -0.0113 -0.0651 27  VAL A CG1 
159 C  CG2 . VAL A 27 ? 0.3706 0.4342 0.4055 -0.0246 0.0037  -0.0923 27  VAL A CG2 
160 N  N   . CYS A 28 ? 0.3779 0.4906 0.4349 -0.0166 -0.0362 -0.0933 28  CYS A N   
161 C  CA  . CYS A 28 ? 0.4017 0.5227 0.4585 -0.0039 -0.0462 -0.0909 28  CYS A CA  
162 C  C   . CYS A 28 ? 0.4931 0.6459 0.5714 0.0051  -0.0648 -0.1094 28  CYS A C   
163 O  O   . CYS A 28 ? 0.3880 0.5438 0.4599 0.0237  -0.0804 -0.1080 28  CYS A O   
164 C  CB  . CYS A 28 ? 0.3137 0.4387 0.3889 -0.0102 -0.0320 -0.0854 28  CYS A CB  
165 S  SG  . CYS A 28 ? 0.5110 0.6019 0.5583 -0.0158 -0.0223 -0.0633 28  CYS A SG  
166 N  N   . GLY A 29 ? 0.4129 0.5887 0.5216 -0.0076 -0.0660 -0.1266 29  GLY A N   
167 C  CA  . GLY A 29 ? 0.2722 0.4866 0.4107 -0.0021 -0.0875 -0.1458 29  GLY A CA  
168 C  C   . GLY A 29 ? 0.3080 0.5165 0.4064 0.0150  -0.1152 -0.1482 29  GLY A C   
169 O  O   . GLY A 29 ? 0.3579 0.5949 0.4727 0.0304  -0.1397 -0.1553 29  GLY A O   
170 N  N   . LEU A 30 ? 0.3284 0.5029 0.3742 0.0138  -0.1112 -0.1409 30  LEU A N   
171 C  CA  . LEU A 30 ? 0.4712 0.6361 0.4636 0.0289  -0.1336 -0.1373 30  LEU A CA  
172 C  C   . LEU A 30 ? 0.4036 0.5563 0.3798 0.0499  -0.1449 -0.1148 30  LEU A C   
173 O  O   . LEU A 30 ? 0.4855 0.6474 0.4465 0.0676  -0.1746 -0.1136 30  LEU A O   
174 C  CB  . LEU A 30 ? 0.3970 0.5305 0.3363 0.0227  -0.1171 -0.1317 30  LEU A CB  
175 C  CG  . LEU A 30 ? 0.6153 0.7507 0.5640 0.0073  -0.1082 -0.1581 30  LEU A CG  
176 C  CD1 . LEU A 30 ? 0.5686 0.6755 0.4762 0.0057  -0.0833 -0.1514 30  LEU A CD1 
177 C  CD2 . LEU A 30 ? 0.5856 0.7429 0.5248 0.0082  -0.1389 -0.1864 30  LEU A CD2 
178 N  N   . PHE A 31 ? 0.3701 0.4985 0.3490 0.0487  -0.1246 -0.0971 31  PHE A N   
179 C  CA  . PHE A 31 ? 0.3965 0.5045 0.3662 0.0674  -0.1348 -0.0796 31  PHE A CA  
180 C  C   . PHE A 31 ? 0.4084 0.5510 0.4310 0.0835  -0.1489 -0.0947 31  PHE A C   
181 O  O   . PHE A 31 ? 0.4066 0.5474 0.4266 0.1078  -0.1740 -0.0893 31  PHE A O   
182 C  CB  . PHE A 31 ? 0.3651 0.4391 0.3276 0.0582  -0.1113 -0.0633 31  PHE A CB  
183 C  CG  . PHE A 31 ? 0.4329 0.4775 0.3514 0.0459  -0.0982 -0.0442 31  PHE A CG  
184 C  CD1 . PHE A 31 ? 0.3788 0.4317 0.3032 0.0283  -0.0772 -0.0498 31  PHE A CD1 
185 C  CD2 . PHE A 31 ? 0.5606 0.5701 0.4362 0.0524  -0.1055 -0.0193 31  PHE A CD2 
186 C  CE1 . PHE A 31 ? 0.3973 0.4328 0.2909 0.0195  -0.0618 -0.0344 31  PHE A CE1 
187 C  CE2 . PHE A 31 ? 0.6204 0.6119 0.4617 0.0388  -0.0884 -0.0008 31  PHE A CE2 
188 C  CZ  . PHE A 31 ? 0.4130 0.4220 0.2660 0.0234  -0.0655 -0.0102 31  PHE A CZ  
189 N  N   . ALA A 32 ? 0.3729 0.5489 0.4462 0.0709  -0.1319 -0.1121 32  ALA A N   
190 C  CA  . ALA A 32 ? 0.3868 0.6056 0.5183 0.0842  -0.1365 -0.1277 32  ALA A CA  
191 C  C   . ALA A 32 ? 0.3454 0.6051 0.5021 0.0991  -0.1703 -0.1400 32  ALA A C   
192 O  O   . ALA A 32 ? 0.3662 0.6482 0.5558 0.1255  -0.1871 -0.1440 32  ALA A O   
193 C  CB  . ALA A 32 ? 0.2844 0.5346 0.4598 0.0615  -0.1084 -0.1402 32  ALA A CB  
194 N  N   . ARG A 33 ? 0.3547 0.6247 0.4972 0.0843  -0.1830 -0.1481 33  ARG A N   
195 C  CA  . ARG A 33 ? 0.4040 0.7179 0.5705 0.0943  -0.2202 -0.1634 33  ARG A CA  
196 C  C   . ARG A 33 ? 0.5082 0.8032 0.6357 0.1265  -0.2544 -0.1459 33  ARG A C   
197 O  O   . ARG A 33 ? 0.4672 0.7877 0.6148 0.1370  -0.2780 -0.1487 33  ARG A O   
198 C  CB  . ARG A 33 ? 0.3932 0.7090 0.5387 0.0695  -0.2255 -0.1786 33  ARG A CB  
199 C  CG  . ARG A 33 ? 0.6431 0.9215 0.7042 0.0766  -0.2441 -0.1677 33  ARG A CG  
200 C  CD  . ARG A 33 ? 0.7242 0.9946 0.7614 0.0517  -0.2380 -0.1867 33  ARG A CD  
201 N  NE  . ARG A 33 ? 0.7157 1.0218 0.8056 0.0368  -0.2488 -0.2086 33  ARG A NE  
202 C  CZ  . ARG A 33 ? 0.8502 1.1701 0.9258 0.0409  -0.2794 -0.2146 33  ARG A CZ  
203 N  NH1 . ARG A 33 ? 0.9474 1.2471 0.9540 0.0597  -0.3001 -0.1979 33  ARG A NH1 
204 N  NH2 . ARG A 33 ? 0.7932 1.1465 0.9218 0.0242  -0.2896 -0.2351 33  ARG A NH2 
205 N  N   . ARG A 34 ? 0.6083 0.8431 0.6766 0.1353  -0.2454 -0.1191 34  ARG A N   
206 C  CA  . ARG A 34 ? 0.6565 0.8601 0.6833 0.1641  -0.2752 -0.0951 34  ARG A CA  
207 C  C   . ARG A 34 ? 0.5149 0.6902 0.5633 0.1870  -0.2687 -0.0830 34  ARG A C   
208 O  O   . ARG A 34 ? 0.5703 0.7012 0.5812 0.2092  -0.2891 -0.0576 34  ARG A O   
209 C  CB  . ARG A 34 ? 0.6426 0.7930 0.5779 0.1536  -0.2713 -0.0703 34  ARG A CB  
210 C  CG  . ARG A 34 ? 0.6005 0.7696 0.5021 0.1333  -0.2738 -0.0864 34  ARG A CG  
211 C  CD  . ARG A 34 ? 0.8111 0.9825 0.6707 0.1429  -0.3054 -0.0770 34  ARG A CD  
212 N  NE  . ARG A 34 ? 1.0982 1.2238 0.8636 0.1401  -0.3009 -0.0498 34  ARG A NE  
213 C  CZ  . ARG A 34 ? 1.2563 1.3525 0.9743 0.1553  -0.3191 -0.0160 34  ARG A CZ  
214 N  NH1 . ARG A 34 ? 1.2219 1.3273 0.9792 0.1783  -0.3463 -0.0073 34  ARG A NH1 
215 N  NH2 . ARG A 34 ? 1.3593 1.4183 0.9929 0.1472  -0.3075 0.0100  34  ARG A NH2 
216 N  N   . ALA A 35 ? 0.4665 0.6618 0.5700 0.1819  -0.2407 -0.1006 35  ALA A N   
217 C  CA  . ALA A 35 ? 0.4741 0.6366 0.5907 0.2007  -0.2289 -0.0965 35  ALA A CA  
218 C  C   . ALA A 35 ? 0.5010 0.5844 0.5498 0.1920  -0.2194 -0.0687 35  ALA A C   
219 O  O   . ALA A 35 ? 0.5411 0.5762 0.5805 0.2124  -0.2268 -0.0567 35  ALA A O   
220 C  CB  . ALA A 35 ? 0.5144 0.6919 0.6715 0.2434  -0.2603 -0.0992 35  ALA A CB  
221 N  N   . PHE A 36 ? 0.4836 0.5541 0.4905 0.1615  -0.2028 -0.0595 36  PHE A N   
222 C  CA  . PHE A 36 ? 0.5033 0.5125 0.4561 0.1467  -0.1894 -0.0336 36  PHE A CA  
223 C  C   . PHE A 36 ? 0.5476 0.5489 0.5196 0.1290  -0.1587 -0.0437 36  PHE A C   
224 O  O   . PHE A 36 ? 0.4479 0.4838 0.4396 0.1093  -0.1390 -0.0584 36  PHE A O   
225 C  CB  . PHE A 36 ? 0.5350 0.5445 0.4392 0.1263  -0.1853 -0.0214 36  PHE A CB  
226 C  CG  . PHE A 36 ? 0.7998 0.7544 0.6485 0.1141  -0.1754 0.0110  36  PHE A CG  
227 C  CD1 . PHE A 36 ? 0.8856 0.8029 0.7393 0.1022  -0.1571 0.0203  36  PHE A CD1 
228 C  CD2 . PHE A 36 ? 0.8896 0.8330 0.6796 0.1126  -0.1841 0.0318  36  PHE A CD2 
229 C  CE1 . PHE A 36 ? 0.7221 0.5954 0.5350 0.0866  -0.1476 0.0508  36  PHE A CE1 
230 C  CE2 . PHE A 36 ? 0.9000 0.7994 0.6426 0.0984  -0.1701 0.0641  36  PHE A CE2 
231 C  CZ  . PHE A 36 ? 0.7835 0.6494 0.5431 0.0842  -0.1516 0.0743  36  PHE A CZ  
232 N  N   . ASN A 37 ? 0.5184 0.4707 0.4825 0.1355  -0.1574 -0.0357 37  ASN A N   
233 C  CA  . ASN A 37 ? 0.5511 0.4950 0.5269 0.1204  -0.1340 -0.0478 37  ASN A CA  
234 C  C   . ASN A 37 ? 0.4477 0.3725 0.3939 0.0884  -0.1176 -0.0306 37  ASN A C   
235 O  O   . ASN A 37 ? 0.5293 0.4268 0.4419 0.0805  -0.1221 -0.0055 37  ASN A O   
236 C  CB  . ASN A 37 ? 0.5062 0.4019 0.4845 0.1391  -0.1410 -0.0526 37  ASN A CB  
237 C  CG  . ASN A 37 ? 0.7023 0.6055 0.6959 0.1314  -0.1200 -0.0775 37  ASN A CG  
238 O  OD1 . ASN A 37 ? 0.4691 0.4265 0.4932 0.1333  -0.1059 -0.0990 37  ASN A OD1 
239 N  ND2 . ASN A 37 ? 0.5150 0.3638 0.4853 0.1201  -0.1182 -0.0739 37  ASN A ND2 
240 N  N   . VAL A 38 ? 0.4831 0.4263 0.4435 0.0706  -0.0979 -0.0428 38  VAL A N   
241 C  CA  . VAL A 38 ? 0.5336 0.4633 0.4785 0.0433  -0.0845 -0.0288 38  VAL A CA  
242 C  C   . VAL A 38 ? 0.5410 0.4389 0.4836 0.0375  -0.0832 -0.0349 38  VAL A C   
243 O  O   . VAL A 38 ? 0.5248 0.4369 0.4804 0.0449  -0.0778 -0.0573 38  VAL A O   
244 C  CB  . VAL A 38 ? 0.4834 0.4563 0.4440 0.0278  -0.0680 -0.0350 38  VAL A CB  
245 C  CG1 . VAL A 38 ? 0.4774 0.4403 0.4303 0.0047  -0.0570 -0.0195 38  VAL A CG1 
246 C  CG2 . VAL A 38 ? 0.3384 0.3388 0.3004 0.0332  -0.0721 -0.0369 38  VAL A CG2 
247 N  N   . GLU A 39 ? 0.5746 0.4309 0.4997 0.0228  -0.0873 -0.0163 39  GLU A N   
248 C  CA  . GLU A 39 ? 0.5733 0.3892 0.4933 0.0163  -0.0929 -0.0245 39  GLU A CA  
249 C  C   . GLU A 39 ? 0.5763 0.4104 0.4998 -0.0080 -0.0842 -0.0288 39  GLU A C   
250 O  O   . GLU A 39 ? 0.6115 0.4367 0.5294 -0.0078 -0.0860 -0.0497 39  GLU A O   
251 C  CB  . GLU A 39 ? 0.6520 0.4097 0.5569 0.0085  -0.1050 -0.0013 39  GLU A CB  
252 C  CG  . GLU A 39 ? 0.8309 0.5543 0.7271 0.0363  -0.1202 0.0044  39  GLU A CG  
253 C  CD  . GLU A 39 ? 0.9542 0.6731 0.8644 0.0666  -0.1269 -0.0280 39  GLU A CD  
254 O  OE1 . GLU A 39 ? 0.7939 0.4968 0.7054 0.0622  -0.1243 -0.0517 39  GLU A OE1 
255 O  OE2 . GLU A 39 ? 0.9634 0.6987 0.8838 0.0953  -0.1350 -0.0315 39  GLU A OE2 
256 N  N   . GLY A 40 ? 0.5811 0.4410 0.5122 -0.0265 -0.0756 -0.0103 40  GLY A N   
257 C  CA  . GLY A 40 ? 0.4733 0.3533 0.4129 -0.0465 -0.0718 -0.0101 40  GLY A CA  
258 C  C   . GLY A 40 ? 0.4385 0.3623 0.3948 -0.0508 -0.0580 0.0004  40  GLY A C   
259 O  O   . GLY A 40 ? 0.4648 0.3971 0.4236 -0.0471 -0.0511 0.0117  40  GLY A O   
260 N  N   . ILE A 41 ? 0.4244 0.3727 0.3884 -0.0578 -0.0546 -0.0037 41  ILE A N   
261 C  CA  . ILE A 41 ? 0.3574 0.3395 0.3411 -0.0600 -0.0428 0.0049  41  ILE A CA  
262 C  C   . ILE A 41 ? 0.5103 0.5046 0.5062 -0.0750 -0.0479 0.0153  41  ILE A C   
263 O  O   . ILE A 41 ? 0.4399 0.4285 0.4194 -0.0801 -0.0575 0.0082  41  ILE A O   
264 C  CB  . ILE A 41 ? 0.4064 0.4084 0.3920 -0.0488 -0.0336 -0.0083 41  ILE A CB  
265 C  CG1 . ILE A 41 ? 0.3899 0.3884 0.3710 -0.0325 -0.0341 -0.0196 41  ILE A CG1 
266 C  CG2 . ILE A 41 ? 0.2577 0.2824 0.2652 -0.0526 -0.0233 0.0000  41  ILE A CG2 
267 C  CD1 . ILE A 41 ? 0.3783 0.4046 0.3737 -0.0255 -0.0261 -0.0329 41  ILE A CD1 
268 N  N   . LEU A 42 ? 0.3681 0.3813 0.3916 -0.0802 -0.0421 0.0309  42  LEU A N   
269 C  CA  . LEU A 42 ? 0.2876 0.3212 0.3338 -0.0884 -0.0479 0.0431  42  LEU A CA  
270 C  C   . LEU A 42 ? 0.3887 0.4423 0.4603 -0.0788 -0.0329 0.0483  42  LEU A C   
271 O  O   . LEU A 42 ? 0.4456 0.5046 0.5286 -0.0730 -0.0190 0.0480  42  LEU A O   
272 C  CB  . LEU A 42 ? 0.2986 0.3391 0.3696 -0.1037 -0.0580 0.0563  42  LEU A CB  
273 C  CG  . LEU A 42 ? 0.4234 0.4944 0.5303 -0.1083 -0.0672 0.0710  42  LEU A CG  
274 C  CD1 . LEU A 42 ? 0.2840 0.3496 0.3630 -0.1105 -0.0854 0.0683  42  LEU A CD1 
275 C  CD2 . LEU A 42 ? 0.3445 0.4343 0.4909 -0.1250 -0.0763 0.0836  42  LEU A CD2 
276 N  N   . CYS A 43 ? 0.2384 0.2985 0.3143 -0.0772 -0.0354 0.0530  43  CYS A N   
277 C  CA  A CYS A 43 ? 0.2271 0.2961 0.3302 -0.0682 -0.0238 0.0576  43  CYS A CA  
278 C  CA  B CYS A 43 ? 0.2270 0.2962 0.3306 -0.0683 -0.0238 0.0577  43  CYS A CA  
279 C  C   . CYS A 43 ? 0.2359 0.3160 0.3632 -0.0697 -0.0361 0.0775  43  CYS A C   
280 O  O   . CYS A 43 ? 0.2543 0.3296 0.3584 -0.0763 -0.0500 0.0852  43  CYS A O   
281 C  CB  A CYS A 43 ? 0.3148 0.3737 0.4025 -0.0644 -0.0144 0.0459  43  CYS A CB  
282 C  CB  B CYS A 43 ? 0.3186 0.3778 0.4079 -0.0640 -0.0140 0.0461  43  CYS A CB  
283 S  SG  A CYS A 43 ? 0.2692 0.3226 0.3363 -0.0587 -0.0064 0.0228  43  CYS A SG  
284 S  SG  B CYS A 43 ? 0.4628 0.5203 0.5883 -0.0555 -0.0024 0.0490  43  CYS A SG  
285 N  N   . LEU A 44 ? 0.2295 0.3258 0.4016 -0.0616 -0.0312 0.0858  44  LEU A N   
286 C  CA  . LEU A 44 ? 0.2403 0.3512 0.4478 -0.0575 -0.0454 0.1065  44  LEU A CA  
287 C  C   . LEU A 44 ? 0.3010 0.4107 0.5490 -0.0393 -0.0307 0.1073  44  LEU A C   
288 O  O   . LEU A 44 ? 0.3345 0.4495 0.5980 -0.0308 -0.0096 0.0918  44  LEU A O   
289 C  CB  . LEU A 44 ? 0.2503 0.3923 0.4911 -0.0645 -0.0586 0.1159  44  LEU A CB  
290 C  CG  . LEU A 44 ? 0.3715 0.5104 0.5799 -0.0843 -0.0793 0.1141  44  LEU A CG  
291 C  CD1 . LEU A 44 ? 0.3248 0.4978 0.5811 -0.0949 -0.0924 0.1238  44  LEU A CD1 
292 C  CD2 . LEU A 44 ? 0.3871 0.5122 0.5554 -0.0888 -0.1011 0.1212  44  LEU A CD2 
293 N  N   . PRO A 45 ? 0.2784 0.3771 0.5401 -0.0322 -0.0414 0.1247  45  PRO A N   
294 C  CA  . PRO A 45 ? 0.3689 0.4618 0.6790 -0.0118 -0.0308 0.1258  45  PRO A CA  
295 C  C   . PRO A 45 ? 0.3160 0.4489 0.6862 0.0011  -0.0310 0.1306  45  PRO A C   
296 O  O   . PRO A 45 ? 0.3317 0.4959 0.7136 -0.0081 -0.0493 0.1435  45  PRO A O   
297 C  CB  . PRO A 45 ? 0.3062 0.3737 0.6126 -0.0099 -0.0484 0.1517  45  PRO A CB  
298 C  CG  . PRO A 45 ? 0.4090 0.4918 0.6815 -0.0254 -0.0740 0.1695  45  PRO A CG  
299 C  CD  . PRO A 45 ? 0.2873 0.3760 0.5183 -0.0415 -0.0643 0.1459  45  PRO A CD  
300 N  N   . ILE A 46 ? 0.4431 0.5772 0.8541 0.0217  -0.0094 0.1171  46  ILE A N   
301 C  CA  . ILE A 46 ? 0.2965 0.4749 0.7755 0.0384  -0.0023 0.1194  46  ILE A CA  
302 C  C   . ILE A 46 ? 0.2969 0.4722 0.8300 0.0607  -0.0207 0.1409  46  ILE A C   
303 O  O   . ILE A 46 ? 0.4786 0.6078 1.0078 0.0730  -0.0191 0.1401  46  ILE A O   
304 C  CB  . ILE A 46 ? 0.3898 0.5749 0.8784 0.0513  0.0355  0.0894  46  ILE A CB  
305 C  CG1 . ILE A 46 ? 0.3289 0.5263 0.7701 0.0297  0.0485  0.0783  46  ILE A CG1 
306 C  CG2 . ILE A 46 ? 0.2789 0.5090 0.8483 0.0758  0.0492  0.0898  46  ILE A CG2 
307 C  CD1 . ILE A 46 ? 0.3505 0.5349 0.7612 0.0367  0.0799  0.0481  46  ILE A CD1 
308 N  N   . GLN A 47 ? 0.3640 0.5871 0.9501 0.0648  -0.0411 0.1617  47  GLN A N   
309 C  CA  . GLN A 47 ? 0.4062 0.6303 1.0427 0.0865  -0.0687 0.1890  47  GLN A CA  
310 C  C   . GLN A 47 ? 0.4241 0.6297 1.1156 0.1225  -0.0476 0.1773  47  GLN A C   
311 O  O   . GLN A 47 ? 0.4375 0.6636 1.1551 0.1342  -0.0128 0.1481  47  GLN A O   
312 C  CB  . GLN A 47 ? 0.4436 0.7281 1.1257 0.0831  -0.0916 0.2039  47  GLN A CB  
313 C  CG  . GLN A 47 ? 0.6176 0.8960 1.2670 0.0692  -0.1379 0.2333  47  GLN A CG  
314 C  CD  . GLN A 47 ? 0.7000 1.0229 1.3968 0.0753  -0.1602 0.2429  47  GLN A CD  
315 O  OE1 . GLN A 47 ? 0.7318 1.1033 1.4595 0.0645  -0.1528 0.2309  47  GLN A OE1 
316 N  NE2 . GLN A 47 ? 0.7085 1.0147 1.4114 0.0918  -0.1877 0.2657  47  GLN A NE2 
317 N  N   . ASP A 48 ? 0.5255 0.6840 1.2165 0.1361  -0.0671 0.1970  48  ASP A N   
318 C  CA  . ASP A 48 ? 0.6645 0.7891 1.3914 0.1666  -0.0529 0.1843  48  ASP A CA  
319 C  C   . ASP A 48 ? 0.5375 0.6411 1.2608 0.1743  -0.0109 0.1417  48  ASP A C   
320 O  O   . ASP A 48 ? 0.4527 0.5788 1.2095 0.1943  0.0158  0.1134  48  ASP A O   
321 C  CB  . ASP A 48 ? 0.8199 0.9927 1.6087 0.1886  -0.0590 0.1868  48  ASP A CB  
322 C  CG  . ASP A 48 ? 0.9832 1.1689 1.7728 0.1840  -0.1041 0.2259  48  ASP A CG  
323 O  OD1 . ASP A 48 ? 1.0630 1.1967 1.8143 0.1799  -0.1268 0.2514  48  ASP A OD1 
324 O  OD2 . ASP A 48 ? 1.0325 1.2805 1.8567 0.1825  -0.1161 0.2304  48  ASP A OD2 
325 N  N   . SER A 49 ? 0.4274 0.4867 1.0910 0.1533  -0.0053 0.1337  49  SER A N   
326 C  CA  . SER A 49 ? 0.4191 0.4635 1.0488 0.1477  0.0292  0.0897  49  SER A CA  
327 C  C   . SER A 49 ? 0.4923 0.4772 1.0565 0.1226  0.0247  0.0866  49  SER A C   
328 O  O   . SER A 49 ? 0.5268 0.4934 1.0639 0.1049  0.0006  0.1186  49  SER A O   
329 C  CB  . SER A 49 ? 0.3722 0.4754 0.9800 0.1315  0.0459  0.0757  49  SER A CB  
330 O  OG  . SER A 49 ? 0.4453 0.5268 0.9883 0.1137  0.0647  0.0462  49  SER A OG  
331 N  N   . ASP A 50 ? 0.4379 0.3974 0.9777 0.1207  0.0484  0.0467  50  ASP A N   
332 C  CA  . ASP A 50 ? 0.4767 0.3922 0.9632 0.0945  0.0465  0.0373  50  ASP A CA  
333 C  C   . ASP A 50 ? 0.4557 0.4017 0.8852 0.0716  0.0553  0.0185  50  ASP A C   
334 O  O   . ASP A 50 ? 0.4039 0.3244 0.7963 0.0531  0.0568  0.0015  50  ASP A O   
335 C  CB  . ASP A 50 ? 0.5483 0.4054 1.0505 0.1064  0.0586  0.0053  50  ASP A CB  
336 C  CG  . ASP A 50 ? 0.5987 0.4697 1.0860 0.1159  0.0851  -0.0456 50  ASP A CG  
337 O  OD1 . ASP A 50 ? 0.5132 0.4376 1.0088 0.1292  0.1000  -0.0517 50  ASP A OD1 
338 O  OD2 . ASP A 50 ? 0.7161 0.5449 1.1825 0.1085  0.0907  -0.0791 50  ASP A OD2 
339 N  N   . LYS A 51 ? 0.3846 0.3843 0.8115 0.0718  0.0597  0.0230  51  LYS A N   
340 C  CA  . LYS A 51 ? 0.3334 0.3572 0.7089 0.0534  0.0668  0.0094  51  LYS A CA  
341 C  C   . LYS A 51 ? 0.3000 0.3468 0.6540 0.0336  0.0475  0.0385  51  LYS A C   
342 O  O   . LYS A 51 ? 0.3668 0.4198 0.7433 0.0340  0.0286  0.0679  51  LYS A O   
343 C  CB  . LYS A 51 ? 0.4330 0.4944 0.8147 0.0659  0.0914  -0.0101 51  LYS A CB  
344 C  CG  . LYS A 51 ? 0.4428 0.4914 0.8485 0.0911  0.1147  -0.0419 51  LYS A CG  
345 C  CD  . LYS A 51 ? 0.6866 0.7114 1.0373 0.0848  0.1259  -0.0794 51  LYS A CD  
346 C  CE  . LYS A 51 ? 0.7909 0.8153 1.1560 0.1111  0.1544  -0.1157 51  LYS A CE  
347 N  NZ  . LYS A 51 ? 0.8079 0.8058 1.2394 0.1357  0.1531  -0.1148 51  LYS A NZ  
348 N  N   . SER A 52 ? 0.3119 0.3703 0.6198 0.0179  0.0506  0.0284  52  SER A N   
349 C  CA  . SER A 52 ? 0.3011 0.3786 0.5853 0.0007  0.0356  0.0471  52  SER A CA  
350 C  C   . SER A 52 ? 0.3402 0.4383 0.5992 -0.0046 0.0476  0.0355  52  SER A C   
351 O  O   . SER A 52 ? 0.2589 0.3534 0.5015 0.0019  0.0652  0.0130  52  SER A O   
352 C  CB  . SER A 52 ? 0.2515 0.3060 0.4971 -0.0155 0.0224  0.0515  52  SER A CB  
353 O  OG  . SER A 52 ? 0.3071 0.3369 0.5691 -0.0137 0.0151  0.0652  52  SER A OG  
354 N  N   . HIS A 53 ? 0.2276 0.3440 0.4802 -0.0177 0.0362  0.0517  53  HIS A N   
355 C  CA  . HIS A 53 ? 0.2775 0.4037 0.5026 -0.0270 0.0438  0.0480  53  HIS A CA  
356 C  C   . HIS A 53 ? 0.3625 0.4667 0.5394 -0.0395 0.0292  0.0455  53  HIS A C   
357 O  O   . HIS A 53 ? 0.3108 0.4075 0.4822 -0.0471 0.0114  0.0541  53  HIS A O   
358 C  CB  . HIS A 53 ? 0.2214 0.3807 0.4808 -0.0351 0.0422  0.0663  53  HIS A CB  
359 C  CG  . HIS A 53 ? 0.3456 0.5378 0.6467 -0.0233 0.0680  0.0641  53  HIS A CG  
360 N  ND1 . HIS A 53 ? 0.3726 0.6041 0.7400 -0.0194 0.0669  0.0786  53  HIS A ND1 
361 C  CD2 . HIS A 53 ? 0.3426 0.5386 0.6284 -0.0132 0.0967  0.0475  53  HIS A CD2 
362 C  CE1 . HIS A 53 ? 0.3656 0.6263 0.7624 -0.0064 0.0980  0.0703  53  HIS A CE1 
363 N  NE2 . HIS A 53 ? 0.4394 0.6770 0.7818 -0.0029 0.1174  0.0508  53  HIS A NE2 
364 N  N   . ILE A 54 ? 0.3587 0.4538 0.4994 -0.0394 0.0368  0.0330  54  ILE A N   
365 C  CA  . ILE A 54 ? 0.2267 0.3035 0.3286 -0.0461 0.0240  0.0291  54  ILE A CA  
366 C  C   . ILE A 54 ? 0.3259 0.4005 0.4077 -0.0525 0.0257  0.0373  54  ILE A C   
367 O  O   . ILE A 54 ? 0.3683 0.4479 0.4369 -0.0480 0.0409  0.0353  54  ILE A O   
368 C  CB  . ILE A 54 ? 0.3236 0.3891 0.4038 -0.0388 0.0251  0.0086  54  ILE A CB  
369 C  CG1 . ILE A 54 ? 0.3164 0.3786 0.4204 -0.0371 0.0254  0.0034  54  ILE A CG1 
370 C  CG2 . ILE A 54 ? 0.3530 0.4074 0.4046 -0.0413 0.0118  0.0044  54  ILE A CG2 
371 C  CD1 . ILE A 54 ? 0.2425 0.2971 0.3363 -0.0353 0.0252  -0.0178 54  ILE A CD1 
372 N  N   . TRP A 55 ? 0.3106 0.3746 0.3868 -0.0638 0.0106  0.0468  55  TRP A N   
373 C  CA  . TRP A 55 ? 0.2683 0.3166 0.3239 -0.0723 0.0085  0.0562  55  TRP A CA  
374 C  C   . TRP A 55 ? 0.3646 0.3836 0.3842 -0.0661 -0.0053 0.0456  55  TRP A C   
375 O  O   . TRP A 55 ? 0.3229 0.3346 0.3410 -0.0657 -0.0175 0.0365  55  TRP A O   
376 C  CB  . TRP A 55 ? 0.2746 0.3267 0.3556 -0.0910 -0.0008 0.0715  55  TRP A CB  
377 C  CG  . TRP A 55 ? 0.3523 0.4430 0.4819 -0.0966 0.0116  0.0839  55  TRP A CG  
378 C  CD1 . TRP A 55 ? 0.3650 0.4746 0.5122 -0.1051 0.0306  0.0978  55  TRP A CD1 
379 C  CD2 . TRP A 55 ? 0.2451 0.3627 0.4160 -0.0931 0.0061  0.0853  55  TRP A CD2 
380 N  NE1 . TRP A 55 ? 0.3836 0.5367 0.5880 -0.1052 0.0391  0.1042  55  TRP A NE1 
381 C  CE2 . TRP A 55 ? 0.2968 0.4531 0.5171 -0.0965 0.0215  0.0974  55  TRP A CE2 
382 C  CE3 . TRP A 55 ? 0.2754 0.3889 0.4459 -0.0868 -0.0095 0.0801  55  TRP A CE3 
383 C  CZ2 . TRP A 55 ? 0.2319 0.4229 0.5071 -0.0899 0.0179  0.1030  55  TRP A CZ2 
384 C  CZ3 . TRP A 55 ? 0.2804 0.4216 0.4962 -0.0826 -0.0143 0.0896  55  TRP A CZ3 
385 C  CH2 . TRP A 55 ? 0.2647 0.4441 0.5352 -0.0824 -0.0026 0.1001  55  TRP A CH2 
386 N  N   . LEU A 56 ? 0.4153 0.4198 0.4054 -0.0596 -0.0030 0.0473  56  LEU A N   
387 C  CA  . LEU A 56 ? 0.4738 0.4532 0.4370 -0.0487 -0.0179 0.0385  56  LEU A CA  
388 C  C   . LEU A 56 ? 0.4201 0.3649 0.3625 -0.0542 -0.0250 0.0560  56  LEU A C   
389 O  O   . LEU A 56 ? 0.4642 0.4073 0.3915 -0.0590 -0.0144 0.0738  56  LEU A O   
390 C  CB  . LEU A 56 ? 0.3206 0.3113 0.2674 -0.0326 -0.0169 0.0250  56  LEU A CB  
391 C  CG  . LEU A 56 ? 0.4196 0.4363 0.3882 -0.0292 -0.0109 0.0067  56  LEU A CG  
392 C  CD1 . LEU A 56 ? 0.4023 0.4282 0.3549 -0.0174 -0.0141 -0.0086 56  LEU A CD1 
393 C  CD2 . LEU A 56 ? 0.4535 0.4722 0.4394 -0.0304 -0.0179 -0.0024 56  LEU A CD2 
394 N  N   . LEU A 57 ? 0.4519 0.3665 0.3916 -0.0538 -0.0412 0.0508  57  LEU A N   
395 C  CA  . LEU A 57 ? 0.5351 0.4031 0.4565 -0.0571 -0.0519 0.0656  57  LEU A CA  
396 C  C   . LEU A 57 ? 0.5677 0.4162 0.4649 -0.0315 -0.0645 0.0588  57  LEU A C   
397 O  O   . LEU A 57 ? 0.5192 0.3708 0.4239 -0.0153 -0.0734 0.0358  57  LEU A O   
398 C  CB  . LEU A 57 ? 0.4460 0.2856 0.3795 -0.0701 -0.0647 0.0590  57  LEU A CB  
399 C  CG  . LEU A 57 ? 0.6125 0.3910 0.5323 -0.0756 -0.0786 0.0706  57  LEU A CG  
400 C  CD1 . LEU A 57 ? 0.6339 0.4049 0.5557 -0.0993 -0.0683 0.1044  57  LEU A CD1 
401 C  CD2 . LEU A 57 ? 0.6081 0.3581 0.5364 -0.0852 -0.0939 0.0514  57  LEU A CD2 
402 N  N   . VAL A 58 ? 0.5903 0.4237 0.4589 -0.0271 -0.0651 0.0800  58  VAL A N   
403 C  CA  . VAL A 58 ? 0.5256 0.3453 0.3711 -0.0009 -0.0821 0.0782  58  VAL A CA  
404 C  C   . VAL A 58 ? 0.6767 0.4417 0.4904 -0.0022 -0.0918 0.1106  58  VAL A C   
405 O  O   . VAL A 58 ? 0.6892 0.4381 0.4956 -0.0267 -0.0789 0.1364  58  VAL A O   
406 C  CB  . VAL A 58 ? 0.6361 0.4990 0.4676 0.0099  -0.0779 0.0706  58  VAL A CB  
407 C  CG1 . VAL A 58 ? 0.4426 0.3511 0.3085 0.0094  -0.0690 0.0411  58  VAL A CG1 
408 C  CG2 . VAL A 58 ? 0.5703 0.4395 0.3718 -0.0050 -0.0597 0.0935  58  VAL A CG2 
409 N  N   . ASN A 59 ? 0.6549 0.3927 0.4543 0.0245  -0.1149 0.1114  59  ASN A N   
410 C  CA  . ASN A 59 ? 0.7897 0.4681 0.5547 0.0270  -0.1280 0.1468  59  ASN A CA  
411 C  C   . ASN A 59 ? 0.9096 0.6033 0.6264 0.0204  -0.1184 0.1758  59  ASN A C   
412 O  O   . ASN A 59 ? 0.9224 0.6640 0.6264 0.0318  -0.1176 0.1613  59  ASN A O   
413 C  CB  . ASN A 59 ? 0.9466 0.5942 0.7137 0.0635  -0.1584 0.1397  59  ASN A CB  
414 C  CG  . ASN A 59 ? 1.1635 0.7502 0.8883 0.0721  -0.1768 0.1818  59  ASN A CG  
415 O  OD1 . ASN A 59 ? 1.2221 0.8215 0.9132 0.0911  -0.1918 0.1960  59  ASN A OD1 
416 N  ND2 . ASN A 59 ? 1.2171 0.7341 0.9409 0.0565  -0.1780 0.2035  59  ASN A ND2 
417 N  N   . ASP A 60 ? 0.9374 0.5898 0.6258 -0.0005 -0.1097 0.2157  60  ASP A N   
418 C  CA  . ASP A 60 ? 1.0972 0.7595 0.7280 -0.0069 -0.0974 0.2472  60  ASP A CA  
419 C  C   . ASP A 60 ? 1.2220 0.8725 0.8078 0.0264  -0.1284 0.2547  60  ASP A C   
420 O  O   . ASP A 60 ? 1.2923 0.8868 0.8733 0.0442  -0.1564 0.2712  60  ASP A O   
421 C  CB  . ASP A 60 ? 1.2181 0.8344 0.8300 -0.0377 -0.0813 0.2936  60  ASP A CB  
422 C  CG  . ASP A 60 ? 1.3798 1.0314 0.9466 -0.0555 -0.0488 0.3179  60  ASP A CG  
423 O  OD1 . ASP A 60 ? 1.3675 1.0678 0.9063 -0.0404 -0.0444 0.2983  60  ASP A OD1 
424 O  OD2 . ASP A 60 ? 1.4433 1.0867 1.0184 -0.0797 -0.0226 0.3452  60  ASP A OD2 
425 N  N   . ASP A 61 ? 1.2526 0.9544 0.8079 0.0360  -0.1264 0.2408  61  ASP A N   
426 C  CA  . ASP A 61 ? 1.2670 0.9752 0.7958 0.0692  -0.1626 0.2350  61  ASP A CA  
427 C  C   . ASP A 61 ? 1.2962 1.0316 0.7504 0.0685  -0.1586 0.2460  61  ASP A C   
428 O  O   . ASP A 61 ? 1.1862 0.9588 0.6291 0.0488  -0.1250 0.2345  61  ASP A O   
429 C  CB  . ASP A 61 ? 1.1906 0.9457 0.7814 0.0874  -0.1756 0.1845  61  ASP A CB  
430 C  CG  . ASP A 61 ? 1.3354 1.0979 0.9233 0.1232  -0.2182 0.1778  61  ASP A CG  
431 O  OD1 . ASP A 61 ? 1.4455 1.2176 0.9771 0.1314  -0.2343 0.1926  61  ASP A OD1 
432 O  OD2 . ASP A 61 ? 1.3501 1.1148 0.9960 0.1430  -0.2344 0.1558  61  ASP A OD2 
433 N  N   . GLN A 62 ? 1.3108 1.0470 0.7406 0.0896  -0.1863 0.2596  62  GLN A N   
434 C  CA  . GLN A 62 ? 1.3115 1.0885 0.6829 0.0902  -0.1867 0.2595  62  GLN A CA  
435 C  C   . GLN A 62 ? 1.2757 1.1069 0.6568 0.0947  -0.1911 0.2084  62  GLN A C   
436 O  O   . GLN A 62 ? 1.3442 1.2067 0.6818 0.0824  -0.1710 0.1960  62  GLN A O   
437 C  CB  . GLN A 62 ? 1.3830 1.1520 0.7347 0.1124  -0.2229 0.2833  62  GLN A CB  
438 C  CG  . GLN A 62 ? 1.4513 1.2388 0.8565 0.1421  -0.2648 0.2536  62  GLN A CG  
439 C  CD  . GLN A 62 ? 1.6512 1.4616 1.0289 0.1605  -0.3005 0.2639  62  GLN A CD  
440 O  OE1 . GLN A 62 ? 1.7637 1.5538 1.0866 0.1586  -0.3018 0.3062  62  GLN A OE1 
441 N  NE2 . GLN A 62 ? 1.5695 1.4256 0.9874 0.1769  -0.3296 0.2263  62  GLN A NE2 
442 N  N   . ARG A 63 ? 1.1834 1.0280 0.6263 0.1118  -0.2144 0.1758  63  ARG A N   
443 C  CA  . ARG A 63 ? 1.2189 1.1171 0.6859 0.1145  -0.2190 0.1268  63  ARG A CA  
444 C  C   . ARG A 63 ? 1.1988 1.1165 0.6916 0.0889  -0.1734 0.1051  63  ARG A C   
445 O  O   . ARG A 63 ? 1.2236 1.1819 0.7301 0.0849  -0.1686 0.0670  63  ARG A O   
446 C  CB  . ARG A 63 ? 1.2554 1.1747 0.8025 0.1346  -0.2474 0.0998  63  ARG A CB  
447 C  CG  . ARG A 63 ? 1.4190 1.3274 0.9812 0.1591  -0.2830 0.1182  63  ARG A CG  
448 C  CD  . ARG A 63 ? 1.4404 1.3294 1.0717 0.1766  -0.2907 0.1132  63  ARG A CD  
449 N  NE  . ARG A 63 ? 1.4211 1.3626 1.1230 0.1804  -0.2913 0.0682  63  ARG A NE  
450 C  CZ  . ARG A 63 ? 1.4161 1.3568 1.1850 0.1838  -0.2782 0.0526  63  ARG A CZ  
451 N  NH1 . ARG A 63 ? 1.3721 1.3679 1.2056 0.1805  -0.2701 0.0145  63  ARG A NH1 
452 N  NH2 . ARG A 63 ? 1.4331 1.3158 1.2015 0.1887  -0.2724 0.0743  63  ARG A NH2 
453 N  N   . LEU A 64 ? 1.0766 0.9664 0.5819 0.0709  -0.1421 0.1283  64  LEU A N   
454 C  CA  . LEU A 64 ? 1.0096 0.9215 0.5567 0.0497  -0.1033 0.1092  64  LEU A CA  
455 C  C   . LEU A 64 ? 0.9696 0.9093 0.4718 0.0408  -0.0779 0.0964  64  LEU A C   
456 O  O   . LEU A 64 ? 0.9051 0.8750 0.4450 0.0343  -0.0594 0.0635  64  LEU A O   
457 C  CB  . LEU A 64 ? 0.9883 0.8668 0.5561 0.0316  -0.0812 0.1395  64  LEU A CB  
458 C  CG  . LEU A 64 ? 0.9299 0.8267 0.5646 0.0147  -0.0558 0.1215  64  LEU A CG  
459 C  CD1 . LEU A 64 ? 0.7509 0.6640 0.4417 0.0268  -0.0743 0.0882  64  LEU A CD1 
460 C  CD2 . LEU A 64 ? 1.0050 0.8668 0.6570 -0.0042 -0.0436 0.1522  64  LEU A CD2 
461 N  N   . GLU A 65 ? 1.0728 1.0002 0.4914 0.0415  -0.0758 0.1218  65  GLU A N   
462 C  CA  . GLU A 65 ? 1.0589 1.0124 0.4258 0.0351  -0.0473 0.1067  65  GLU A CA  
463 C  C   . GLU A 65 ? 1.0484 1.0335 0.4149 0.0467  -0.0671 0.0562  65  GLU A C   
464 O  O   . GLU A 65 ? 1.0903 1.0988 0.4636 0.0409  -0.0408 0.0235  65  GLU A O   
465 C  CB  . GLU A 65 ? 1.1851 1.1206 0.4571 0.0323  -0.0423 0.1460  65  GLU A CB  
466 C  CG  . GLU A 65 ? 1.3061 1.2717 0.5305 0.0210  -0.0076 0.1281  65  GLU A CG  
467 C  CD  . GLU A 65 ? 1.5768 1.5396 0.7247 0.0143  -0.0175 0.1535  65  GLU A CD  
468 O  OE1 . GLU A 65 ? 1.6696 1.6377 0.7897 0.0257  -0.0576 0.1382  65  GLU A OE1 
469 O  OE2 . GLU A 65 ? 1.6399 1.5999 0.7596 -0.0039 0.0143  0.1900  65  GLU A OE2 
470 N  N   . GLN A 66 ? 1.0807 1.0662 0.4454 0.0630  -0.1147 0.0483  66  GLN A N   
471 C  CA  . GLN A 66 ? 1.1311 1.1487 0.5123 0.0686  -0.1376 -0.0005 66  GLN A CA  
472 C  C   . GLN A 66 ? 1.0241 1.0596 0.5003 0.0609  -0.1247 -0.0326 66  GLN A C   
473 O  O   . GLN A 66 ? 1.0272 1.0822 0.5172 0.0556  -0.1179 -0.0728 66  GLN A O   
474 C  CB  . GLN A 66 ? 1.1984 1.2221 0.5905 0.0803  -0.1875 0.0030  66  GLN A CB  
475 C  CG  . GLN A 66 ? 1.2850 1.3437 0.7203 0.0794  -0.2118 -0.0441 66  GLN A CG  
476 C  CD  . GLN A 66 ? 1.4121 1.4891 0.9292 0.0914  -0.2428 -0.0498 66  GLN A CD  
477 O  OE1 . GLN A 66 ? 1.4621 1.5370 1.0329 0.0941  -0.2321 -0.0496 66  GLN A OE1 
478 N  NE2 . GLN A 66 ? 1.3613 1.4600 0.8896 0.0981  -0.2802 -0.0557 66  GLN A NE2 
479 N  N   . MET A 67 ? 0.8718 0.8963 0.4121 0.0591  -0.1211 -0.0149 67  MET A N   
480 C  CA  . MET A 67 ? 0.8784 0.9192 0.5033 0.0512  -0.1109 -0.0400 67  MET A CA  
481 C  C   . MET A 67 ? 0.8614 0.9030 0.5024 0.0366  -0.0688 -0.0468 67  MET A C   
482 O  O   . MET A 67 ? 0.7877 0.8435 0.4774 0.0306  -0.0611 -0.0752 67  MET A O   
483 C  CB  . MET A 67 ? 0.9575 0.9864 0.6347 0.0554  -0.1200 -0.0219 67  MET A CB  
484 C  CG  . MET A 67 ? 1.0329 1.0614 0.7043 0.0757  -0.1608 -0.0143 67  MET A CG  
485 S  SD  . MET A 67 ? 1.0149 1.0469 0.7689 0.0840  -0.1694 -0.0181 67  MET A SD  
486 C  CE  . MET A 67 ? 0.8476 0.9168 0.6639 0.0657  -0.1482 -0.0554 67  MET A CE  
487 N  N   . ILE A 68 ? 0.9166 0.9443 0.5231 0.0306  -0.0414 -0.0192 68  ILE A N   
488 C  CA  . ILE A 68 ? 0.8943 0.9323 0.5172 0.0209  -0.0017 -0.0278 68  ILE A CA  
489 C  C   . ILE A 68 ? 0.8622 0.9148 0.4596 0.0257  0.0031  -0.0683 68  ILE A C   
490 O  O   . ILE A 68 ? 0.8744 0.9353 0.5152 0.0229  0.0219  -0.0931 68  ILE A O   
491 C  CB  . ILE A 68 ? 0.8906 0.9204 0.4790 0.0127  0.0275  0.0090  68  ILE A CB  
492 C  CG1 . ILE A 68 ? 0.7362 0.7471 0.3661 0.0031  0.0246  0.0424  68  ILE A CG1 
493 C  CG2 . ILE A 68 ? 0.8348 0.8864 0.4357 0.0078  0.0696  -0.0042 68  ILE A CG2 
494 C  CD1 . ILE A 68 ? 0.7406 0.7357 0.3332 -0.0085 0.0436  0.0848  68  ILE A CD1 
495 N  N   . SER A 69 ? 0.8150 0.8676 0.3408 0.0337  -0.0174 -0.0767 69  SER A N   
496 C  CA  . SER A 69 ? 0.9386 1.0010 0.4318 0.0374  -0.0184 -0.1214 69  SER A CA  
497 C  C   . SER A 69 ? 0.8245 0.8936 0.3851 0.0344  -0.0402 -0.1585 69  SER A C   
498 O  O   . SER A 69 ? 0.8092 0.8780 0.3893 0.0319  -0.0254 -0.1942 69  SER A O   
499 C  CB  . SER A 69 ? 1.0887 1.1498 0.4863 0.0453  -0.0438 -0.1205 69  SER A CB  
500 O  OG  . SER A 69 ? 1.2688 1.3210 0.6001 0.0423  -0.0117 -0.0932 69  SER A OG  
501 N  N   . GLN A 70 ? 0.8060 0.8807 0.4057 0.0349  -0.0736 -0.1501 70  GLN A N   
502 C  CA  . GLN A 70 ? 0.8098 0.8958 0.4805 0.0277  -0.0896 -0.1798 70  GLN A CA  
503 C  C   . GLN A 70 ? 0.7225 0.8009 0.4596 0.0184  -0.0583 -0.1789 70  GLN A C   
504 O  O   . GLN A 70 ? 0.7306 0.8065 0.5044 0.0110  -0.0542 -0.2090 70  GLN A O   
505 C  CB  . GLN A 70 ? 0.9258 1.0273 0.6325 0.0315  -0.1241 -0.1678 70  GLN A CB  
506 C  CG  . GLN A 70 ? 1.0855 1.1967 0.7371 0.0447  -0.1630 -0.1636 70  GLN A CG  
507 C  CD  . GLN A 70 ? 1.2083 1.3381 0.9114 0.0534  -0.1935 -0.1517 70  GLN A CD  
508 O  OE1 . GLN A 70 ? 1.1610 1.3167 0.9349 0.0463  -0.2038 -0.1738 70  GLN A OE1 
509 N  NE2 . GLN A 70 ? 1.3135 1.4293 0.9851 0.0688  -0.2056 -0.1160 70  GLN A NE2 
510 N  N   . ILE A 71 ? 0.6122 0.6840 0.3659 0.0181  -0.0395 -0.1435 71  ILE A N   
511 C  CA  . ILE A 71 ? 0.5961 0.6630 0.4080 0.0107  -0.0145 -0.1379 71  ILE A CA  
512 C  C   . ILE A 71 ? 0.6893 0.7507 0.4961 0.0124  0.0126  -0.1591 71  ILE A C   
513 O  O   . ILE A 71 ? 0.6185 0.6729 0.4757 0.0084  0.0219  -0.1731 71  ILE A O   
514 C  CB  . ILE A 71 ? 0.5443 0.6064 0.3644 0.0092  -0.0028 -0.0985 71  ILE A CB  
515 C  CG1 . ILE A 71 ? 0.5739 0.6360 0.4095 0.0104  -0.0278 -0.0843 71  ILE A CG1 
516 C  CG2 . ILE A 71 ? 0.4811 0.5423 0.3530 0.0027  0.0204  -0.0919 71  ILE A CG2 
517 C  CD1 . ILE A 71 ? 0.5194 0.5671 0.3498 0.0090  -0.0220 -0.0497 71  ILE A CD1 
518 N  N   . ASP A 72 ? 0.7718 0.8344 0.5162 0.0196  0.0266  -0.1616 72  ASP A N   
519 C  CA  . ASP A 72 ? 0.8968 0.9576 0.6356 0.0257  0.0581  -0.1843 72  ASP A CA  
520 C  C   . ASP A 72 ? 0.8846 0.9325 0.6330 0.0264  0.0471  -0.2325 72  ASP A C   
521 O  O   . ASP A 72 ? 0.9170 0.9532 0.7031 0.0303  0.0673  -0.2521 72  ASP A O   
522 C  CB  . ASP A 72 ? 1.0329 1.1022 0.6934 0.0325  0.0783  -0.1774 72  ASP A CB  
523 C  CG  . ASP A 72 ? 1.2091 1.2876 0.8798 0.0401  0.1233  -0.1864 72  ASP A CG  
524 O  OD1 . ASP A 72 ? 1.3433 1.4377 0.9774 0.0407  0.1506  -0.1631 72  ASP A OD1 
525 O  OD2 . ASP A 72 ? 1.2786 1.3490 0.9976 0.0459  0.1324  -0.2157 72  ASP A OD2 
526 N  N   . LYS A 73 ? 0.7651 0.8136 0.4851 0.0223  0.0126  -0.2522 73  LYS A N   
527 C  CA  . LYS A 73 ? 0.7617 0.7971 0.4928 0.0176  -0.0034 -0.3001 73  LYS A CA  
528 C  C   . LYS A 73 ? 0.6305 0.6572 0.4485 0.0039  -0.0133 -0.3012 73  LYS A C   
529 O  O   . LYS A 73 ? 0.8120 0.8224 0.6521 -0.0049 -0.0256 -0.3377 73  LYS A O   
530 C  CB  . LYS A 73 ? 0.7986 0.8404 0.4775 0.0150  -0.0405 -0.3113 73  LYS A CB  
531 N  N   . LEU A 74 ? 0.5610 0.5957 0.4248 0.0001  -0.0078 -0.2621 74  LEU A N   
532 C  CA  . LEU A 74 ? 0.6464 0.6765 0.5815 -0.0142 -0.0157 -0.2577 74  LEU A CA  
533 C  C   . LEU A 74 ? 0.9365 0.9355 0.9131 -0.0162 0.0029  -0.2734 74  LEU A C   
534 O  O   . LEU A 74 ? 1.0192 1.0044 0.9805 -0.0022 0.0263  -0.2823 74  LEU A O   
535 C  CB  . LEU A 74 ? 0.5608 0.6044 0.5227 -0.0157 -0.0112 -0.2143 74  LEU A CB  
536 C  CG  . LEU A 74 ? 0.6268 0.6945 0.5979 -0.0209 -0.0360 -0.2033 74  LEU A CG  
537 C  CD1 . LEU A 74 ? 0.3732 0.4455 0.3652 -0.0206 -0.0265 -0.1665 74  LEU A CD1 
538 C  CD2 . LEU A 74 ? 0.5802 0.6552 0.5981 -0.0372 -0.0528 -0.2263 74  LEU A CD2 
539 N  N   . GLU A 75 ? 1.0886 1.0768 1.1213 -0.0329 -0.0065 -0.2752 75  GLU A N   
540 C  CA  . GLU A 75 ? 1.1300 1.0813 1.2090 -0.0354 0.0085  -0.2790 75  GLU A CA  
541 C  C   . GLU A 75 ? 0.9475 0.9016 1.0530 -0.0292 0.0262  -0.2351 75  GLU A C   
542 O  O   . GLU A 75 ? 0.9815 0.9592 1.0927 -0.0360 0.0207  -0.2046 75  GLU A O   
543 C  CB  . GLU A 75 ? 1.1821 1.1179 1.3096 -0.0602 -0.0077 -0.2920 75  GLU A CB  
544 N  N   . ASP A 76 ? 0.7894 0.7208 0.9111 -0.0144 0.0459  -0.2346 76  ASP A N   
545 C  CA  . ASP A 76 ? 0.7574 0.6900 0.9103 -0.0060 0.0595  -0.1972 76  ASP A CA  
546 C  C   . ASP A 76 ? 0.5731 0.5418 0.6984 0.0053  0.0701  -0.1758 76  ASP A C   
547 O  O   . ASP A 76 ? 0.5293 0.5068 0.6812 0.0097  0.0767  -0.1448 76  ASP A O   
548 C  CB  . ASP A 76 ? 0.7251 0.6555 0.9116 -0.0236 0.0492  -0.1638 76  ASP A CB  
549 C  CG  . ASP A 76 ? 0.7704 0.6648 0.9907 -0.0405 0.0415  -0.1764 76  ASP A CG  
550 O  OD1 . ASP A 76 ? 0.6404 0.4955 0.8941 -0.0344 0.0482  -0.1737 76  ASP A OD1 
551 O  OD2 . ASP A 76 ? 0.7582 0.6637 0.9766 -0.0602 0.0283  -0.1876 76  ASP A OD2 
552 N  N   . VAL A 77 ? 0.4401 0.4282 0.5133 0.0084  0.0701  -0.1890 77  VAL A N   
553 C  CA  . VAL A 77 ? 0.4221 0.4387 0.4687 0.0155  0.0824  -0.1667 77  VAL A CA  
554 C  C   . VAL A 77 ? 0.5221 0.5429 0.5532 0.0332  0.1094  -0.1866 77  VAL A C   
555 O  O   . VAL A 77 ? 0.6362 0.6472 0.6280 0.0386  0.1115  -0.2226 77  VAL A O   
556 C  CB  . VAL A 77 ? 0.5386 0.5710 0.5348 0.0082  0.0659  -0.1609 77  VAL A CB  
557 C  CG1 . VAL A 77 ? 0.5330 0.5853 0.4963 0.0135  0.0811  -0.1392 77  VAL A CG1 
558 C  CG2 . VAL A 77 ? 0.4558 0.4912 0.4746 -0.0051 0.0454  -0.1409 77  VAL A CG2 
559 N  N   . VAL A 78 ? 0.4526 0.4918 0.5150 0.0425  0.1302  -0.1652 78  VAL A N   
560 C  CA  . VAL A 78 ? 0.5577 0.6081 0.6199 0.0620  0.1620  -0.1849 78  VAL A CA  
561 C  C   . VAL A 78 ? 0.5808 0.6680 0.6026 0.0606  0.1817  -0.1674 78  VAL A C   
562 O  O   . VAL A 78 ? 0.6991 0.7991 0.6870 0.0727  0.2093  -0.1885 78  VAL A O   
563 C  CB  . VAL A 78 ? 0.6672 0.7178 0.8064 0.0771  0.1743  -0.1769 78  VAL A CB  
564 C  CG1 . VAL A 78 ? 0.7105 0.7199 0.8877 0.0720  0.1504  -0.1775 78  VAL A CG1 
565 C  CG2 . VAL A 78 ? 0.6986 0.7887 0.8745 0.0736  0.1797  -0.1350 78  VAL A CG2 
566 N  N   . LYS A 79 ? 0.5399 0.6412 0.5612 0.0448  0.1690  -0.1294 79  LYS A N   
567 C  CA  . LYS A 79 ? 0.5833 0.7120 0.5706 0.0386  0.1860  -0.1066 79  LYS A CA  
568 C  C   . LYS A 79 ? 0.5694 0.6905 0.5390 0.0202  0.1587  -0.0758 79  LYS A C   
569 O  O   . LYS A 79 ? 0.4269 0.5393 0.4361 0.0129  0.1376  -0.0625 79  LYS A O   
570 C  CB  . LYS A 79 ? 0.5230 0.6893 0.5673 0.0436  0.2155  -0.0890 79  LYS A CB  
571 N  N   . VAL A 80 ? 0.5333 0.6549 0.4399 0.0142  0.1597  -0.0648 80  VAL A N   
572 C  CA  . VAL A 80 ? 0.5938 0.7032 0.4826 0.0003  0.1363  -0.0355 80  VAL A CA  
573 C  C   . VAL A 80 ? 0.6229 0.7451 0.4817 -0.0089 0.1572  -0.0059 80  VAL A C   
574 O  O   . VAL A 80 ? 0.5574 0.6866 0.3599 -0.0040 0.1771  -0.0116 80  VAL A O   
575 C  CB  . VAL A 80 ? 0.5665 0.6532 0.4084 0.0029  0.1052  -0.0493 80  VAL A CB  
576 C  CG1 . VAL A 80 ? 0.6623 0.7492 0.4347 0.0120  0.1120  -0.0709 80  VAL A CG1 
577 C  CG2 . VAL A 80 ? 0.6087 0.6809 0.4350 -0.0059 0.0835  -0.0198 80  VAL A CG2 
578 N  N   . GLN A 81 ? 0.7288 0.8534 0.6228 -0.0243 0.1537  0.0255  81  GLN A N   
579 C  CA  . GLN A 81 ? 0.7845 0.9202 0.6649 -0.0394 0.1749  0.0580  81  GLN A CA  
580 C  C   . GLN A 81 ? 0.7447 0.8456 0.6031 -0.0536 0.1482  0.0860  81  GLN A C   
581 O  O   . GLN A 81 ? 0.6965 0.7782 0.5827 -0.0553 0.1195  0.0839  81  GLN A O   
582 C  CB  . GLN A 81 ? 0.7707 0.9455 0.7273 -0.0485 0.1982  0.0700  81  GLN A CB  
583 C  CG  . GLN A 81 ? 0.8600 1.0720 0.8460 -0.0309 0.2303  0.0450  81  GLN A CG  
584 C  CD  . GLN A 81 ? 0.9096 1.1698 0.9775 -0.0385 0.2533  0.0610  81  GLN A CD  
585 O  OE1 . GLN A 81 ? 1.0316 1.3319 1.1071 -0.0370 0.2941  0.0634  81  GLN A OE1 
586 N  NE2 . GLN A 81 ? 0.8678 1.1290 0.9980 -0.0468 0.2270  0.0714  81  GLN A NE2 
587 N  N   . ARG A 82 ? 0.8338 0.9242 0.6400 -0.0630 0.1595  0.1127  82  ARG A N   
588 C  CA  . ARG A 82 ? 0.7849 0.8345 0.5702 -0.0762 0.1373  0.1437  82  ARG A CA  
589 C  C   . ARG A 82 ? 0.7338 0.7933 0.5550 -0.1038 0.1586  0.1779  82  ARG A C   
590 O  O   . ARG A 82 ? 0.8363 0.9254 0.6467 -0.1128 0.1960  0.1928  82  ARG A O   
591 C  CB  . ARG A 82 ? 0.9714 0.9928 0.6679 -0.0674 0.1286  0.1552  82  ARG A CB  
592 C  CG  . ARG A 82 ? 1.0481 1.0186 0.7197 -0.0770 0.1052  0.1906  82  ARG A CG  
593 C  CD  . ARG A 82 ? 1.1584 1.1055 0.7382 -0.0670 0.0982  0.2084  82  ARG A CD  
594 N  NE  . ARG A 82 ? 1.3468 1.2436 0.8987 -0.0801 0.0876  0.2545  82  ARG A NE  
595 C  CZ  . ARG A 82 ? 1.4779 1.3257 1.0111 -0.0666 0.0473  0.2630  82  ARG A CZ  
596 N  NH1 . ARG A 82 ? 1.4686 1.3212 1.0111 -0.0411 0.0164  0.2283  82  ARG A NH1 
597 N  NH2 . ARG A 82 ? 1.5624 1.3566 1.0723 -0.0783 0.0388  0.3069  82  ARG A NH2 
598 N  N   . ASN A 83 ? 0.6992 0.7371 0.5654 -0.1183 0.1358  0.1877  83  ASN A N   
599 C  CA  . ASN A 83 ? 0.8453 0.8778 0.7423 -0.1499 0.1449  0.2219  83  ASN A CA  
600 C  C   . ASN A 83 ? 0.7476 0.8446 0.7070 -0.1644 0.1814  0.2265  83  ASN A C   
601 O  O   . ASN A 83 ? 0.7642 0.8656 0.7318 -0.1848 0.2037  0.2479  83  ASN A O   
602 C  CB  . ASN A 83 ? 1.0966 1.0874 0.9270 -0.1606 0.1498  0.2586  83  ASN A CB  
603 C  CG  . ASN A 83 ? 1.2198 1.1402 1.0282 -0.1592 0.1093  0.2673  83  ASN A CG  
604 O  OD1 . ASN A 83 ? 1.3327 1.2391 1.1611 -0.1441 0.0795  0.2396  83  ASN A OD1 
605 N  ND2 . ASN A 83 ? 1.1686 1.0424 0.9387 -0.1706 0.1095  0.3022  83  ASN A ND2 
606 N  N   . GLN A 84 ? 0.7969 0.9350 0.8038 -0.1481 0.1841  0.1968  84  GLN A N   
607 C  CA  . GLN A 84 ? 0.9162 1.1188 1.0003 -0.1569 0.2118  0.1988  84  GLN A CA  
608 C  C   . GLN A 84 ? 0.8212 1.0358 0.9809 -0.1627 0.1827  0.1901  84  GLN A C   
609 O  O   . GLN A 84 ? 0.8877 1.1508 1.1113 -0.1564 0.1920  0.1779  84  GLN A O   
610 C  CB  . GLN A 84 ? 1.0013 1.2458 1.0803 -0.1300 0.2443  0.1738  84  GLN A CB  
611 C  CG  . GLN A 84 ? 1.1421 1.3900 1.1565 -0.1306 0.2812  0.1813  84  GLN A CG  
612 C  CD  . GLN A 84 ? 1.2601 1.5496 1.2717 -0.1049 0.3150  0.1499  84  GLN A CD  
613 O  OE1 . GLN A 84 ? 1.2980 1.5724 1.2377 -0.0843 0.3203  0.1326  84  GLN A OE1 
614 N  NE2 . GLN A 84 ? 1.2819 1.6235 1.3709 -0.1050 0.3345  0.1388  84  GLN A NE2 
615 N  N   . SER A 85 ? 0.6744 0.8391 0.8197 -0.1705 0.1436  0.1903  85  SER A N   
616 C  CA  . SER A 85 ? 0.6620 0.8325 0.8616 -0.1769 0.1125  0.1814  85  SER A CA  
617 C  C   . SER A 85 ? 0.7311 0.8693 0.9413 -0.2053 0.0914  0.1934  85  SER A C   
618 O  O   . SER A 85 ? 0.7213 0.8501 0.9238 -0.2218 0.1083  0.2100  85  SER A O   
619 C  CB  . SER A 85 ? 0.6380 0.7738 0.8028 -0.1538 0.0841  0.1556  85  SER A CB  
620 O  OG  . SER A 85 ? 0.6338 0.7739 0.7640 -0.1268 0.1001  0.1386  85  SER A OG  
621 N  N   . ASP A 86 ? 0.8107 0.9281 1.0337 -0.2097 0.0548  0.1817  86  ASP A N   
622 C  CA  . ASP A 86 ? 0.8102 0.8943 1.0420 -0.2331 0.0314  0.1836  86  ASP A CA  
623 C  C   . ASP A 86 ? 0.7356 0.7453 0.9075 -0.2341 0.0146  0.1859  86  ASP A C   
624 O  O   . ASP A 86 ? 0.8218 0.8055 0.9677 -0.2219 -0.0074 0.1704  86  ASP A O   
625 C  CB  . ASP A 86 ? 0.7746 0.8772 1.0446 -0.2353 0.0002  0.1666  86  ASP A CB  
626 C  CG  . ASP A 86 ? 0.8139 0.8870 1.0944 -0.2602 -0.0245 0.1640  86  ASP A CG  
627 O  OD1 . ASP A 86 ? 0.9044 0.9435 1.1728 -0.2769 -0.0155 0.1768  86  ASP A OD1 
628 O  OD2 . ASP A 86 ? 0.7876 0.8702 1.0865 -0.2630 -0.0535 0.1494  86  ASP A OD2 
629 N  N   . PRO A 87 ? 0.7213 0.6926 0.8702 -0.2470 0.0240  0.2044  87  PRO A N   
630 C  CA  . PRO A 87 ? 0.7554 0.6520 0.8464 -0.2407 0.0075  0.2083  87  PRO A CA  
631 C  C   . PRO A 87 ? 0.8067 0.6567 0.8952 -0.2423 -0.0300 0.1856  87  PRO A C   
632 O  O   . PRO A 87 ? 0.6817 0.4803 0.7265 -0.2261 -0.0463 0.1779  87  PRO A O   
633 C  CB  . PRO A 87 ? 0.7709 0.6390 0.8501 -0.2569 0.0246  0.2351  87  PRO A CB  
634 C  CG  . PRO A 87 ? 0.8729 0.7985 1.0106 -0.2782 0.0463  0.2405  87  PRO A CG  
635 C  CD  . PRO A 87 ? 0.8233 0.8188 0.9952 -0.2647 0.0535  0.2244  87  PRO A CD  
636 N  N   . THR A 88 ? 0.8814 0.7477 1.0124 -0.2595 -0.0447 0.1726  88  THR A N   
637 C  CA  . THR A 88 ? 0.7495 0.5730 0.8710 -0.2616 -0.0789 0.1467  88  THR A CA  
638 C  C   . THR A 88 ? 0.6837 0.5465 0.8167 -0.2531 -0.0947 0.1234  88  THR A C   
639 O  O   . THR A 88 ? 0.6745 0.5191 0.8042 -0.2587 -0.1211 0.1006  88  THR A O   
640 C  CB  . THR A 88 ? 0.7473 0.5519 0.8971 -0.2886 -0.0892 0.1466  88  THR A CB  
641 O  OG1 . THR A 88 ? 0.6624 0.5322 0.8661 -0.3060 -0.0715 0.1606  88  THR A OG1 
642 C  CG2 . THR A 88 ? 0.7334 0.4697 0.8569 -0.2938 -0.0843 0.1633  88  THR A CG2 
643 N  N   . MET A 89 ? 0.5682 0.4818 0.7100 -0.2389 -0.0787 0.1286  89  MET A N   
644 C  CA  . MET A 89 ? 0.5489 0.5047 0.7081 -0.2319 -0.0915 0.1134  89  MET A CA  
645 C  C   . MET A 89 ? 0.5671 0.4852 0.6802 -0.2180 -0.1144 0.0847  89  MET A C   
646 O  O   . MET A 89 ? 0.6233 0.5572 0.7414 -0.2232 -0.1360 0.0713  89  MET A O   
647 C  CB  . MET A 89 ? 0.4004 0.4078 0.5719 -0.2105 -0.0658 0.1205  89  MET A CB  
648 C  CG  . MET A 89 ? 0.3972 0.3822 0.5169 -0.1802 -0.0525 0.1103  89  MET A CG  
649 S  SD  . MET A 89 ? 0.3781 0.4172 0.5136 -0.1569 -0.0249 0.1117  89  MET A SD  
650 C  CE  . MET A 89 ? 0.3902 0.4413 0.5264 -0.1439 -0.0443 0.0936  89  MET A CE  
651 N  N   . PHE A 90 ? 0.5097 0.3814 0.5761 -0.1979 -0.1097 0.0746  90  PHE A N   
652 C  CA  . PHE A 90 ? 0.4875 0.3320 0.5136 -0.1804 -0.1242 0.0445  90  PHE A CA  
653 C  C   . PHE A 90 ? 0.6701 0.4615 0.6835 -0.1977 -0.1504 0.0263  90  PHE A C   
654 O  O   . PHE A 90 ? 0.6685 0.4507 0.6542 -0.1917 -0.1655 -0.0014 90  PHE A O   
655 C  CB  . PHE A 90 ? 0.4806 0.3058 0.4731 -0.1496 -0.1100 0.0377  90  PHE A CB  
656 C  CG  . PHE A 90 ? 0.4393 0.3137 0.4369 -0.1315 -0.0900 0.0429  90  PHE A CG  
657 C  CD1 . PHE A 90 ? 0.4406 0.3436 0.4333 -0.1216 -0.0902 0.0288  90  PHE A CD1 
658 C  CD2 . PHE A 90 ? 0.4429 0.3311 0.4465 -0.1263 -0.0711 0.0619  90  PHE A CD2 
659 C  CE1 . PHE A 90 ? 0.3525 0.2922 0.3537 -0.1078 -0.0732 0.0330  90  PHE A CE1 
660 C  CE2 . PHE A 90 ? 0.4757 0.4028 0.4830 -0.1107 -0.0548 0.0610  90  PHE A CE2 
661 C  CZ  . PHE A 90 ? 0.3391 0.2894 0.3490 -0.1020 -0.0566 0.0463  90  PHE A CZ  
662 N  N   . ASN A 91 ? 0.5946 0.3482 0.6250 -0.2204 -0.1554 0.0409  91  ASN A N   
663 C  CA  . ASN A 91 ? 0.6797 0.3916 0.7058 -0.2345 -0.1768 0.0215  91  ASN A CA  
664 C  C   . ASN A 91 ? 0.6525 0.4120 0.7014 -0.2503 -0.1919 0.0126  91  ASN A C   
665 O  O   . ASN A 91 ? 0.7286 0.4666 0.7538 -0.2520 -0.2124 -0.0168 91  ASN A O   
666 C  CB  . ASN A 91 ? 0.7520 0.4296 0.7982 -0.2504 -0.1699 0.0431  91  ASN A CB  
667 C  CG  . ASN A 91 ? 0.8339 0.4615 0.8528 -0.2321 -0.1584 0.0574  91  ASN A CG  
668 O  OD1 . ASN A 91 ? 0.9952 0.6485 1.0162 -0.2266 -0.1385 0.0843  91  ASN A OD1 
669 N  ND2 . ASN A 91 ? 0.8678 0.4246 0.8602 -0.2198 -0.1712 0.0391  91  ASN A ND2 
670 N  N   . LYS A 92 ? 0.6064 0.4312 0.6999 -0.2592 -0.1819 0.0365  92  LYS A N   
671 C  CA  . LYS A 92 ? 0.7052 0.5773 0.8272 -0.2716 -0.1991 0.0325  92  LYS A CA  
672 C  C   . LYS A 92 ? 0.6611 0.5511 0.7483 -0.2562 -0.2132 0.0148  92  LYS A C   
673 O  O   . LYS A 92 ? 0.6356 0.5273 0.7077 -0.2624 -0.2372 -0.0038 92  LYS A O   
674 C  CB  . LYS A 92 ? 0.6529 0.5897 0.8373 -0.2794 -0.1819 0.0619  92  LYS A CB  
675 C  CG  . LYS A 92 ? 0.6722 0.5976 0.8886 -0.2985 -0.1650 0.0803  92  LYS A CG  
676 C  CD  . LYS A 92 ? 0.7352 0.7310 1.0152 -0.3064 -0.1466 0.1028  92  LYS A CD  
677 C  CE  . LYS A 92 ? 0.7757 0.7679 1.0638 -0.3093 -0.1107 0.1272  92  LYS A CE  
678 N  NZ  . LYS A 92 ? 0.8546 0.9110 1.2055 -0.3212 -0.0895 0.1447  92  LYS A NZ  
679 N  N   . ILE A 93 ? 0.5847 0.4884 0.6557 -0.2370 -0.1981 0.0209  93  ILE A N   
680 C  CA  . ILE A 93 ? 0.6026 0.5175 0.6326 -0.2229 -0.2076 0.0058  93  ILE A CA  
681 C  C   . ILE A 93 ? 0.6686 0.5303 0.6373 -0.2174 -0.2198 -0.0298 93  ILE A C   
682 O  O   . ILE A 93 ? 0.6656 0.5350 0.5978 -0.2144 -0.2342 -0.0468 93  ILE A O   
683 C  CB  . ILE A 93 ? 0.5084 0.4446 0.5331 -0.1973 -0.1791 0.0170  93  ILE A CB  
684 C  CG1 . ILE A 93 ? 0.4583 0.4458 0.5425 -0.1987 -0.1640 0.0467  93  ILE A CG1 
685 C  CG2 . ILE A 93 ? 0.4739 0.4218 0.4553 -0.1808 -0.1809 0.0052  93  ILE A CG2 
686 C  CD1 . ILE A 93 ? 0.4012 0.4037 0.4807 -0.1721 -0.1337 0.0535  93  ILE A CD1 
687 N  N   . ALA A 94 ? 0.6440 0.4503 0.5997 -0.2137 -0.2130 -0.0412 94  ALA A N   
688 C  CA  . ALA A 94 ? 0.7188 0.4733 0.6218 -0.2008 -0.2189 -0.0786 94  ALA A CA  
689 C  C   . ALA A 94 ? 0.7979 0.5418 0.6909 -0.2154 -0.2409 -0.1004 94  ALA A C   
690 O  O   . ALA A 94 ? 0.8399 0.5566 0.6841 -0.2037 -0.2447 -0.1355 94  ALA A O   
691 C  CB  . ALA A 94 ? 0.6984 0.3934 0.6004 -0.1904 -0.2092 -0.0819 94  ALA A CB  
692 N  N   . VAL A 95 ? 0.7800 0.5481 0.7190 -0.2401 -0.2539 -0.0831 95  VAL A N   
693 C  CA  . VAL A 95 ? 0.8172 0.5781 0.7482 -0.2563 -0.2785 -0.1060 95  VAL A CA  
694 C  C   . VAL A 95 ? 0.8187 0.6166 0.7098 -0.2494 -0.2919 -0.1186 95  VAL A C   
695 O  O   . VAL A 95 ? 0.8872 0.6721 0.7456 -0.2553 -0.3108 -0.1484 95  VAL A O   
696 C  CB  . VAL A 95 ? 0.9882 0.7721 0.9844 -0.2854 -0.2893 -0.0848 95  VAL A CB  
697 C  CG1 . VAL A 95 ? 0.8021 0.5609 0.8364 -0.2921 -0.2694 -0.0610 95  VAL A CG1 
698 C  CG2 . VAL A 95 ? 1.0423 0.9011 1.0745 -0.2893 -0.2955 -0.0596 95  VAL A CG2 
699 N  N   . PHE A 96 ? 0.8441 0.6860 0.7338 -0.2372 -0.2825 -0.0962 96  PHE A N   
700 C  CA  . PHE A 96 ? 0.8919 0.7684 0.7425 -0.2305 -0.2942 -0.0988 96  PHE A CA  
701 C  C   . PHE A 96 ? 0.8387 0.7073 0.6268 -0.2073 -0.2746 -0.1108 96  PHE A C   
702 O  O   . PHE A 96 ? 1.0183 0.9017 0.7547 -0.2015 -0.2815 -0.1206 96  PHE A O   
703 C  CB  . PHE A 96 ? 0.8011 0.7369 0.7014 -0.2349 -0.3005 -0.0601 96  PHE A CB  
704 C  CG  . PHE A 96 ? 0.8687 0.8273 0.8329 -0.2564 -0.3192 -0.0493 96  PHE A CG  
705 C  CD1 . PHE A 96 ? 0.9826 0.9331 0.9349 -0.2722 -0.3471 -0.0725 96  PHE A CD1 
706 C  CD2 . PHE A 96 ? 0.8670 0.8590 0.9041 -0.2612 -0.3069 -0.0179 96  PHE A CD2 
707 C  CE1 . PHE A 96 ? 0.9806 0.9568 0.9966 -0.2944 -0.3644 -0.0634 96  PHE A CE1 
708 C  CE2 . PHE A 96 ? 0.9307 0.9504 1.0302 -0.2809 -0.3199 -0.0086 96  PHE A CE2 
709 C  CZ  . PHE A 96 ? 0.9586 0.9706 1.0496 -0.2986 -0.3496 -0.0306 96  PHE A CZ  
710 N  N   . PHE A 97 ? 0.7755 0.6242 0.5668 -0.1944 -0.2499 -0.1092 97  PHE A N   
711 C  CA  . PHE A 97 ? 0.8937 0.7406 0.6347 -0.1731 -0.2275 -0.1204 97  PHE A CA  
712 C  C   . PHE A 97 ? 1.0435 0.8399 0.7736 -0.1579 -0.2117 -0.1481 97  PHE A C   
713 O  O   . PHE A 97 ? 1.0825 0.8550 0.8546 -0.1609 -0.2100 -0.1377 97  PHE A O   
714 C  CB  . PHE A 97 ? 0.6474 0.5349 0.4152 -0.1667 -0.2102 -0.0851 97  PHE A CB  
715 C  CG  . PHE A 97 ? 0.7824 0.7143 0.5748 -0.1801 -0.2299 -0.0538 97  PHE A CG  
716 C  CD1 . PHE A 97 ? 0.8540 0.8088 0.6025 -0.1764 -0.2355 -0.0472 97  PHE A CD1 
717 C  CD2 . PHE A 97 ? 0.7747 0.7279 0.6390 -0.1916 -0.2377 -0.0288 97  PHE A CD2 
718 C  CE1 . PHE A 97 ? 0.9106 0.9034 0.6884 -0.1817 -0.2536 -0.0157 97  PHE A CE1 
719 C  CE2 . PHE A 97 ? 0.8654 0.8630 0.7640 -0.1957 -0.2521 -0.0013 97  PHE A CE2 
720 C  CZ  . PHE A 97 ? 0.8631 0.8779 0.7193 -0.1898 -0.2626 0.0055  97  PHE A CZ  
721 N  N   . GLN A 98 ? 1.1082 0.8903 0.7840 -0.1397 -0.1989 -0.1820 98  GLN A N   
722 C  CA  . GLN A 98 ? 1.1568 0.8931 0.8275 -0.1184 -0.1837 -0.2116 98  GLN A CA  
723 C  C   . GLN A 98 ? 1.2779 1.0345 0.9235 -0.0899 -0.1508 -0.2226 98  GLN A C   
724 O  O   . GLN A 98 ? 1.2432 1.0116 0.9302 -0.0726 -0.1306 -0.2072 98  GLN A O   
725 C  CB  . GLN A 98 ? 1.1520 0.8529 0.7999 -0.1197 -0.1938 -0.2497 98  GLN A CB  
726 C  CG  . GLN A 98 ? 1.2217 0.8958 0.9080 -0.1459 -0.2206 -0.2414 98  GLN A CG  
727 C  CD  . GLN A 98 ? 1.3176 1.0243 0.9941 -0.1694 -0.2452 -0.2388 98  GLN A CD  
728 O  OE1 . GLN A 98 ? 1.3747 1.1053 0.9998 -0.1640 -0.2451 -0.2568 98  GLN A OE1 
729 N  NE2 . GLN A 98 ? 1.2806 0.9921 1.0074 -0.1948 -0.2658 -0.2150 98  GLN A NE2 
730 O  OXT . GLN A 98 ? 1.3089 1.0818 0.9012 -0.0830 -0.1395 -0.2440 98  GLN A OXT 
731 N  N   . ILE B .  ? 0.3022 0.2852 0.4825 -0.0751 0.0223  0.0595  101 ILE A N   
732 C  CA  . ILE B .  ? 0.2811 0.2775 0.4590 -0.0735 0.0273  0.0264  101 ILE A CA  
733 C  C   . ILE B .  ? 0.2796 0.2902 0.4501 -0.0894 0.0324  0.0176  101 ILE A C   
734 O  O   . ILE B .  ? 0.2644 0.2925 0.4321 -0.0880 0.0319  -0.0074 101 ILE A O   
735 C  CB  . ILE B .  ? 0.2547 0.2725 0.4126 -0.0622 0.0229  0.0187  101 ILE A CB  
736 C  CG1 . ILE B .  ? 0.2480 0.2794 0.3784 -0.0676 0.0157  0.0344  101 ILE A CG1 
737 C  CG2 . ILE B .  ? 0.2758 0.2903 0.4531 -0.0473 0.0236  0.0217  101 ILE A CG2 
738 C  CD1 . ILE B .  ? 0.3816 0.4273 0.4907 -0.0628 0.0120  0.0216  101 ILE A CD1 
739 O  OXT . ILE B .  ? 0.2981 0.3067 0.4664 -0.1036 0.0376  0.0363  101 ILE A OXT 
740 CO CO  . CO  C .  ? 0.7119 0.5003 1.0324 -0.0760 0.0366  -0.1612 102 CO  A CO  
741 O  O   . HOH D .  ? 0.7946 0.6337 1.0187 0.0493  0.1030  -0.2622 201 HOH A O   
742 O  O   . HOH D .  ? 0.4761 0.6621 0.5989 -0.0394 -0.0956 -0.1932 202 HOH A O   
743 O  O   . HOH D .  ? 0.5006 0.9252 0.7830 0.1243  -0.2827 -0.1827 203 HOH A O   
744 O  O   . HOH D .  ? 0.6686 1.0994 0.9518 0.0212  -0.2689 -0.2361 204 HOH A O   
745 O  O   . HOH D .  ? 0.3179 0.3515 0.5165 -0.1389 0.0578  0.0248  205 HOH A O   
746 O  O   . HOH D .  ? 0.5672 0.5629 0.7524 -0.0786 0.0018  -0.1808 206 HOH A O   
747 O  O   . HOH D .  ? 0.5863 0.3678 0.4459 0.0718  -0.1355 0.0455  207 HOH A O   
748 O  O   . HOH D .  ? 0.9006 0.5895 0.6630 -0.0875 -0.1600 -0.1825 208 HOH A O   
749 O  O   . HOH D .  ? 0.3667 0.3505 0.7746 0.0426  -0.0011 0.1129  209 HOH A O   
750 O  O   . HOH D .  ? 0.3803 0.4019 0.5726 -0.0460 -0.0063 0.0925  210 HOH A O   
751 O  O   . HOH D .  ? 0.3504 0.4348 0.5307 -0.1060 0.0384  -0.0329 211 HOH A O   
752 O  O   . HOH D .  ? 0.5540 0.7249 0.4151 0.0720  -0.2210 -0.1319 212 HOH A O   
753 O  O   . HOH D .  ? 0.7061 0.4903 0.7057 0.1874  -0.1395 -0.1115 213 HOH A O   
754 O  O   . HOH D .  ? 0.4555 0.6476 0.5803 -0.0081 0.1715  0.0110  214 HOH A O   
755 O  O   . HOH D .  ? 0.6931 0.5327 0.6022 0.1767  -0.2071 0.0149  215 HOH A O   
756 O  O   . HOH D .  ? 0.5952 0.5562 0.8532 -0.1101 0.0161  -0.1413 216 HOH A O   
757 O  O   . HOH D .  ? 0.3948 0.6660 0.7648 0.0508  0.1989  -0.0039 217 HOH A O   
758 O  O   . HOH D .  ? 0.6534 0.6937 1.0684 0.1819  0.2261  -0.1932 218 HOH A O   
759 O  O   . HOH D .  ? 0.5913 0.3013 1.0585 0.0562  0.0528  -0.0302 219 HOH A O   
760 O  O   . HOH D .  ? 0.8130 0.9835 0.5468 -0.0574 0.2634  0.1094  220 HOH A O   
761 O  O   . HOH D .  ? 0.9030 0.8367 1.3205 0.1953  0.2063  -0.2324 221 HOH A O   
762 O  O   . HOH D .  ? 0.5602 0.6208 1.1276 0.1035  -0.1328 0.2721  222 HOH A O   
763 O  O   . HOH D .  ? 0.7016 0.9218 0.6549 0.0079  -0.2195 -0.2351 223 HOH A O   
764 O  O   . HOH D .  ? 0.7484 0.8207 0.9171 -0.2368 -0.2322 0.0576  224 HOH A O   
765 O  O   . HOH D .  ? 0.8687 0.5031 0.7898 -0.1104 -0.1404 0.0007  225 HOH A O   
766 O  O   . HOH D .  ? 0.8666 0.9715 0.9322 -0.2214 -0.3071 0.0482  226 HOH A O   
# 
loop_
_pdbx_poly_seq_scheme.asym_id 
_pdbx_poly_seq_scheme.entity_id 
_pdbx_poly_seq_scheme.seq_id 
_pdbx_poly_seq_scheme.mon_id 
_pdbx_poly_seq_scheme.ndb_seq_num 
_pdbx_poly_seq_scheme.pdb_seq_num 
_pdbx_poly_seq_scheme.auth_seq_num 
_pdbx_poly_seq_scheme.pdb_mon_id 
_pdbx_poly_seq_scheme.auth_mon_id 
_pdbx_poly_seq_scheme.pdb_strand_id 
_pdbx_poly_seq_scheme.pdb_ins_code 
_pdbx_poly_seq_scheme.hetero 
A 1 1  GLY 1  1  ?  ?   ?   A . n 
A 1 2  SER 2  2  ?  ?   ?   A . n 
A 1 3  MET 3  3  ?  ?   ?   A . n 
A 1 4  GLN 4  4  ?  ?   ?   A . n 
A 1 5  ASN 5  5  ?  ?   ?   A . n 
A 1 6  THR 6  6  ?  ?   ?   A . n 
A 1 7  THR 7  7  ?  ?   ?   A . n 
A 1 8  HIS 8  8  8  HIS HIS A . n 
A 1 9  ASP 9  9  9  ASP ASP A . n 
A 1 10 ASN 10 10 10 ASN ASN A . n 
A 1 11 VAL 11 11 11 VAL VAL A . n 
A 1 12 ILE 12 12 12 ILE ILE A . n 
A 1 13 LEU 13 13 13 LEU LEU A . n 
A 1 14 GLU 14 14 14 GLU GLU A . n 
A 1 15 LEU 15 15 15 LEU LEU A . n 
A 1 16 THR 16 16 16 THR THR A . n 
A 1 17 VAL 17 17 17 VAL VAL A . n 
A 1 18 ARG 18 18 18 ARG ARG A . n 
A 1 19 ASN 19 19 19 ASN ASN A . n 
A 1 20 HIS 20 20 20 HIS HIS A . n 
A 1 21 PRO 21 21 21 PRO PRO A . n 
A 1 22 GLY 22 22 22 GLY GLY A . n 
A 1 23 VAL 23 23 23 VAL VAL A . n 
A 1 24 MET 24 24 24 MET MET A . n 
A 1 25 THR 25 25 25 THR THR A . n 
A 1 26 HIS 26 26 26 HIS HIS A . n 
A 1 27 VAL 27 27 27 VAL VAL A . n 
A 1 28 CYS 28 28 28 CYS CYS A . n 
A 1 29 GLY 29 29 29 GLY GLY A . n 
A 1 30 LEU 30 30 30 LEU LEU A . n 
A 1 31 PHE 31 31 31 PHE PHE A . n 
A 1 32 ALA 32 32 32 ALA ALA A . n 
A 1 33 ARG 33 33 33 ARG ARG A . n 
A 1 34 ARG 34 34 34 ARG ARG A . n 
A 1 35 ALA 35 35 35 ALA ALA A . n 
A 1 36 PHE 36 36 36 PHE PHE A . n 
A 1 37 ASN 37 37 37 ASN ASN A . n 
A 1 38 VAL 38 38 38 VAL VAL A . n 
A 1 39 GLU 39 39 39 GLU GLU A . n 
A 1 40 GLY 40 40 40 GLY GLY A . n 
A 1 41 ILE 41 41 41 ILE ILE A . n 
A 1 42 LEU 42 42 42 LEU LEU A . n 
A 1 43 CYS 43 43 43 CYS CYS A . n 
A 1 44 LEU 44 44 44 LEU LEU A . n 
A 1 45 PRO 45 45 45 PRO PRO A . n 
A 1 46 ILE 46 46 46 ILE ILE A . n 
A 1 47 GLN 47 47 47 GLN GLN A . n 
A 1 48 ASP 48 48 48 ASP ASP A . n 
A 1 49 SER 49 49 49 SER SER A . n 
A 1 50 ASP 50 50 50 ASP ASP A . n 
A 1 51 LYS 51 51 51 LYS LYS A . n 
A 1 52 SER 52 52 52 SER SER A . n 
A 1 53 HIS 53 53 53 HIS HIS A . n 
A 1 54 ILE 54 54 54 ILE ILE A . n 
A 1 55 TRP 55 55 55 TRP TRP A . n 
A 1 56 LEU 56 56 56 LEU LEU A . n 
A 1 57 LEU 57 57 57 LEU LEU A . n 
A 1 58 VAL 58 58 58 VAL VAL A . n 
A 1 59 ASN 59 59 59 ASN ASN A . n 
A 1 60 ASP 60 60 60 ASP ASP A . n 
A 1 61 ASP 61 61 61 ASP ASP A . n 
A 1 62 GLN 62 62 62 GLN GLN A . n 
A 1 63 ARG 63 63 63 ARG ARG A . n 
A 1 64 LEU 64 64 64 LEU LEU A . n 
A 1 65 GLU 65 65 65 GLU GLU A . n 
A 1 66 GLN 66 66 66 GLN GLN A . n 
A 1 67 MET 67 67 67 MET MET A . n 
A 1 68 ILE 68 68 68 ILE ILE A . n 
A 1 69 SER 69 69 69 SER SER A . n 
A 1 70 GLN 70 70 70 GLN GLN A . n 
A 1 71 ILE 71 71 71 ILE ILE A . n 
A 1 72 ASP 72 72 72 ASP ASP A . n 
A 1 73 LYS 73 73 73 LYS LYS A . n 
A 1 74 LEU 74 74 74 LEU LEU A . n 
A 1 75 GLU 75 75 75 GLU GLU A . n 
A 1 76 ASP 76 76 76 ASP ASP A . n 
A 1 77 VAL 77 77 77 VAL VAL A . n 
A 1 78 VAL 78 78 78 VAL VAL A . n 
A 1 79 LYS 79 79 79 LYS LYS A . n 
A 1 80 VAL 80 80 80 VAL VAL A . n 
A 1 81 GLN 81 81 81 GLN GLN A . n 
A 1 82 ARG 82 82 82 ARG ARG A . n 
A 1 83 ASN 83 83 83 ASN ASN A . n 
A 1 84 GLN 84 84 84 GLN GLN A . n 
A 1 85 SER 85 85 85 SER SER A . n 
A 1 86 ASP 86 86 86 ASP ASP A . n 
A 1 87 PRO 87 87 87 PRO PRO A . n 
A 1 88 THR 88 88 88 THR THR A . n 
A 1 89 MET 89 89 89 MET MET A . n 
A 1 90 PHE 90 90 90 PHE PHE A . n 
A 1 91 ASN 91 91 91 ASN ASN A . n 
A 1 92 LYS 92 92 92 LYS LYS A . n 
A 1 93 ILE 93 93 93 ILE ILE A . n 
A 1 94 ALA 94 94 94 ALA ALA A . n 
A 1 95 VAL 95 95 95 VAL VAL A . n 
A 1 96 PHE 96 96 96 PHE PHE A . n 
A 1 97 PHE 97 97 97 PHE PHE A . n 
A 1 98 GLN 98 98 98 GLN GLN A . n 
# 
loop_
_pdbx_nonpoly_scheme.asym_id 
_pdbx_nonpoly_scheme.entity_id 
_pdbx_nonpoly_scheme.mon_id 
_pdbx_nonpoly_scheme.ndb_seq_num 
_pdbx_nonpoly_scheme.pdb_seq_num 
_pdbx_nonpoly_scheme.auth_seq_num 
_pdbx_nonpoly_scheme.pdb_mon_id 
_pdbx_nonpoly_scheme.auth_mon_id 
_pdbx_nonpoly_scheme.pdb_strand_id 
_pdbx_nonpoly_scheme.pdb_ins_code 
B 2 ILE 1  101 101 ILE ILE A . 
C 3 CO  1  102 1   CO  CO  A . 
D 4 HOH 1  201 45  HOH HOH A . 
D 4 HOH 2  202 47  HOH HOH A . 
D 4 HOH 3  203 9   HOH HOH A . 
D 4 HOH 4  204 52  HOH HOH A . 
D 4 HOH 5  205 35  HOH HOH A . 
D 4 HOH 6  206 44  HOH HOH A . 
D 4 HOH 7  207 42  HOH HOH A . 
D 4 HOH 8  208 46  HOH HOH A . 
D 4 HOH 9  209 13  HOH HOH A . 
D 4 HOH 10 210 1   HOH HOH A . 
D 4 HOH 11 211 23  HOH HOH A . 
D 4 HOH 12 212 34  HOH HOH A . 
D 4 HOH 13 213 43  HOH HOH A . 
D 4 HOH 14 214 40  HOH HOH A . 
D 4 HOH 15 215 32  HOH HOH A . 
D 4 HOH 16 216 53  HOH HOH A . 
D 4 HOH 17 217 29  HOH HOH A . 
D 4 HOH 18 218 49  HOH HOH A . 
D 4 HOH 19 219 14  HOH HOH A . 
D 4 HOH 20 220 24  HOH HOH A . 
D 4 HOH 21 221 50  HOH HOH A . 
D 4 HOH 22 222 25  HOH HOH A . 
D 4 HOH 23 223 48  HOH HOH A . 
D 4 HOH 24 224 51  HOH HOH A . 
D 4 HOH 25 225 20  HOH HOH A . 
D 4 HOH 26 226 41  HOH HOH A . 
# 
_pdbx_struct_assembly.id                   1 
_pdbx_struct_assembly.details              author_and_software_defined_assembly 
_pdbx_struct_assembly.method_details       PISA 
_pdbx_struct_assembly.oligomeric_details   dimeric 
_pdbx_struct_assembly.oligomeric_count     2 
# 
_pdbx_struct_assembly_gen.assembly_id       1 
_pdbx_struct_assembly_gen.oper_expression   1,2 
_pdbx_struct_assembly_gen.asym_id_list      A,B,C,D 
# 
loop_
_pdbx_struct_assembly_prop.biol_id 
_pdbx_struct_assembly_prop.type 
_pdbx_struct_assembly_prop.value 
_pdbx_struct_assembly_prop.details 
1 'ABSA (A^2)' 2500 ? 
1 MORE         -19  ? 
1 'SSA (A^2)'  9190 ? 
# 
loop_
_pdbx_struct_oper_list.id 
_pdbx_struct_oper_list.type 
_pdbx_struct_oper_list.name 
_pdbx_struct_oper_list.symmetry_operation 
_pdbx_struct_oper_list.matrix[1][1] 
_pdbx_struct_oper_list.matrix[1][2] 
_pdbx_struct_oper_list.matrix[1][3] 
_pdbx_struct_oper_list.vector[1] 
_pdbx_struct_oper_list.matrix[2][1] 
_pdbx_struct_oper_list.matrix[2][2] 
_pdbx_struct_oper_list.matrix[2][3] 
_pdbx_struct_oper_list.vector[2] 
_pdbx_struct_oper_list.matrix[3][1] 
_pdbx_struct_oper_list.matrix[3][2] 
_pdbx_struct_oper_list.matrix[3][3] 
_pdbx_struct_oper_list.vector[3] 
1 'identity operation'         1_555 x,y,z      1.0000000000 0.0000000000 0.0000000000 0.0000000000 0.0000000000 1.0000000000  0.0000000000 0.0000000000 0.0000000000 0.0000000000 1.0000000000  0.0000000000   
2 'crystal symmetry operation' 6_555 -x,-x+y,-z 0.4088219044 0.6730120360 0.6163760621 5.6222318190 0.6730120360 -0.6784936413 0.2944506379 1.6269556572 0.6163760621 0.2944506379 -0.7303282631 -14.6269211796 
# 
_pdbx_struct_special_symmetry.id              1 
_pdbx_struct_special_symmetry.PDB_model_num   1 
_pdbx_struct_special_symmetry.auth_asym_id    A 
_pdbx_struct_special_symmetry.auth_comp_id    CO 
_pdbx_struct_special_symmetry.auth_seq_id     102 
_pdbx_struct_special_symmetry.PDB_ins_code    ? 
_pdbx_struct_special_symmetry.label_asym_id   C 
_pdbx_struct_special_symmetry.label_comp_id   CO 
_pdbx_struct_special_symmetry.label_seq_id    . 
# 
loop_
_pdbx_struct_conn_angle.id 
_pdbx_struct_conn_angle.ptnr1_label_atom_id 
_pdbx_struct_conn_angle.ptnr1_label_alt_id 
_pdbx_struct_conn_angle.ptnr1_label_asym_id 
_pdbx_struct_conn_angle.ptnr1_label_comp_id 
_pdbx_struct_conn_angle.ptnr1_label_seq_id 
_pdbx_struct_conn_angle.ptnr1_auth_atom_id 
_pdbx_struct_conn_angle.ptnr1_auth_asym_id 
_pdbx_struct_conn_angle.ptnr1_auth_comp_id 
_pdbx_struct_conn_angle.ptnr1_auth_seq_id 
_pdbx_struct_conn_angle.ptnr1_PDB_ins_code 
_pdbx_struct_conn_angle.ptnr1_symmetry 
_pdbx_struct_conn_angle.ptnr2_label_atom_id 
_pdbx_struct_conn_angle.ptnr2_label_alt_id 
_pdbx_struct_conn_angle.ptnr2_label_asym_id 
_pdbx_struct_conn_angle.ptnr2_label_comp_id 
_pdbx_struct_conn_angle.ptnr2_label_seq_id 
_pdbx_struct_conn_angle.ptnr2_auth_atom_id 
_pdbx_struct_conn_angle.ptnr2_auth_asym_id 
_pdbx_struct_conn_angle.ptnr2_auth_comp_id 
_pdbx_struct_conn_angle.ptnr2_auth_seq_id 
_pdbx_struct_conn_angle.ptnr2_PDB_ins_code 
_pdbx_struct_conn_angle.ptnr2_symmetry 
_pdbx_struct_conn_angle.ptnr3_label_atom_id 
_pdbx_struct_conn_angle.ptnr3_label_alt_id 
_pdbx_struct_conn_angle.ptnr3_label_asym_id 
_pdbx_struct_conn_angle.ptnr3_label_comp_id 
_pdbx_struct_conn_angle.ptnr3_label_seq_id 
_pdbx_struct_conn_angle.ptnr3_auth_atom_id 
_pdbx_struct_conn_angle.ptnr3_auth_asym_id 
_pdbx_struct_conn_angle.ptnr3_auth_comp_id 
_pdbx_struct_conn_angle.ptnr3_auth_seq_id 
_pdbx_struct_conn_angle.ptnr3_PDB_ins_code 
_pdbx_struct_conn_angle.ptnr3_symmetry 
_pdbx_struct_conn_angle.value 
_pdbx_struct_conn_angle.value_esd 
1 ND1 ? A HIS 20 ? A HIS 20 ? 1_555 CO ? C CO . ? A CO 102 ? 1_555 ND1 ? A HIS 20 ? A HIS 20 ? 1_555 0.0  ? 
2 ND1 ? A HIS 20 ? A HIS 20 ? 1_555 CO ? C CO . ? A CO 102 ? 1_555 OD1 ? A ASP 76 ? A ASP 76 ? 1_555 71.1 ? 
3 ND1 ? A HIS 20 ? A HIS 20 ? 1_555 CO ? C CO . ? A CO 102 ? 1_555 OD1 ? A ASP 76 ? A ASP 76 ? 1_555 71.1 ? 
4 ND1 ? A HIS 20 ? A HIS 20 ? 1_555 CO ? C CO . ? A CO 102 ? 1_555 OD1 ? A ASP 76 ? A ASP 76 ? 1_555 71.1 ? 
5 ND1 ? A HIS 20 ? A HIS 20 ? 1_555 CO ? C CO . ? A CO 102 ? 1_555 OD1 ? A ASP 76 ? A ASP 76 ? 1_555 71.1 ? 
6 OD1 ? A ASP 76 ? A ASP 76 ? 1_555 CO ? C CO . ? A CO 102 ? 1_555 OD1 ? A ASP 76 ? A ASP 76 ? 1_555 0.0  ? 
# 
loop_
_pdbx_audit_revision_history.ordinal 
_pdbx_audit_revision_history.data_content_type 
_pdbx_audit_revision_history.major_revision 
_pdbx_audit_revision_history.minor_revision 
_pdbx_audit_revision_history.revision_date 
1 'Structure model' 1 0 2018-09-19 
2 'Structure model' 1 1 2019-04-03 
3 'Structure model' 1 2 2019-04-10 
4 'Structure model' 1 3 2019-05-01 
5 'Structure model' 1 4 2023-11-22 
# 
_pdbx_audit_revision_details.ordinal             1 
_pdbx_audit_revision_details.revision_ordinal    1 
_pdbx_audit_revision_details.data_content_type   'Structure model' 
_pdbx_audit_revision_details.provider            repository 
_pdbx_audit_revision_details.type                'Initial release' 
_pdbx_audit_revision_details.description         ? 
_pdbx_audit_revision_details.details             ? 
# 
loop_
_pdbx_audit_revision_group.ordinal 
_pdbx_audit_revision_group.revision_ordinal 
_pdbx_audit_revision_group.data_content_type 
_pdbx_audit_revision_group.group 
1  2 'Structure model' 'Data collection'        
2  2 'Structure model' 'Database references'    
3  3 'Structure model' 'Data collection'        
4  3 'Structure model' 'Database references'    
5  4 'Structure model' 'Data collection'        
6  4 'Structure model' 'Database references'    
7  5 'Structure model' 'Data collection'        
8  5 'Structure model' 'Database references'    
9  5 'Structure model' 'Derived calculations'   
10 5 'Structure model' 'Refinement description' 
# 
loop_
_pdbx_audit_revision_category.ordinal 
_pdbx_audit_revision_category.revision_ordinal 
_pdbx_audit_revision_category.data_content_type 
_pdbx_audit_revision_category.category 
1  2 'Structure model' citation                      
2  2 'Structure model' citation_author               
3  3 'Structure model' citation                      
4  3 'Structure model' citation_author               
5  4 'Structure model' citation                      
6  4 'Structure model' citation_author               
7  5 'Structure model' chem_comp_atom                
8  5 'Structure model' chem_comp_bond                
9  5 'Structure model' database_2                    
10 5 'Structure model' pdbx_initial_refinement_model 
11 5 'Structure model' pdbx_struct_conn_angle        
12 5 'Structure model' struct_conn                   
# 
loop_
_pdbx_audit_revision_item.ordinal 
_pdbx_audit_revision_item.revision_ordinal 
_pdbx_audit_revision_item.data_content_type 
_pdbx_audit_revision_item.item 
1  2 'Structure model' '_citation.country'                           
2  2 'Structure model' '_citation.journal_abbrev'                    
3  2 'Structure model' '_citation.journal_id_ASTM'                   
4  2 'Structure model' '_citation.journal_id_CSD'                    
5  2 'Structure model' '_citation.journal_id_ISSN'                   
6  2 'Structure model' '_citation.pdbx_database_id_DOI'              
7  2 'Structure model' '_citation.pdbx_database_id_PubMed'           
8  2 'Structure model' '_citation.title'                             
9  2 'Structure model' '_citation.year'                              
10 3 'Structure model' '_citation.title'                             
11 3 'Structure model' '_citation_author.identifier_ORCID'           
12 4 'Structure model' '_citation.journal_volume'                    
13 4 'Structure model' '_citation.page_first'                        
14 4 'Structure model' '_citation.page_last'                         
15 4 'Structure model' '_citation_author.identifier_ORCID'           
16 5 'Structure model' '_database_2.pdbx_DOI'                        
17 5 'Structure model' '_database_2.pdbx_database_accession'         
18 5 'Structure model' '_pdbx_struct_conn_angle.ptnr1_auth_comp_id'  
19 5 'Structure model' '_pdbx_struct_conn_angle.ptnr1_auth_seq_id'   
20 5 'Structure model' '_pdbx_struct_conn_angle.ptnr1_label_atom_id' 
21 5 'Structure model' '_pdbx_struct_conn_angle.ptnr1_label_comp_id' 
22 5 'Structure model' '_pdbx_struct_conn_angle.ptnr1_label_seq_id'  
23 5 'Structure model' '_pdbx_struct_conn_angle.ptnr3_auth_comp_id'  
24 5 'Structure model' '_pdbx_struct_conn_angle.ptnr3_auth_seq_id'   
25 5 'Structure model' '_pdbx_struct_conn_angle.ptnr3_label_atom_id' 
26 5 'Structure model' '_pdbx_struct_conn_angle.ptnr3_label_comp_id' 
27 5 'Structure model' '_pdbx_struct_conn_angle.ptnr3_label_seq_id'  
28 5 'Structure model' '_pdbx_struct_conn_angle.value'               
29 5 'Structure model' '_struct_conn.pdbx_dist_value'                
30 5 'Structure model' '_struct_conn.ptnr1_auth_comp_id'             
31 5 'Structure model' '_struct_conn.ptnr1_auth_seq_id'              
32 5 'Structure model' '_struct_conn.ptnr1_label_atom_id'            
33 5 'Structure model' '_struct_conn.ptnr1_label_comp_id'            
34 5 'Structure model' '_struct_conn.ptnr1_label_seq_id'             
35 5 'Structure model' '_struct_conn.ptnr2_symmetry'                 
# 
_pdbx_refine_tls.pdbx_refine_id   'X-RAY DIFFRACTION' 
_pdbx_refine_tls.id               1 
_pdbx_refine_tls.details          ? 
_pdbx_refine_tls.method           refined 
_pdbx_refine_tls.origin_x         -0.0861 
_pdbx_refine_tls.origin_y         -0.0500 
_pdbx_refine_tls.origin_z         0.0771 
_pdbx_refine_tls.T[1][1]          0.2859 
_pdbx_refine_tls.T[2][2]          0.3205 
_pdbx_refine_tls.T[3][3]          0.2689 
_pdbx_refine_tls.T[1][2]          -0.0358 
_pdbx_refine_tls.T[1][3]          0.0109 
_pdbx_refine_tls.T[2][3]          0.0149 
_pdbx_refine_tls.L[1][1]          6.4945 
_pdbx_refine_tls.L[2][2]          6.3733 
_pdbx_refine_tls.L[3][3]          5.3721 
_pdbx_refine_tls.L[1][2]          0.0885 
_pdbx_refine_tls.L[1][3]          0.6660 
_pdbx_refine_tls.L[2][3]          0.1801 
_pdbx_refine_tls.S[1][1]          0.0354 
_pdbx_refine_tls.S[1][2]          -0.5423 
_pdbx_refine_tls.S[1][3]          0.0350 
_pdbx_refine_tls.S[2][1]          0.5627 
_pdbx_refine_tls.S[2][2]          0.2528 
_pdbx_refine_tls.S[2][3]          0.3293 
_pdbx_refine_tls.S[3][1]          0.3845 
_pdbx_refine_tls.S[3][2]          -0.1542 
_pdbx_refine_tls.S[3][3]          -0.3434 
# 
_pdbx_refine_tls_group.pdbx_refine_id      'X-RAY DIFFRACTION' 
_pdbx_refine_tls_group.id                  1 
_pdbx_refine_tls_group.refine_tls_id       1 
_pdbx_refine_tls_group.beg_auth_asym_id    ? 
_pdbx_refine_tls_group.beg_auth_seq_id     ? 
_pdbx_refine_tls_group.beg_label_asym_id   ? 
_pdbx_refine_tls_group.beg_label_seq_id    ? 
_pdbx_refine_tls_group.end_auth_asym_id    ? 
_pdbx_refine_tls_group.end_auth_seq_id     ? 
_pdbx_refine_tls_group.end_label_asym_id   ? 
_pdbx_refine_tls_group.end_label_seq_id    ? 
_pdbx_refine_tls_group.selection           ? 
_pdbx_refine_tls_group.selection_details   all 
# 
loop_
_software.citation_id 
_software.classification 
_software.compiler_name 
_software.compiler_version 
_software.contact_author 
_software.contact_author_email 
_software.date 
_software.description 
_software.dependencies 
_software.hardware 
_software.language 
_software.location 
_software.mods 
_software.name 
_software.os 
_software.os_version 
_software.type 
_software.version 
_software.pdbx_ordinal 
? refinement       ? ? ? ? ? ? ? ? ? ? ? PHENIX  ? ? ? v1.13-2998-000 1 
? 'data reduction' ? ? ? ? ? ? ? ? ? ? ? iMOSFLM ? ? ? v7.0           2 
? 'data scaling'   ? ? ? ? ? ? ? ? ? ? ? Aimless ? ? ? v7.0           3 
? phasing          ? ? ? ? ? ? ? ? ? ? ? PHASER  ? ? ? v7.0           4 
? refinement       ? ? ? ? ? ? ? ? ? ? ? REFMAC  ? ? ? v7.0           5 
# 
loop_
_pdbx_validate_symm_contact.id 
_pdbx_validate_symm_contact.PDB_model_num 
_pdbx_validate_symm_contact.auth_atom_id_1 
_pdbx_validate_symm_contact.auth_asym_id_1 
_pdbx_validate_symm_contact.auth_comp_id_1 
_pdbx_validate_symm_contact.auth_seq_id_1 
_pdbx_validate_symm_contact.PDB_ins_code_1 
_pdbx_validate_symm_contact.label_alt_id_1 
_pdbx_validate_symm_contact.site_symmetry_1 
_pdbx_validate_symm_contact.auth_atom_id_2 
_pdbx_validate_symm_contact.auth_asym_id_2 
_pdbx_validate_symm_contact.auth_comp_id_2 
_pdbx_validate_symm_contact.auth_seq_id_2 
_pdbx_validate_symm_contact.PDB_ins_code_2 
_pdbx_validate_symm_contact.label_alt_id_2 
_pdbx_validate_symm_contact.site_symmetry_2 
_pdbx_validate_symm_contact.dist 
1 1 O A HOH 224 ? ? 1_555 O A HOH 224 ? ? 6_555 2.13 
2 1 O A HOH 224 ? ? 1_555 O A HOH 226 ? ? 6_555 2.15 
# 
_pdbx_validate_torsion.id              1 
_pdbx_validate_torsion.PDB_model_num   1 
_pdbx_validate_torsion.auth_comp_id    SER 
_pdbx_validate_torsion.auth_asym_id    A 
_pdbx_validate_torsion.auth_seq_id     85 
_pdbx_validate_torsion.PDB_ins_code    ? 
_pdbx_validate_torsion.label_alt_id    ? 
_pdbx_validate_torsion.phi             -119.46 
_pdbx_validate_torsion.psi             -153.64 
# 
_pdbx_distant_solvent_atoms.id                                1 
_pdbx_distant_solvent_atoms.PDB_model_num                     1 
_pdbx_distant_solvent_atoms.auth_atom_id                      O 
_pdbx_distant_solvent_atoms.label_alt_id                      ? 
_pdbx_distant_solvent_atoms.auth_asym_id                      A 
_pdbx_distant_solvent_atoms.auth_comp_id                      HOH 
_pdbx_distant_solvent_atoms.auth_seq_id                       226 
_pdbx_distant_solvent_atoms.PDB_ins_code                      ? 
_pdbx_distant_solvent_atoms.neighbor_macromolecule_distance   6.64 
_pdbx_distant_solvent_atoms.neighbor_ligand_distance          . 
# 
loop_
_pdbx_unobs_or_zero_occ_atoms.id 
_pdbx_unobs_or_zero_occ_atoms.PDB_model_num 
_pdbx_unobs_or_zero_occ_atoms.polymer_flag 
_pdbx_unobs_or_zero_occ_atoms.occupancy_flag 
_pdbx_unobs_or_zero_occ_atoms.auth_asym_id 
_pdbx_unobs_or_zero_occ_atoms.auth_comp_id 
_pdbx_unobs_or_zero_occ_atoms.auth_seq_id 
_pdbx_unobs_or_zero_occ_atoms.PDB_ins_code 
_pdbx_unobs_or_zero_occ_atoms.auth_atom_id 
_pdbx_unobs_or_zero_occ_atoms.label_alt_id 
_pdbx_unobs_or_zero_occ_atoms.label_asym_id 
_pdbx_unobs_or_zero_occ_atoms.label_comp_id 
_pdbx_unobs_or_zero_occ_atoms.label_seq_id 
_pdbx_unobs_or_zero_occ_atoms.label_atom_id 
1  1 Y 1 A LYS 73 ? CG  ? A LYS 73 CG  
2  1 Y 1 A LYS 73 ? CD  ? A LYS 73 CD  
3  1 Y 1 A LYS 73 ? CE  ? A LYS 73 CE  
4  1 Y 1 A LYS 73 ? NZ  ? A LYS 73 NZ  
5  1 Y 1 A GLU 75 ? CG  ? A GLU 75 CG  
6  1 Y 1 A GLU 75 ? CD  ? A GLU 75 CD  
7  1 Y 1 A GLU 75 ? OE1 ? A GLU 75 OE1 
8  1 Y 1 A GLU 75 ? OE2 ? A GLU 75 OE2 
9  1 Y 1 A LYS 79 ? CG  ? A LYS 79 CG  
10 1 Y 1 A LYS 79 ? CD  ? A LYS 79 CD  
11 1 Y 1 A LYS 79 ? CE  ? A LYS 79 CE  
12 1 Y 1 A LYS 79 ? NZ  ? A LYS 79 NZ  
# 
loop_
_pdbx_unobs_or_zero_occ_residues.id 
_pdbx_unobs_or_zero_occ_residues.PDB_model_num 
_pdbx_unobs_or_zero_occ_residues.polymer_flag 
_pdbx_unobs_or_zero_occ_residues.occupancy_flag 
_pdbx_unobs_or_zero_occ_residues.auth_asym_id 
_pdbx_unobs_or_zero_occ_residues.auth_comp_id 
_pdbx_unobs_or_zero_occ_residues.auth_seq_id 
_pdbx_unobs_or_zero_occ_residues.PDB_ins_code 
_pdbx_unobs_or_zero_occ_residues.label_asym_id 
_pdbx_unobs_or_zero_occ_residues.label_comp_id 
_pdbx_unobs_or_zero_occ_residues.label_seq_id 
1 1 Y 1 A GLY 1 ? A GLY 1 
2 1 Y 1 A SER 2 ? A SER 2 
3 1 Y 1 A MET 3 ? A MET 3 
4 1 Y 1 A GLN 4 ? A GLN 4 
5 1 Y 1 A ASN 5 ? A ASN 5 
6 1 Y 1 A THR 6 ? A THR 6 
7 1 Y 1 A THR 7 ? A THR 7 
# 
loop_
_chem_comp_atom.comp_id 
_chem_comp_atom.atom_id 
_chem_comp_atom.type_symbol 
_chem_comp_atom.pdbx_aromatic_flag 
_chem_comp_atom.pdbx_stereo_config 
_chem_comp_atom.pdbx_ordinal 
ALA N    N  N N 1   
ALA CA   C  N S 2   
ALA C    C  N N 3   
ALA O    O  N N 4   
ALA CB   C  N N 5   
ALA OXT  O  N N 6   
ALA H    H  N N 7   
ALA H2   H  N N 8   
ALA HA   H  N N 9   
ALA HB1  H  N N 10  
ALA HB2  H  N N 11  
ALA HB3  H  N N 12  
ALA HXT  H  N N 13  
ARG N    N  N N 14  
ARG CA   C  N S 15  
ARG C    C  N N 16  
ARG O    O  N N 17  
ARG CB   C  N N 18  
ARG CG   C  N N 19  
ARG CD   C  N N 20  
ARG NE   N  N N 21  
ARG CZ   C  N N 22  
ARG NH1  N  N N 23  
ARG NH2  N  N N 24  
ARG OXT  O  N N 25  
ARG H    H  N N 26  
ARG H2   H  N N 27  
ARG HA   H  N N 28  
ARG HB2  H  N N 29  
ARG HB3  H  N N 30  
ARG HG2  H  N N 31  
ARG HG3  H  N N 32  
ARG HD2  H  N N 33  
ARG HD3  H  N N 34  
ARG HE   H  N N 35  
ARG HH11 H  N N 36  
ARG HH12 H  N N 37  
ARG HH21 H  N N 38  
ARG HH22 H  N N 39  
ARG HXT  H  N N 40  
ASN N    N  N N 41  
ASN CA   C  N S 42  
ASN C    C  N N 43  
ASN O    O  N N 44  
ASN CB   C  N N 45  
ASN CG   C  N N 46  
ASN OD1  O  N N 47  
ASN ND2  N  N N 48  
ASN OXT  O  N N 49  
ASN H    H  N N 50  
ASN H2   H  N N 51  
ASN HA   H  N N 52  
ASN HB2  H  N N 53  
ASN HB3  H  N N 54  
ASN HD21 H  N N 55  
ASN HD22 H  N N 56  
ASN HXT  H  N N 57  
ASP N    N  N N 58  
ASP CA   C  N S 59  
ASP C    C  N N 60  
ASP O    O  N N 61  
ASP CB   C  N N 62  
ASP CG   C  N N 63  
ASP OD1  O  N N 64  
ASP OD2  O  N N 65  
ASP OXT  O  N N 66  
ASP H    H  N N 67  
ASP H2   H  N N 68  
ASP HA   H  N N 69  
ASP HB2  H  N N 70  
ASP HB3  H  N N 71  
ASP HD2  H  N N 72  
ASP HXT  H  N N 73  
CO  CO   CO N N 74  
CYS N    N  N N 75  
CYS CA   C  N R 76  
CYS C    C  N N 77  
CYS O    O  N N 78  
CYS CB   C  N N 79  
CYS SG   S  N N 80  
CYS OXT  O  N N 81  
CYS H    H  N N 82  
CYS H2   H  N N 83  
CYS HA   H  N N 84  
CYS HB2  H  N N 85  
CYS HB3  H  N N 86  
CYS HG   H  N N 87  
CYS HXT  H  N N 88  
GLN N    N  N N 89  
GLN CA   C  N S 90  
GLN C    C  N N 91  
GLN O    O  N N 92  
GLN CB   C  N N 93  
GLN CG   C  N N 94  
GLN CD   C  N N 95  
GLN OE1  O  N N 96  
GLN NE2  N  N N 97  
GLN OXT  O  N N 98  
GLN H    H  N N 99  
GLN H2   H  N N 100 
GLN HA   H  N N 101 
GLN HB2  H  N N 102 
GLN HB3  H  N N 103 
GLN HG2  H  N N 104 
GLN HG3  H  N N 105 
GLN HE21 H  N N 106 
GLN HE22 H  N N 107 
GLN HXT  H  N N 108 
GLU N    N  N N 109 
GLU CA   C  N S 110 
GLU C    C  N N 111 
GLU O    O  N N 112 
GLU CB   C  N N 113 
GLU CG   C  N N 114 
GLU CD   C  N N 115 
GLU OE1  O  N N 116 
GLU OE2  O  N N 117 
GLU OXT  O  N N 118 
GLU H    H  N N 119 
GLU H2   H  N N 120 
GLU HA   H  N N 121 
GLU HB2  H  N N 122 
GLU HB3  H  N N 123 
GLU HG2  H  N N 124 
GLU HG3  H  N N 125 
GLU HE2  H  N N 126 
GLU HXT  H  N N 127 
GLY N    N  N N 128 
GLY CA   C  N N 129 
GLY C    C  N N 130 
GLY O    O  N N 131 
GLY OXT  O  N N 132 
GLY H    H  N N 133 
GLY H2   H  N N 134 
GLY HA2  H  N N 135 
GLY HA3  H  N N 136 
GLY HXT  H  N N 137 
HIS N    N  N N 138 
HIS CA   C  N S 139 
HIS C    C  N N 140 
HIS O    O  N N 141 
HIS CB   C  N N 142 
HIS CG   C  Y N 143 
HIS ND1  N  Y N 144 
HIS CD2  C  Y N 145 
HIS CE1  C  Y N 146 
HIS NE2  N  Y N 147 
HIS OXT  O  N N 148 
HIS H    H  N N 149 
HIS H2   H  N N 150 
HIS HA   H  N N 151 
HIS HB2  H  N N 152 
HIS HB3  H  N N 153 
HIS HD1  H  N N 154 
HIS HD2  H  N N 155 
HIS HE1  H  N N 156 
HIS HE2  H  N N 157 
HIS HXT  H  N N 158 
HOH O    O  N N 159 
HOH H1   H  N N 160 
HOH H2   H  N N 161 
ILE N    N  N N 162 
ILE CA   C  N S 163 
ILE C    C  N N 164 
ILE O    O  N N 165 
ILE CB   C  N S 166 
ILE CG1  C  N N 167 
ILE CG2  C  N N 168 
ILE CD1  C  N N 169 
ILE OXT  O  N N 170 
ILE H    H  N N 171 
ILE H2   H  N N 172 
ILE HA   H  N N 173 
ILE HB   H  N N 174 
ILE HG12 H  N N 175 
ILE HG13 H  N N 176 
ILE HG21 H  N N 177 
ILE HG22 H  N N 178 
ILE HG23 H  N N 179 
ILE HD11 H  N N 180 
ILE HD12 H  N N 181 
ILE HD13 H  N N 182 
ILE HXT  H  N N 183 
LEU N    N  N N 184 
LEU CA   C  N S 185 
LEU C    C  N N 186 
LEU O    O  N N 187 
LEU CB   C  N N 188 
LEU CG   C  N N 189 
LEU CD1  C  N N 190 
LEU CD2  C  N N 191 
LEU OXT  O  N N 192 
LEU H    H  N N 193 
LEU H2   H  N N 194 
LEU HA   H  N N 195 
LEU HB2  H  N N 196 
LEU HB3  H  N N 197 
LEU HG   H  N N 198 
LEU HD11 H  N N 199 
LEU HD12 H  N N 200 
LEU HD13 H  N N 201 
LEU HD21 H  N N 202 
LEU HD22 H  N N 203 
LEU HD23 H  N N 204 
LEU HXT  H  N N 205 
LYS N    N  N N 206 
LYS CA   C  N S 207 
LYS C    C  N N 208 
LYS O    O  N N 209 
LYS CB   C  N N 210 
LYS CG   C  N N 211 
LYS CD   C  N N 212 
LYS CE   C  N N 213 
LYS NZ   N  N N 214 
LYS OXT  O  N N 215 
LYS H    H  N N 216 
LYS H2   H  N N 217 
LYS HA   H  N N 218 
LYS HB2  H  N N 219 
LYS HB3  H  N N 220 
LYS HG2  H  N N 221 
LYS HG3  H  N N 222 
LYS HD2  H  N N 223 
LYS HD3  H  N N 224 
LYS HE2  H  N N 225 
LYS HE3  H  N N 226 
LYS HZ1  H  N N 227 
LYS HZ2  H  N N 228 
LYS HZ3  H  N N 229 
LYS HXT  H  N N 230 
MET N    N  N N 231 
MET CA   C  N S 232 
MET C    C  N N 233 
MET O    O  N N 234 
MET CB   C  N N 235 
MET CG   C  N N 236 
MET SD   S  N N 237 
MET CE   C  N N 238 
MET OXT  O  N N 239 
MET H    H  N N 240 
MET H2   H  N N 241 
MET HA   H  N N 242 
MET HB2  H  N N 243 
MET HB3  H  N N 244 
MET HG2  H  N N 245 
MET HG3  H  N N 246 
MET HE1  H  N N 247 
MET HE2  H  N N 248 
MET HE3  H  N N 249 
MET HXT  H  N N 250 
PHE N    N  N N 251 
PHE CA   C  N S 252 
PHE C    C  N N 253 
PHE O    O  N N 254 
PHE CB   C  N N 255 
PHE CG   C  Y N 256 
PHE CD1  C  Y N 257 
PHE CD2  C  Y N 258 
PHE CE1  C  Y N 259 
PHE CE2  C  Y N 260 
PHE CZ   C  Y N 261 
PHE OXT  O  N N 262 
PHE H    H  N N 263 
PHE H2   H  N N 264 
PHE HA   H  N N 265 
PHE HB2  H  N N 266 
PHE HB3  H  N N 267 
PHE HD1  H  N N 268 
PHE HD2  H  N N 269 
PHE HE1  H  N N 270 
PHE HE2  H  N N 271 
PHE HZ   H  N N 272 
PHE HXT  H  N N 273 
PRO N    N  N N 274 
PRO CA   C  N S 275 
PRO C    C  N N 276 
PRO O    O  N N 277 
PRO CB   C  N N 278 
PRO CG   C  N N 279 
PRO CD   C  N N 280 
PRO OXT  O  N N 281 
PRO H    H  N N 282 
PRO HA   H  N N 283 
PRO HB2  H  N N 284 
PRO HB3  H  N N 285 
PRO HG2  H  N N 286 
PRO HG3  H  N N 287 
PRO HD2  H  N N 288 
PRO HD3  H  N N 289 
PRO HXT  H  N N 290 
SER N    N  N N 291 
SER CA   C  N S 292 
SER C    C  N N 293 
SER O    O  N N 294 
SER CB   C  N N 295 
SER OG   O  N N 296 
SER OXT  O  N N 297 
SER H    H  N N 298 
SER H2   H  N N 299 
SER HA   H  N N 300 
SER HB2  H  N N 301 
SER HB3  H  N N 302 
SER HG   H  N N 303 
SER HXT  H  N N 304 
THR N    N  N N 305 
THR CA   C  N S 306 
THR C    C  N N 307 
THR O    O  N N 308 
THR CB   C  N R 309 
THR OG1  O  N N 310 
THR CG2  C  N N 311 
THR OXT  O  N N 312 
THR H    H  N N 313 
THR H2   H  N N 314 
THR HA   H  N N 315 
THR HB   H  N N 316 
THR HG1  H  N N 317 
THR HG21 H  N N 318 
THR HG22 H  N N 319 
THR HG23 H  N N 320 
THR HXT  H  N N 321 
TRP N    N  N N 322 
TRP CA   C  N S 323 
TRP C    C  N N 324 
TRP O    O  N N 325 
TRP CB   C  N N 326 
TRP CG   C  Y N 327 
TRP CD1  C  Y N 328 
TRP CD2  C  Y N 329 
TRP NE1  N  Y N 330 
TRP CE2  C  Y N 331 
TRP CE3  C  Y N 332 
TRP CZ2  C  Y N 333 
TRP CZ3  C  Y N 334 
TRP CH2  C  Y N 335 
TRP OXT  O  N N 336 
TRP H    H  N N 337 
TRP H2   H  N N 338 
TRP HA   H  N N 339 
TRP HB2  H  N N 340 
TRP HB3  H  N N 341 
TRP HD1  H  N N 342 
TRP HE1  H  N N 343 
TRP HE3  H  N N 344 
TRP HZ2  H  N N 345 
TRP HZ3  H  N N 346 
TRP HH2  H  N N 347 
TRP HXT  H  N N 348 
VAL N    N  N N 349 
VAL CA   C  N S 350 
VAL C    C  N N 351 
VAL O    O  N N 352 
VAL CB   C  N N 353 
VAL CG1  C  N N 354 
VAL CG2  C  N N 355 
VAL OXT  O  N N 356 
VAL H    H  N N 357 
VAL H2   H  N N 358 
VAL HA   H  N N 359 
VAL HB   H  N N 360 
VAL HG11 H  N N 361 
VAL HG12 H  N N 362 
VAL HG13 H  N N 363 
VAL HG21 H  N N 364 
VAL HG22 H  N N 365 
VAL HG23 H  N N 366 
VAL HXT  H  N N 367 
# 
loop_
_chem_comp_bond.comp_id 
_chem_comp_bond.atom_id_1 
_chem_comp_bond.atom_id_2 
_chem_comp_bond.value_order 
_chem_comp_bond.pdbx_aromatic_flag 
_chem_comp_bond.pdbx_stereo_config 
_chem_comp_bond.pdbx_ordinal 
ALA N   CA   sing N N 1   
ALA N   H    sing N N 2   
ALA N   H2   sing N N 3   
ALA CA  C    sing N N 4   
ALA CA  CB   sing N N 5   
ALA CA  HA   sing N N 6   
ALA C   O    doub N N 7   
ALA C   OXT  sing N N 8   
ALA CB  HB1  sing N N 9   
ALA CB  HB2  sing N N 10  
ALA CB  HB3  sing N N 11  
ALA OXT HXT  sing N N 12  
ARG N   CA   sing N N 13  
ARG N   H    sing N N 14  
ARG N   H2   sing N N 15  
ARG CA  C    sing N N 16  
ARG CA  CB   sing N N 17  
ARG CA  HA   sing N N 18  
ARG C   O    doub N N 19  
ARG C   OXT  sing N N 20  
ARG CB  CG   sing N N 21  
ARG CB  HB2  sing N N 22  
ARG CB  HB3  sing N N 23  
ARG CG  CD   sing N N 24  
ARG CG  HG2  sing N N 25  
ARG CG  HG3  sing N N 26  
ARG CD  NE   sing N N 27  
ARG CD  HD2  sing N N 28  
ARG CD  HD3  sing N N 29  
ARG NE  CZ   sing N N 30  
ARG NE  HE   sing N N 31  
ARG CZ  NH1  sing N N 32  
ARG CZ  NH2  doub N N 33  
ARG NH1 HH11 sing N N 34  
ARG NH1 HH12 sing N N 35  
ARG NH2 HH21 sing N N 36  
ARG NH2 HH22 sing N N 37  
ARG OXT HXT  sing N N 38  
ASN N   CA   sing N N 39  
ASN N   H    sing N N 40  
ASN N   H2   sing N N 41  
ASN CA  C    sing N N 42  
ASN CA  CB   sing N N 43  
ASN CA  HA   sing N N 44  
ASN C   O    doub N N 45  
ASN C   OXT  sing N N 46  
ASN CB  CG   sing N N 47  
ASN CB  HB2  sing N N 48  
ASN CB  HB3  sing N N 49  
ASN CG  OD1  doub N N 50  
ASN CG  ND2  sing N N 51  
ASN ND2 HD21 sing N N 52  
ASN ND2 HD22 sing N N 53  
ASN OXT HXT  sing N N 54  
ASP N   CA   sing N N 55  
ASP N   H    sing N N 56  
ASP N   H2   sing N N 57  
ASP CA  C    sing N N 58  
ASP CA  CB   sing N N 59  
ASP CA  HA   sing N N 60  
ASP C   O    doub N N 61  
ASP C   OXT  sing N N 62  
ASP CB  CG   sing N N 63  
ASP CB  HB2  sing N N 64  
ASP CB  HB3  sing N N 65  
ASP CG  OD1  doub N N 66  
ASP CG  OD2  sing N N 67  
ASP OD2 HD2  sing N N 68  
ASP OXT HXT  sing N N 69  
CYS N   CA   sing N N 70  
CYS N   H    sing N N 71  
CYS N   H2   sing N N 72  
CYS CA  C    sing N N 73  
CYS CA  CB   sing N N 74  
CYS CA  HA   sing N N 75  
CYS C   O    doub N N 76  
CYS C   OXT  sing N N 77  
CYS CB  SG   sing N N 78  
CYS CB  HB2  sing N N 79  
CYS CB  HB3  sing N N 80  
CYS SG  HG   sing N N 81  
CYS OXT HXT  sing N N 82  
GLN N   CA   sing N N 83  
GLN N   H    sing N N 84  
GLN N   H2   sing N N 85  
GLN CA  C    sing N N 86  
GLN CA  CB   sing N N 87  
GLN CA  HA   sing N N 88  
GLN C   O    doub N N 89  
GLN C   OXT  sing N N 90  
GLN CB  CG   sing N N 91  
GLN CB  HB2  sing N N 92  
GLN CB  HB3  sing N N 93  
GLN CG  CD   sing N N 94  
GLN CG  HG2  sing N N 95  
GLN CG  HG3  sing N N 96  
GLN CD  OE1  doub N N 97  
GLN CD  NE2  sing N N 98  
GLN NE2 HE21 sing N N 99  
GLN NE2 HE22 sing N N 100 
GLN OXT HXT  sing N N 101 
GLU N   CA   sing N N 102 
GLU N   H    sing N N 103 
GLU N   H2   sing N N 104 
GLU CA  C    sing N N 105 
GLU CA  CB   sing N N 106 
GLU CA  HA   sing N N 107 
GLU C   O    doub N N 108 
GLU C   OXT  sing N N 109 
GLU CB  CG   sing N N 110 
GLU CB  HB2  sing N N 111 
GLU CB  HB3  sing N N 112 
GLU CG  CD   sing N N 113 
GLU CG  HG2  sing N N 114 
GLU CG  HG3  sing N N 115 
GLU CD  OE1  doub N N 116 
GLU CD  OE2  sing N N 117 
GLU OE2 HE2  sing N N 118 
GLU OXT HXT  sing N N 119 
GLY N   CA   sing N N 120 
GLY N   H    sing N N 121 
GLY N   H2   sing N N 122 
GLY CA  C    sing N N 123 
GLY CA  HA2  sing N N 124 
GLY CA  HA3  sing N N 125 
GLY C   O    doub N N 126 
GLY C   OXT  sing N N 127 
GLY OXT HXT  sing N N 128 
HIS N   CA   sing N N 129 
HIS N   H    sing N N 130 
HIS N   H2   sing N N 131 
HIS CA  C    sing N N 132 
HIS CA  CB   sing N N 133 
HIS CA  HA   sing N N 134 
HIS C   O    doub N N 135 
HIS C   OXT  sing N N 136 
HIS CB  CG   sing N N 137 
HIS CB  HB2  sing N N 138 
HIS CB  HB3  sing N N 139 
HIS CG  ND1  sing Y N 140 
HIS CG  CD2  doub Y N 141 
HIS ND1 CE1  doub Y N 142 
HIS ND1 HD1  sing N N 143 
HIS CD2 NE2  sing Y N 144 
HIS CD2 HD2  sing N N 145 
HIS CE1 NE2  sing Y N 146 
HIS CE1 HE1  sing N N 147 
HIS NE2 HE2  sing N N 148 
HIS OXT HXT  sing N N 149 
HOH O   H1   sing N N 150 
HOH O   H2   sing N N 151 
ILE N   CA   sing N N 152 
ILE N   H    sing N N 153 
ILE N   H2   sing N N 154 
ILE CA  C    sing N N 155 
ILE CA  CB   sing N N 156 
ILE CA  HA   sing N N 157 
ILE C   O    doub N N 158 
ILE C   OXT  sing N N 159 
ILE CB  CG1  sing N N 160 
ILE CB  CG2  sing N N 161 
ILE CB  HB   sing N N 162 
ILE CG1 CD1  sing N N 163 
ILE CG1 HG12 sing N N 164 
ILE CG1 HG13 sing N N 165 
ILE CG2 HG21 sing N N 166 
ILE CG2 HG22 sing N N 167 
ILE CG2 HG23 sing N N 168 
ILE CD1 HD11 sing N N 169 
ILE CD1 HD12 sing N N 170 
ILE CD1 HD13 sing N N 171 
ILE OXT HXT  sing N N 172 
LEU N   CA   sing N N 173 
LEU N   H    sing N N 174 
LEU N   H2   sing N N 175 
LEU CA  C    sing N N 176 
LEU CA  CB   sing N N 177 
LEU CA  HA   sing N N 178 
LEU C   O    doub N N 179 
LEU C   OXT  sing N N 180 
LEU CB  CG   sing N N 181 
LEU CB  HB2  sing N N 182 
LEU CB  HB3  sing N N 183 
LEU CG  CD1  sing N N 184 
LEU CG  CD2  sing N N 185 
LEU CG  HG   sing N N 186 
LEU CD1 HD11 sing N N 187 
LEU CD1 HD12 sing N N 188 
LEU CD1 HD13 sing N N 189 
LEU CD2 HD21 sing N N 190 
LEU CD2 HD22 sing N N 191 
LEU CD2 HD23 sing N N 192 
LEU OXT HXT  sing N N 193 
LYS N   CA   sing N N 194 
LYS N   H    sing N N 195 
LYS N   H2   sing N N 196 
LYS CA  C    sing N N 197 
LYS CA  CB   sing N N 198 
LYS CA  HA   sing N N 199 
LYS C   O    doub N N 200 
LYS C   OXT  sing N N 201 
LYS CB  CG   sing N N 202 
LYS CB  HB2  sing N N 203 
LYS CB  HB3  sing N N 204 
LYS CG  CD   sing N N 205 
LYS CG  HG2  sing N N 206 
LYS CG  HG3  sing N N 207 
LYS CD  CE   sing N N 208 
LYS CD  HD2  sing N N 209 
LYS CD  HD3  sing N N 210 
LYS CE  NZ   sing N N 211 
LYS CE  HE2  sing N N 212 
LYS CE  HE3  sing N N 213 
LYS NZ  HZ1  sing N N 214 
LYS NZ  HZ2  sing N N 215 
LYS NZ  HZ3  sing N N 216 
LYS OXT HXT  sing N N 217 
MET N   CA   sing N N 218 
MET N   H    sing N N 219 
MET N   H2   sing N N 220 
MET CA  C    sing N N 221 
MET CA  CB   sing N N 222 
MET CA  HA   sing N N 223 
MET C   O    doub N N 224 
MET C   OXT  sing N N 225 
MET CB  CG   sing N N 226 
MET CB  HB2  sing N N 227 
MET CB  HB3  sing N N 228 
MET CG  SD   sing N N 229 
MET CG  HG2  sing N N 230 
MET CG  HG3  sing N N 231 
MET SD  CE   sing N N 232 
MET CE  HE1  sing N N 233 
MET CE  HE2  sing N N 234 
MET CE  HE3  sing N N 235 
MET OXT HXT  sing N N 236 
PHE N   CA   sing N N 237 
PHE N   H    sing N N 238 
PHE N   H2   sing N N 239 
PHE CA  C    sing N N 240 
PHE CA  CB   sing N N 241 
PHE CA  HA   sing N N 242 
PHE C   O    doub N N 243 
PHE C   OXT  sing N N 244 
PHE CB  CG   sing N N 245 
PHE CB  HB2  sing N N 246 
PHE CB  HB3  sing N N 247 
PHE CG  CD1  doub Y N 248 
PHE CG  CD2  sing Y N 249 
PHE CD1 CE1  sing Y N 250 
PHE CD1 HD1  sing N N 251 
PHE CD2 CE2  doub Y N 252 
PHE CD2 HD2  sing N N 253 
PHE CE1 CZ   doub Y N 254 
PHE CE1 HE1  sing N N 255 
PHE CE2 CZ   sing Y N 256 
PHE CE2 HE2  sing N N 257 
PHE CZ  HZ   sing N N 258 
PHE OXT HXT  sing N N 259 
PRO N   CA   sing N N 260 
PRO N   CD   sing N N 261 
PRO N   H    sing N N 262 
PRO CA  C    sing N N 263 
PRO CA  CB   sing N N 264 
PRO CA  HA   sing N N 265 
PRO C   O    doub N N 266 
PRO C   OXT  sing N N 267 
PRO CB  CG   sing N N 268 
PRO CB  HB2  sing N N 269 
PRO CB  HB3  sing N N 270 
PRO CG  CD   sing N N 271 
PRO CG  HG2  sing N N 272 
PRO CG  HG3  sing N N 273 
PRO CD  HD2  sing N N 274 
PRO CD  HD3  sing N N 275 
PRO OXT HXT  sing N N 276 
SER N   CA   sing N N 277 
SER N   H    sing N N 278 
SER N   H2   sing N N 279 
SER CA  C    sing N N 280 
SER CA  CB   sing N N 281 
SER CA  HA   sing N N 282 
SER C   O    doub N N 283 
SER C   OXT  sing N N 284 
SER CB  OG   sing N N 285 
SER CB  HB2  sing N N 286 
SER CB  HB3  sing N N 287 
SER OG  HG   sing N N 288 
SER OXT HXT  sing N N 289 
THR N   CA   sing N N 290 
THR N   H    sing N N 291 
THR N   H2   sing N N 292 
THR CA  C    sing N N 293 
THR CA  CB   sing N N 294 
THR CA  HA   sing N N 295 
THR C   O    doub N N 296 
THR C   OXT  sing N N 297 
THR CB  OG1  sing N N 298 
THR CB  CG2  sing N N 299 
THR CB  HB   sing N N 300 
THR OG1 HG1  sing N N 301 
THR CG2 HG21 sing N N 302 
THR CG2 HG22 sing N N 303 
THR CG2 HG23 sing N N 304 
THR OXT HXT  sing N N 305 
TRP N   CA   sing N N 306 
TRP N   H    sing N N 307 
TRP N   H2   sing N N 308 
TRP CA  C    sing N N 309 
TRP CA  CB   sing N N 310 
TRP CA  HA   sing N N 311 
TRP C   O    doub N N 312 
TRP C   OXT  sing N N 313 
TRP CB  CG   sing N N 314 
TRP CB  HB2  sing N N 315 
TRP CB  HB3  sing N N 316 
TRP CG  CD1  doub Y N 317 
TRP CG  CD2  sing Y N 318 
TRP CD1 NE1  sing Y N 319 
TRP CD1 HD1  sing N N 320 
TRP CD2 CE2  doub Y N 321 
TRP CD2 CE3  sing Y N 322 
TRP NE1 CE2  sing Y N 323 
TRP NE1 HE1  sing N N 324 
TRP CE2 CZ2  sing Y N 325 
TRP CE3 CZ3  doub Y N 326 
TRP CE3 HE3  sing N N 327 
TRP CZ2 CH2  doub Y N 328 
TRP CZ2 HZ2  sing N N 329 
TRP CZ3 CH2  sing Y N 330 
TRP CZ3 HZ3  sing N N 331 
TRP CH2 HH2  sing N N 332 
TRP OXT HXT  sing N N 333 
VAL N   CA   sing N N 334 
VAL N   H    sing N N 335 
VAL N   H2   sing N N 336 
VAL CA  C    sing N N 337 
VAL CA  CB   sing N N 338 
VAL CA  HA   sing N N 339 
VAL C   O    doub N N 340 
VAL C   OXT  sing N N 341 
VAL CB  CG1  sing N N 342 
VAL CB  CG2  sing N N 343 
VAL CB  HB   sing N N 344 
VAL CG1 HG11 sing N N 345 
VAL CG1 HG12 sing N N 346 
VAL CG1 HG13 sing N N 347 
VAL CG2 HG21 sing N N 348 
VAL CG2 HG22 sing N N 349 
VAL CG2 HG23 sing N N 350 
VAL OXT HXT  sing N N 351 
# 
_pdbx_audit_support.funding_organization   ? 
_pdbx_audit_support.country                India 
_pdbx_audit_support.grant_number           DSTO1544 
_pdbx_audit_support.ordinal                1 
# 
loop_
_pdbx_entity_nonpoly.entity_id 
_pdbx_entity_nonpoly.name 
_pdbx_entity_nonpoly.comp_id 
2 ISOLEUCINE        ILE 
3 'COBALT (II) ION' CO  
4 water             HOH 
# 
_pdbx_initial_refinement_model.id               1 
_pdbx_initial_refinement_model.entity_id_list   ? 
_pdbx_initial_refinement_model.type             'experimental model' 
_pdbx_initial_refinement_model.source_name      PDB 
_pdbx_initial_refinement_model.accession_code   2LVW 
_pdbx_initial_refinement_model.details          ? 
# 
_pdbx_struct_assembly_auth_evidence.id                     1 
_pdbx_struct_assembly_auth_evidence.assembly_id            1 
_pdbx_struct_assembly_auth_evidence.experimental_support   'gel filtration' 
_pdbx_struct_assembly_auth_evidence.details                
;Solution NMR studies and sedimentation velocity analytical ultracentrifugation experiments indicate the presence of dimer in solution.
;
# 
